data_4G3M
#
_entry.id   4G3M
#
_cell.length_a   88.014
_cell.length_b   109.190
_cell.length_c   189.472
_cell.angle_alpha   90.00
_cell.angle_beta   90.00
_cell.angle_gamma   90.00
#
_symmetry.space_group_name_H-M   'P 21 21 21'
#
loop_
_entity.id
_entity.type
_entity.pdbx_description
1 polymer 'Riboflavin biosynthesis protein RibD'
2 non-polymer 'ZINC ION'
3 non-polymer '[(2R,3S,4S,5E)-5-[[5-azanyl-2,4-bis(oxidanylidene)-1H-pyrimidin-6-yl]imino]-2,3,4-tris(oxidanyl)pentyl] dihydrogen phosphate'
4 non-polymer N-(5-amino-2,6-dioxo-1,2,3,6-tetrahydropyrimidin-4-yl)-5-O-phosphono-beta-D-ribofuranosylamine
5 water water
#
_entity_poly.entity_id   1
_entity_poly.type   'polypeptide(L)'
_entity_poly.pdbx_seq_one_letter_code
;MRGSHHHHHHGSMEEYYMKLALDLAKQGEGQTESNPLVGAVVVKDGQIVGMGAHLKYGEAHAEVHAIHMAGAHAEGADIY
VTLEPCSHYGKTPPCAELIINSGIKRVFVAMRDPNPLVAGRGISMMKEAGIEVREGILADQAERLNEKFLHFMRTGLPYV
TLKAAASLDGKIATSTGDSKWITSEAARQDAQQYRKTHQSILVGVGTVKADNPSLTCRLPNVTKQPVRVILDTVLSIPED
AKVICDQIAPTWIFTTARADEEKKKRLSAFGVNIFTLETERIQIPDVLKILAEEGIMSVYVEGGSAVHGSFVKEGCFQEI
IFYFAPKLIGGTHAPSLISGEGFQSMKDVPLLQFTDITQIGRDIKLTAKPTKE
;
_entity_poly.pdbx_strand_id   A,B,C,D
#
# COMPACT_ATOMS: atom_id res chain seq x y z
N SER A 12 9.08 -20.96 -5.29
CA SER A 12 10.27 -21.70 -5.79
C SER A 12 11.35 -21.86 -4.71
N MET A 13 11.65 -23.11 -4.35
CA MET A 13 12.66 -23.36 -3.35
C MET A 13 14.05 -22.98 -3.87
N GLU A 14 14.28 -23.14 -5.17
CA GLU A 14 15.58 -22.77 -5.75
C GLU A 14 15.89 -21.34 -5.35
N GLU A 15 14.96 -20.44 -5.67
CA GLU A 15 15.14 -19.04 -5.34
C GLU A 15 15.21 -18.80 -3.84
N TYR A 16 14.53 -19.61 -3.05
CA TYR A 16 14.57 -19.42 -1.60
C TYR A 16 15.99 -19.65 -1.09
N TYR A 17 16.61 -20.72 -1.56
CA TYR A 17 17.96 -21.08 -1.15
C TYR A 17 19.00 -20.07 -1.66
N MET A 18 18.84 -19.59 -2.90
CA MET A 18 19.80 -18.61 -3.39
C MET A 18 19.65 -17.30 -2.62
N LYS A 19 18.41 -16.94 -2.29
CA LYS A 19 18.14 -15.71 -1.55
C LYS A 19 18.79 -15.80 -0.17
N LEU A 20 18.72 -17.00 0.41
CA LEU A 20 19.34 -17.22 1.72
C LEU A 20 20.85 -17.07 1.55
N ALA A 21 21.38 -17.59 0.45
CA ALA A 21 22.82 -17.49 0.21
C ALA A 21 23.18 -16.03 0.02
N LEU A 22 22.31 -15.29 -0.67
CA LEU A 22 22.53 -13.87 -0.88
C LEU A 22 22.53 -13.11 0.44
N ASP A 23 21.55 -13.41 1.29
CA ASP A 23 21.47 -12.72 2.58
C ASP A 23 22.62 -13.08 3.50
N LEU A 24 23.16 -14.28 3.30
CA LEU A 24 24.28 -14.70 4.11
C LEU A 24 25.52 -13.94 3.65
N ALA A 25 25.62 -13.68 2.35
CA ALA A 25 26.77 -12.96 1.81
C ALA A 25 26.89 -11.55 2.40
N LYS A 26 25.75 -10.90 2.60
CA LYS A 26 25.72 -9.55 3.16
C LYS A 26 26.39 -9.42 4.52
N GLN A 27 26.30 -10.47 5.35
CA GLN A 27 26.89 -10.42 6.69
C GLN A 27 28.36 -10.06 6.67
N GLY A 28 29.01 -10.27 5.53
CA GLY A 28 30.42 -9.97 5.40
C GLY A 28 30.75 -8.58 4.89
N GLU A 29 29.73 -7.73 4.72
CA GLU A 29 29.95 -6.38 4.20
C GLU A 29 30.97 -5.57 5.00
N GLY A 30 31.94 -5.01 4.29
CA GLY A 30 32.98 -4.21 4.89
C GLY A 30 34.05 -5.01 5.62
N GLN A 31 33.94 -6.33 5.62
CA GLN A 31 34.91 -7.16 6.32
C GLN A 31 35.79 -7.97 5.38
N THR A 32 35.63 -7.77 4.09
CA THR A 32 36.37 -8.57 3.13
C THR A 32 37.44 -7.88 2.28
N GLU A 33 37.63 -6.57 2.49
CA GLU A 33 38.63 -5.85 1.73
C GLU A 33 38.38 -5.99 0.23
N SER A 34 39.38 -6.46 -0.51
CA SER A 34 39.26 -6.62 -1.97
C SER A 34 38.52 -7.87 -2.40
N ASN A 35 38.21 -8.75 -1.46
CA ASN A 35 37.49 -9.96 -1.79
C ASN A 35 36.00 -9.64 -1.91
N PRO A 36 35.30 -10.30 -2.85
CA PRO A 36 33.87 -10.06 -3.04
C PRO A 36 33.02 -10.79 -1.99
N LEU A 37 31.80 -10.30 -1.78
CA LEU A 37 30.90 -10.94 -0.84
C LEU A 37 30.31 -12.18 -1.51
N VAL A 38 30.28 -13.29 -0.77
CA VAL A 38 29.74 -14.53 -1.31
C VAL A 38 29.02 -15.37 -0.27
N GLY A 39 27.86 -15.90 -0.67
CA GLY A 39 27.07 -16.73 0.22
C GLY A 39 26.94 -18.16 -0.32
N ALA A 40 26.69 -19.12 0.56
CA ALA A 40 26.55 -20.51 0.15
C ALA A 40 25.70 -21.33 1.11
N VAL A 41 24.82 -22.16 0.56
CA VAL A 41 23.99 -23.01 1.41
C VAL A 41 23.87 -24.42 0.84
N VAL A 42 24.15 -25.39 1.69
CA VAL A 42 24.11 -26.79 1.32
C VAL A 42 22.79 -27.41 1.76
N VAL A 43 22.07 -28.00 0.81
CA VAL A 43 20.77 -28.60 1.06
C VAL A 43 20.80 -30.11 0.81
N LYS A 44 20.29 -30.88 1.78
CA LYS A 44 20.24 -32.32 1.64
C LYS A 44 18.88 -32.88 2.03
N ASP A 45 18.31 -33.70 1.15
CA ASP A 45 17.00 -34.28 1.37
C ASP A 45 16.02 -33.23 1.83
N GLY A 46 15.96 -32.13 1.08
CA GLY A 46 15.06 -31.04 1.39
C GLY A 46 15.37 -30.23 2.63
N GLN A 47 16.53 -30.49 3.26
CA GLN A 47 16.91 -29.77 4.47
C GLN A 47 18.19 -28.94 4.35
N ILE A 48 18.18 -27.77 4.98
CA ILE A 48 19.34 -26.87 5.00
C ILE A 48 20.30 -27.46 6.02
N VAL A 49 21.43 -27.99 5.56
CA VAL A 49 22.42 -28.60 6.45
C VAL A 49 23.69 -27.78 6.59
N GLY A 50 23.89 -26.84 5.68
CA GLY A 50 25.09 -26.02 5.75
C GLY A 50 24.88 -24.62 5.25
N MET A 51 25.47 -23.66 5.94
CA MET A 51 25.38 -22.26 5.55
C MET A 51 26.77 -21.65 5.69
N GLY A 52 27.07 -20.69 4.82
CA GLY A 52 28.36 -20.03 4.87
C GLY A 52 28.44 -18.75 4.07
N ALA A 53 29.36 -17.88 4.47
CA ALA A 53 29.59 -16.61 3.78
C ALA A 53 31.04 -16.22 4.00
N HIS A 54 31.60 -15.49 3.06
CA HIS A 54 32.98 -15.04 3.21
C HIS A 54 32.91 -13.87 4.20
N LEU A 55 33.56 -14.03 5.36
CA LEU A 55 33.52 -13.02 6.41
C LEU A 55 34.81 -12.22 6.68
N LYS A 56 35.97 -12.81 6.45
CA LYS A 56 37.24 -12.13 6.70
C LYS A 56 38.18 -12.18 5.49
N TYR A 57 38.79 -11.04 5.17
CA TYR A 57 39.72 -11.03 4.05
C TYR A 57 40.78 -12.10 4.28
N GLY A 58 41.23 -12.73 3.20
CA GLY A 58 42.23 -13.75 3.31
C GLY A 58 41.87 -14.99 4.10
N GLU A 59 40.59 -15.15 4.45
CA GLU A 59 40.19 -16.33 5.20
C GLU A 59 39.20 -17.17 4.41
N ALA A 60 38.78 -18.29 4.97
CA ALA A 60 37.85 -19.22 4.32
C ALA A 60 36.76 -18.62 3.46
N HIS A 61 36.58 -19.19 2.28
CA HIS A 61 35.53 -18.78 1.34
C HIS A 61 34.21 -19.39 1.82
N ALA A 62 33.10 -18.86 1.33
CA ALA A 62 31.78 -19.34 1.74
C ALA A 62 31.62 -20.86 1.60
N GLU A 63 31.98 -21.39 0.43
CA GLU A 63 31.84 -22.82 0.18
C GLU A 63 32.51 -23.67 1.27
N VAL A 64 33.60 -23.15 1.84
CA VAL A 64 34.35 -23.84 2.88
C VAL A 64 33.63 -23.91 4.23
N HIS A 65 32.95 -22.84 4.61
CA HIS A 65 32.22 -22.85 5.87
C HIS A 65 31.00 -23.74 5.77
N ALA A 66 30.26 -23.54 4.68
CA ALA A 66 29.03 -24.28 4.41
C ALA A 66 29.29 -25.78 4.36
N ILE A 67 30.21 -26.17 3.49
CA ILE A 67 30.54 -27.57 3.34
C ILE A 67 31.06 -28.18 4.64
N HIS A 68 31.88 -27.45 5.37
CA HIS A 68 32.37 -28.01 6.63
C HIS A 68 31.25 -28.21 7.64
N MET A 69 30.26 -27.32 7.62
CA MET A 69 29.12 -27.40 8.52
C MET A 69 28.23 -28.58 8.12
N ALA A 70 28.05 -28.75 6.81
CA ALA A 70 27.21 -29.82 6.31
C ALA A 70 27.72 -31.17 6.80
N GLY A 71 29.02 -31.24 7.08
CA GLY A 71 29.60 -32.48 7.54
C GLY A 71 29.26 -33.62 6.59
N ALA A 72 28.95 -34.79 7.14
CA ALA A 72 28.62 -35.96 6.34
C ALA A 72 27.47 -35.72 5.35
N HIS A 73 26.52 -34.87 5.73
CA HIS A 73 25.37 -34.56 4.90
C HIS A 73 25.69 -34.02 3.52
N ALA A 74 26.92 -33.55 3.33
CA ALA A 74 27.35 -32.99 2.04
C ALA A 74 27.28 -33.99 0.89
N GLU A 75 27.44 -35.27 1.22
CA GLU A 75 27.39 -36.31 0.20
C GLU A 75 25.99 -36.42 -0.41
N GLY A 76 25.92 -36.25 -1.73
CA GLY A 76 24.65 -36.32 -2.42
C GLY A 76 23.84 -35.05 -2.33
N ALA A 77 24.32 -34.09 -1.54
CA ALA A 77 23.66 -32.82 -1.33
C ALA A 77 23.67 -31.83 -2.50
N ASP A 78 23.02 -30.70 -2.27
CA ASP A 78 22.94 -29.61 -3.25
C ASP A 78 23.57 -28.39 -2.62
N ILE A 79 24.22 -27.56 -3.42
CA ILE A 79 24.81 -26.36 -2.86
C ILE A 79 24.43 -25.17 -3.71
N TYR A 80 24.11 -24.06 -3.05
CA TYR A 80 23.76 -22.85 -3.78
C TYR A 80 24.85 -21.86 -3.48
N VAL A 81 25.41 -21.29 -4.53
CA VAL A 81 26.48 -20.33 -4.41
C VAL A 81 26.19 -19.08 -5.24
N THR A 82 26.41 -17.92 -4.64
CA THR A 82 26.14 -16.66 -5.33
C THR A 82 27.18 -16.33 -6.40
N LEU A 83 28.38 -16.88 -6.28
CA LEU A 83 29.42 -16.64 -7.28
C LEU A 83 30.13 -17.93 -7.67
N GLU A 84 30.61 -17.98 -8.91
CA GLU A 84 31.29 -19.17 -9.40
C GLU A 84 32.40 -19.60 -8.43
N PRO A 85 32.33 -20.84 -7.95
CA PRO A 85 33.37 -21.30 -7.02
C PRO A 85 34.77 -21.20 -7.61
N CYS A 86 35.71 -20.59 -6.88
CA CYS A 86 37.07 -20.46 -7.40
C CYS A 86 37.58 -21.81 -7.93
N SER A 87 38.50 -21.74 -8.90
CA SER A 87 39.06 -22.91 -9.55
C SER A 87 40.58 -22.91 -9.75
N HIS A 88 41.28 -21.97 -9.13
CA HIS A 88 42.73 -21.93 -9.29
C HIS A 88 43.40 -22.69 -8.16
N TYR A 89 44.66 -23.07 -8.37
CA TYR A 89 45.39 -23.82 -7.35
C TYR A 89 46.42 -22.97 -6.59
N GLY A 90 46.00 -22.49 -5.42
CA GLY A 90 46.86 -21.69 -4.58
C GLY A 90 47.34 -22.53 -3.41
N LYS A 91 47.59 -21.88 -2.28
CA LYS A 91 48.06 -22.60 -1.11
C LYS A 91 47.12 -23.76 -0.80
N THR A 92 45.83 -23.53 -0.95
CA THR A 92 44.84 -24.57 -0.69
C THR A 92 43.99 -24.88 -1.91
N PRO A 93 43.37 -26.06 -1.95
CA PRO A 93 42.52 -26.47 -3.06
C PRO A 93 41.43 -25.45 -3.34
N PRO A 94 41.10 -25.26 -4.63
CA PRO A 94 40.05 -24.30 -4.97
C PRO A 94 38.69 -24.79 -4.46
N CYS A 95 37.76 -23.86 -4.32
CA CYS A 95 36.45 -24.22 -3.83
C CYS A 95 35.72 -25.23 -4.74
N ALA A 96 35.94 -25.16 -6.05
CA ALA A 96 35.29 -26.10 -6.97
C ALA A 96 35.77 -27.52 -6.69
N GLU A 97 37.03 -27.65 -6.31
CA GLU A 97 37.61 -28.97 -6.00
C GLU A 97 36.99 -29.47 -4.70
N LEU A 98 36.84 -28.56 -3.73
CA LEU A 98 36.24 -28.87 -2.42
C LEU A 98 34.88 -29.55 -2.61
N ILE A 99 34.05 -28.89 -3.43
CA ILE A 99 32.72 -29.34 -3.77
C ILE A 99 32.74 -30.74 -4.40
N ILE A 100 33.64 -30.94 -5.34
CA ILE A 100 33.78 -32.23 -6.00
C ILE A 100 34.10 -33.31 -4.98
N ASN A 101 35.02 -33.02 -4.07
CA ASN A 101 35.42 -33.98 -3.06
C ASN A 101 34.31 -34.32 -2.08
N SER A 102 33.61 -33.29 -1.61
CA SER A 102 32.54 -33.47 -0.63
C SER A 102 31.42 -34.42 -1.08
N GLY A 103 31.27 -34.60 -2.39
CA GLY A 103 30.25 -35.51 -2.88
C GLY A 103 28.95 -34.85 -3.27
N ILE A 104 28.97 -33.53 -3.37
CA ILE A 104 27.78 -32.77 -3.77
C ILE A 104 27.42 -33.15 -5.21
N LYS A 105 26.13 -33.40 -5.47
CA LYS A 105 25.74 -33.78 -6.83
C LYS A 105 25.18 -32.68 -7.70
N ARG A 106 24.77 -31.56 -7.11
CA ARG A 106 24.22 -30.45 -7.91
C ARG A 106 24.66 -29.07 -7.41
N VAL A 107 25.06 -28.22 -8.34
CA VAL A 107 25.48 -26.86 -7.99
C VAL A 107 24.65 -25.77 -8.68
N PHE A 108 24.23 -24.79 -7.90
CA PHE A 108 23.44 -23.67 -8.40
C PHE A 108 24.26 -22.40 -8.24
N VAL A 109 24.73 -21.87 -9.36
CA VAL A 109 25.55 -20.66 -9.35
C VAL A 109 24.76 -19.47 -9.87
N ALA A 110 24.73 -18.39 -9.09
CA ALA A 110 24.01 -17.20 -9.49
C ALA A 110 24.66 -16.54 -10.70
N MET A 111 25.97 -16.40 -10.66
CA MET A 111 26.71 -15.78 -11.75
C MET A 111 28.16 -16.27 -11.88
N ARG A 112 28.76 -16.04 -13.04
CA ARG A 112 30.13 -16.48 -13.27
C ARG A 112 31.17 -15.44 -12.83
N ASP A 113 32.41 -15.90 -12.66
CA ASP A 113 33.50 -15.01 -12.27
C ASP A 113 33.59 -13.84 -13.26
N PRO A 114 33.85 -12.63 -12.74
CA PRO A 114 33.95 -11.45 -13.61
C PRO A 114 35.17 -11.45 -14.53
N ASN A 115 36.28 -12.00 -14.04
CA ASN A 115 37.49 -12.06 -14.84
C ASN A 115 37.24 -12.93 -16.07
N PRO A 116 37.33 -12.35 -17.27
CA PRO A 116 37.09 -13.08 -18.51
C PRO A 116 37.91 -14.37 -18.64
N LEU A 117 39.08 -14.38 -17.99
CA LEU A 117 39.99 -15.50 -18.03
C LEU A 117 39.66 -16.66 -17.08
N VAL A 118 38.73 -16.41 -16.15
CA VAL A 118 38.34 -17.43 -15.19
C VAL A 118 36.88 -17.86 -15.39
N ALA A 119 36.08 -16.94 -15.88
CA ALA A 119 34.66 -17.19 -16.14
C ALA A 119 34.44 -18.56 -16.77
N GLY A 120 33.57 -19.35 -16.15
CA GLY A 120 33.26 -20.68 -16.65
C GLY A 120 34.24 -21.75 -16.24
N ARG A 121 35.39 -21.37 -15.73
CA ARG A 121 36.41 -22.34 -15.33
C ARG A 121 35.94 -23.28 -14.21
N GLY A 122 35.33 -22.72 -13.16
CA GLY A 122 34.86 -23.55 -12.07
C GLY A 122 33.68 -24.43 -12.50
N ILE A 123 32.82 -23.87 -13.35
CA ILE A 123 31.66 -24.60 -13.84
C ILE A 123 32.09 -25.91 -14.50
N SER A 124 32.89 -25.80 -15.57
CA SER A 124 33.35 -26.96 -16.32
C SER A 124 34.14 -27.92 -15.45
N MET A 125 34.85 -27.38 -14.47
CA MET A 125 35.63 -28.21 -13.58
C MET A 125 34.66 -29.14 -12.86
N MET A 126 33.54 -28.59 -12.38
CA MET A 126 32.54 -29.39 -11.66
C MET A 126 31.72 -30.34 -12.53
N LYS A 127 31.37 -29.91 -13.74
CA LYS A 127 30.60 -30.76 -14.64
C LYS A 127 31.45 -31.96 -15.00
N GLU A 128 32.72 -31.71 -15.25
CA GLU A 128 33.64 -32.76 -15.60
C GLU A 128 33.73 -33.86 -14.54
N ALA A 129 33.28 -33.57 -13.33
CA ALA A 129 33.31 -34.58 -12.27
C ALA A 129 31.91 -35.19 -12.13
N GLY A 130 31.05 -34.94 -13.13
CA GLY A 130 29.71 -35.50 -13.12
C GLY A 130 28.69 -34.77 -12.27
N ILE A 131 29.04 -33.57 -11.81
CA ILE A 131 28.15 -32.76 -11.00
C ILE A 131 27.28 -31.93 -11.93
N GLU A 132 26.01 -31.80 -11.56
CA GLU A 132 25.06 -31.02 -12.34
C GLU A 132 25.18 -29.56 -11.93
N VAL A 133 25.37 -28.69 -12.91
CA VAL A 133 25.52 -27.26 -12.62
C VAL A 133 24.52 -26.36 -13.31
N ARG A 134 23.76 -25.62 -12.50
CA ARG A 134 22.76 -24.69 -12.99
C ARG A 134 23.13 -23.24 -12.68
N GLU A 135 23.02 -22.38 -13.68
CA GLU A 135 23.38 -20.98 -13.52
C GLU A 135 22.21 -20.02 -13.72
N GLY A 136 22.43 -18.78 -13.29
CA GLY A 136 21.42 -17.75 -13.49
C GLY A 136 20.47 -17.38 -12.38
N ILE A 137 20.21 -18.30 -11.44
CA ILE A 137 19.28 -18.00 -10.37
C ILE A 137 19.62 -16.77 -9.53
N LEU A 138 18.83 -15.72 -9.72
CA LEU A 138 18.98 -14.44 -9.04
C LEU A 138 20.28 -13.75 -9.38
N ALA A 139 20.63 -13.80 -10.66
CA ALA A 139 21.85 -13.18 -11.15
C ALA A 139 21.85 -11.68 -10.86
N ASP A 140 20.74 -11.02 -11.16
CA ASP A 140 20.60 -9.58 -10.95
C ASP A 140 20.96 -9.16 -9.54
N GLN A 141 20.43 -9.88 -8.55
CA GLN A 141 20.72 -9.60 -7.16
C GLN A 141 22.16 -9.90 -6.82
N ALA A 142 22.68 -11.01 -7.33
CA ALA A 142 24.06 -11.40 -7.10
C ALA A 142 24.93 -10.32 -7.73
N GLU A 143 24.41 -9.71 -8.78
CA GLU A 143 25.12 -8.66 -9.48
C GLU A 143 25.15 -7.42 -8.60
N ARG A 144 24.01 -7.07 -8.01
CA ARG A 144 23.93 -5.89 -7.15
C ARG A 144 24.85 -6.03 -5.95
N LEU A 145 24.83 -7.21 -5.35
CA LEU A 145 25.65 -7.49 -4.18
C LEU A 145 27.11 -7.02 -4.28
N ASN A 146 27.74 -7.22 -5.44
CA ASN A 146 29.13 -6.81 -5.63
C ASN A 146 29.36 -5.73 -6.71
N GLU A 147 28.31 -4.99 -7.07
CA GLU A 147 28.38 -3.94 -8.10
C GLU A 147 29.74 -3.29 -8.32
N LYS A 148 30.24 -2.63 -7.30
CA LYS A 148 31.50 -1.94 -7.38
C LYS A 148 32.65 -2.91 -7.69
N PHE A 149 32.70 -4.02 -6.95
CA PHE A 149 33.72 -5.01 -7.18
C PHE A 149 33.65 -5.52 -8.61
N LEU A 150 32.44 -5.85 -9.06
CA LEU A 150 32.27 -6.35 -10.41
C LEU A 150 32.77 -5.35 -11.44
N HIS A 151 32.44 -4.08 -11.27
CA HIS A 151 32.87 -3.07 -12.23
C HIS A 151 34.39 -2.99 -12.28
N PHE A 152 35.01 -2.92 -11.11
CA PHE A 152 36.46 -2.83 -11.03
C PHE A 152 37.12 -3.99 -11.77
N MET A 153 36.62 -5.21 -11.51
CA MET A 153 37.14 -6.42 -12.14
C MET A 153 36.90 -6.45 -13.65
N ARG A 154 35.77 -5.93 -14.09
CA ARG A 154 35.48 -5.96 -15.51
C ARG A 154 36.14 -4.87 -16.36
N THR A 155 36.24 -3.66 -15.81
CA THR A 155 36.82 -2.55 -16.55
C THR A 155 38.25 -2.20 -16.16
N GLY A 156 38.69 -2.63 -14.98
CA GLY A 156 40.05 -2.32 -14.57
C GLY A 156 40.21 -0.95 -13.93
N LEU A 157 39.11 -0.20 -13.81
CA LEU A 157 39.12 1.12 -13.19
C LEU A 157 38.14 1.12 -12.00
N PRO A 158 38.30 2.08 -11.06
CA PRO A 158 37.39 2.12 -9.91
C PRO A 158 35.98 2.50 -10.32
N TYR A 159 35.00 2.10 -9.50
CA TYR A 159 33.62 2.43 -9.74
C TYR A 159 33.51 3.86 -9.23
N VAL A 160 32.97 4.76 -10.03
CA VAL A 160 32.89 6.16 -9.61
C VAL A 160 31.50 6.74 -9.42
N THR A 161 31.30 7.37 -8.26
CA THR A 161 30.03 8.02 -7.94
C THR A 161 30.34 9.52 -7.78
N LEU A 162 29.64 10.36 -8.52
CA LEU A 162 29.83 11.80 -8.38
C LEU A 162 28.67 12.27 -7.52
N LYS A 163 28.96 13.10 -6.53
CA LYS A 163 27.90 13.59 -5.65
C LYS A 163 27.97 15.10 -5.54
N ALA A 164 26.82 15.76 -5.53
CA ALA A 164 26.81 17.22 -5.41
C ALA A 164 25.53 17.73 -4.76
N ALA A 165 25.68 18.76 -3.95
CA ALA A 165 24.57 19.38 -3.26
C ALA A 165 24.42 20.76 -3.91
N ALA A 166 23.18 21.18 -4.13
CA ALA A 166 22.97 22.46 -4.76
C ALA A 166 21.58 23.01 -4.52
N SER A 167 21.44 24.31 -4.78
CA SER A 167 20.18 25.00 -4.66
C SER A 167 19.32 24.49 -5.81
N LEU A 168 18.02 24.71 -5.73
CA LEU A 168 17.09 24.25 -6.76
C LEU A 168 17.41 24.79 -8.16
N ASP A 169 18.21 25.84 -8.25
CA ASP A 169 18.53 26.39 -9.55
C ASP A 169 19.93 26.06 -10.08
N GLY A 170 20.58 25.09 -9.44
CA GLY A 170 21.88 24.65 -9.89
C GLY A 170 23.12 25.33 -9.32
N LYS A 171 22.99 25.99 -8.19
CA LYS A 171 24.12 26.67 -7.59
C LYS A 171 24.70 25.90 -6.40
N ILE A 172 26.02 25.76 -6.36
CA ILE A 172 26.65 25.05 -5.25
C ILE A 172 27.16 26.01 -4.18
N ALA A 173 26.87 27.29 -4.36
CA ALA A 173 27.25 28.35 -3.43
C ALA A 173 26.77 29.68 -3.97
N THR A 174 26.73 30.71 -3.12
CA THR A 174 26.31 32.03 -3.58
C THR A 174 27.46 32.65 -4.37
N SER A 175 27.28 33.86 -4.88
CA SER A 175 28.34 34.53 -5.66
C SER A 175 29.53 34.94 -4.81
N THR A 176 29.41 34.86 -3.49
CA THR A 176 30.51 35.21 -2.60
C THR A 176 31.22 33.96 -2.10
N GLY A 177 30.79 32.79 -2.59
CA GLY A 177 31.40 31.54 -2.17
C GLY A 177 30.76 30.94 -0.95
N ASP A 178 29.81 31.64 -0.34
CA ASP A 178 29.12 31.14 0.85
C ASP A 178 28.29 29.92 0.43
N SER A 179 28.52 28.80 1.11
CA SER A 179 27.81 27.57 0.78
C SER A 179 27.52 26.77 2.03
N LYS A 180 28.02 27.24 3.16
CA LYS A 180 27.79 26.48 4.37
C LYS A 180 26.32 26.22 4.60
N TRP A 181 25.96 25.01 4.16
CA TRP A 181 24.64 24.43 4.27
C TRP A 181 23.56 24.95 3.35
N ILE A 182 23.52 24.34 2.18
CA ILE A 182 22.55 24.60 1.15
C ILE A 182 21.54 23.49 1.41
N THR A 183 22.02 22.28 1.67
CA THR A 183 21.11 21.19 1.96
C THR A 183 21.04 20.94 3.48
N SER A 184 19.98 20.24 3.89
CA SER A 184 19.70 19.94 5.29
C SER A 184 20.55 18.89 5.98
N GLU A 185 20.50 18.94 7.31
CA GLU A 185 21.24 18.01 8.15
C GLU A 185 20.92 16.56 7.72
N ALA A 186 19.64 16.29 7.46
CA ALA A 186 19.20 14.96 7.05
C ALA A 186 19.84 14.58 5.73
N ALA A 187 19.91 15.53 4.81
CA ALA A 187 20.50 15.27 3.49
C ALA A 187 22.01 15.01 3.61
N ARG A 188 22.70 15.78 4.43
CA ARG A 188 24.11 15.57 4.58
C ARG A 188 24.37 14.25 5.29
N GLN A 189 23.51 13.89 6.23
CA GLN A 189 23.67 12.64 6.96
C GLN A 189 23.48 11.46 5.99
N ASP A 190 22.54 11.58 5.08
CA ASP A 190 22.29 10.53 4.09
C ASP A 190 23.53 10.33 3.22
N ALA A 191 24.10 11.43 2.73
CA ALA A 191 25.31 11.43 1.89
C ALA A 191 26.48 10.74 2.60
N GLN A 192 26.46 10.78 3.92
CA GLN A 192 27.50 10.18 4.72
C GLN A 192 27.60 8.68 4.41
N GLN A 193 26.49 8.10 3.98
CA GLN A 193 26.43 6.67 3.66
C GLN A 193 27.45 6.25 2.60
N TYR A 194 27.63 7.09 1.59
CA TYR A 194 28.54 6.81 0.50
C TYR A 194 29.98 6.84 0.95
N ARG A 195 30.23 7.36 2.14
CA ARG A 195 31.60 7.39 2.64
C ARG A 195 31.90 6.01 3.21
N LYS A 196 30.85 5.26 3.51
CA LYS A 196 30.99 3.91 4.03
C LYS A 196 31.09 2.91 2.89
N THR A 197 30.34 3.14 1.81
CA THR A 197 30.35 2.23 0.67
C THR A 197 31.44 2.40 -0.38
N HIS A 198 32.31 3.40 -0.24
CA HIS A 198 33.40 3.59 -1.21
C HIS A 198 34.74 3.53 -0.49
N GLN A 199 35.75 3.05 -1.19
CA GLN A 199 37.08 2.93 -0.60
C GLN A 199 37.90 4.22 -0.54
N SER A 200 37.46 5.23 -1.28
CA SER A 200 38.17 6.50 -1.30
C SER A 200 37.22 7.69 -1.49
N ILE A 201 37.54 8.84 -0.92
CA ILE A 201 36.71 10.00 -1.14
C ILE A 201 37.61 11.04 -1.80
N LEU A 202 37.14 11.66 -2.88
CA LEU A 202 37.95 12.60 -3.64
C LEU A 202 37.46 14.06 -3.81
N VAL A 203 38.41 14.99 -3.83
CA VAL A 203 38.14 16.43 -4.01
C VAL A 203 39.37 17.15 -4.55
N GLY A 204 39.15 18.31 -5.15
CA GLY A 204 40.25 19.10 -5.65
C GLY A 204 40.69 19.99 -4.49
N VAL A 205 41.92 20.50 -4.53
CA VAL A 205 42.40 21.35 -3.43
C VAL A 205 41.49 22.53 -3.14
N GLY A 206 40.78 23.01 -4.16
CA GLY A 206 39.90 24.16 -3.98
C GLY A 206 38.94 23.94 -2.82
N THR A 207 38.42 22.72 -2.73
CA THR A 207 37.49 22.36 -1.68
C THR A 207 38.19 22.44 -0.32
N VAL A 208 39.40 21.92 -0.26
CA VAL A 208 40.18 21.95 0.97
C VAL A 208 40.46 23.40 1.40
N LYS A 209 40.76 24.27 0.43
CA LYS A 209 41.05 25.67 0.72
C LYS A 209 39.79 26.38 1.21
N ALA A 210 38.67 26.17 0.51
CA ALA A 210 37.42 26.82 0.87
C ALA A 210 36.67 26.26 2.07
N ASP A 211 36.68 24.94 2.28
CA ASP A 211 35.93 24.35 3.38
C ASP A 211 36.71 23.60 4.45
N ASN A 212 37.97 23.28 4.17
CA ASN A 212 38.80 22.52 5.11
C ASN A 212 38.03 21.40 5.78
N PRO A 213 37.43 20.51 4.97
CA PRO A 213 36.65 19.36 5.43
C PRO A 213 37.52 18.22 5.93
N SER A 214 36.93 17.32 6.70
CA SER A 214 37.70 16.18 7.20
C SER A 214 37.51 15.02 6.23
N LEU A 215 36.41 15.05 5.49
CA LEU A 215 36.09 14.02 4.52
C LEU A 215 36.10 12.63 5.15
N THR A 216 35.80 12.56 6.44
CA THR A 216 35.80 11.27 7.11
C THR A 216 34.41 10.66 7.24
N CYS A 217 34.36 9.35 7.44
CA CYS A 217 33.07 8.69 7.62
C CYS A 217 32.72 8.70 9.10
N ARG A 218 31.66 9.42 9.47
CA ARG A 218 31.27 9.51 10.86
C ARG A 218 30.00 8.76 11.25
N LEU A 219 29.70 7.69 10.54
CA LEU A 219 28.52 6.89 10.82
C LEU A 219 28.72 6.13 12.13
N PRO A 220 27.62 5.77 12.80
CA PRO A 220 27.61 5.06 14.09
C PRO A 220 28.61 3.91 14.14
N ASN A 221 28.75 3.20 13.03
CA ASN A 221 29.68 2.10 12.99
C ASN A 221 30.62 2.29 11.82
N VAL A 222 31.91 2.40 12.13
CA VAL A 222 32.93 2.58 11.11
C VAL A 222 34.19 1.85 11.50
N THR A 223 34.32 0.62 11.03
CA THR A 223 35.50 -0.18 11.35
C THR A 223 36.67 0.32 10.51
N LYS A 224 36.40 1.21 9.55
CA LYS A 224 37.45 1.73 8.68
C LYS A 224 37.12 3.08 8.03
N GLN A 225 38.16 3.84 7.71
CA GLN A 225 38.03 5.13 7.06
C GLN A 225 38.45 5.04 5.60
N PRO A 226 37.73 5.72 4.70
CA PRO A 226 38.09 5.67 3.28
C PRO A 226 39.32 6.53 2.97
N VAL A 227 40.08 6.17 1.95
CA VAL A 227 41.25 6.95 1.59
C VAL A 227 40.81 8.31 1.04
N ARG A 228 41.39 9.38 1.58
CA ARG A 228 41.05 10.73 1.16
C ARG A 228 42.04 11.18 0.09
N VAL A 229 41.53 11.37 -1.13
CA VAL A 229 42.32 11.76 -2.29
C VAL A 229 42.13 13.22 -2.68
N ILE A 230 43.22 13.96 -2.80
CA ILE A 230 43.20 15.38 -3.16
C ILE A 230 43.90 15.64 -4.50
N LEU A 231 43.26 16.37 -5.40
CA LEU A 231 43.87 16.72 -6.68
C LEU A 231 44.41 18.15 -6.48
N ASP A 232 45.74 18.27 -6.44
CA ASP A 232 46.41 19.53 -6.17
C ASP A 232 47.59 19.75 -7.14
N THR A 233 47.30 20.27 -8.32
CA THR A 233 48.28 20.51 -9.37
C THR A 233 49.65 21.06 -8.99
N VAL A 234 49.65 22.14 -8.22
CA VAL A 234 50.88 22.82 -7.79
C VAL A 234 51.29 22.50 -6.35
N LEU A 235 50.48 21.68 -5.69
CA LEU A 235 50.72 21.28 -4.30
C LEU A 235 50.63 22.52 -3.43
N SER A 236 49.57 23.30 -3.67
CA SER A 236 49.30 24.52 -2.94
C SER A 236 48.35 24.29 -1.76
N ILE A 237 48.25 23.04 -1.33
CA ILE A 237 47.37 22.72 -0.22
C ILE A 237 47.89 23.30 1.10
N PRO A 238 46.99 23.87 1.93
CA PRO A 238 47.36 24.45 3.22
C PRO A 238 47.90 23.36 4.15
N GLU A 239 49.15 23.53 4.59
CA GLU A 239 49.79 22.54 5.44
C GLU A 239 49.13 22.32 6.79
N ASP A 240 48.15 23.15 7.14
CA ASP A 240 47.47 23.00 8.42
C ASP A 240 46.06 22.43 8.29
N ALA A 241 45.69 22.04 7.07
CA ALA A 241 44.36 21.49 6.81
C ALA A 241 44.14 20.16 7.55
N LYS A 242 42.89 19.88 7.87
CA LYS A 242 42.54 18.66 8.58
C LYS A 242 43.02 17.42 7.86
N VAL A 243 42.80 17.36 6.55
CA VAL A 243 43.23 16.19 5.80
C VAL A 243 44.74 15.92 5.91
N ILE A 244 45.49 16.90 6.41
CA ILE A 244 46.92 16.71 6.57
C ILE A 244 47.33 16.59 8.02
N CYS A 245 46.45 16.98 8.93
CA CYS A 245 46.80 16.93 10.33
C CYS A 245 45.98 16.03 11.25
N ASP A 246 44.71 15.81 10.95
CA ASP A 246 43.89 15.02 11.85
C ASP A 246 44.34 13.56 12.04
N GLN A 247 45.13 13.03 11.09
CA GLN A 247 45.62 11.64 11.17
C GLN A 247 44.49 10.63 11.33
N ILE A 248 43.26 11.08 11.08
CA ILE A 248 42.09 10.24 11.20
C ILE A 248 41.98 9.20 10.08
N ALA A 249 42.50 9.54 8.91
CA ALA A 249 42.41 8.63 7.78
C ALA A 249 43.55 8.89 6.82
N PRO A 250 43.82 7.94 5.92
CA PRO A 250 44.90 8.10 4.94
C PRO A 250 44.58 9.32 4.07
N THR A 251 45.62 9.98 3.56
CA THR A 251 45.45 11.13 2.71
C THR A 251 46.48 11.02 1.59
N TRP A 252 45.97 10.97 0.36
CA TRP A 252 46.81 10.86 -0.83
C TRP A 252 46.64 12.10 -1.70
N ILE A 253 47.75 12.64 -2.21
CA ILE A 253 47.66 13.81 -3.05
C ILE A 253 48.32 13.55 -4.40
N PHE A 254 47.73 14.12 -5.44
CA PHE A 254 48.27 14.01 -6.79
C PHE A 254 48.71 15.41 -7.21
N THR A 255 49.99 15.56 -7.57
CA THR A 255 50.51 16.85 -8.01
C THR A 255 51.17 16.65 -9.36
N THR A 256 51.94 17.65 -9.75
CA THR A 256 52.67 17.61 -11.00
C THR A 256 54.07 18.02 -10.65
N ALA A 257 54.90 18.20 -11.68
CA ALA A 257 56.28 18.59 -11.49
C ALA A 257 56.45 19.97 -10.81
N ARG A 258 55.43 20.82 -10.93
CA ARG A 258 55.48 22.16 -10.34
C ARG A 258 55.51 22.12 -8.82
N ALA A 259 55.14 20.97 -8.25
CA ALA A 259 55.13 20.83 -6.81
C ALA A 259 56.53 21.06 -6.25
N ASP A 260 56.57 21.65 -5.04
CA ASP A 260 57.82 21.92 -4.36
C ASP A 260 58.32 20.71 -3.58
N GLU A 261 59.53 20.25 -3.92
CA GLU A 261 60.15 19.10 -3.27
C GLU A 261 60.24 19.17 -1.74
N GLU A 262 60.61 20.31 -1.19
CA GLU A 262 60.72 20.39 0.27
C GLU A 262 59.35 20.29 0.93
N LYS A 263 58.32 20.80 0.25
CA LYS A 263 56.97 20.72 0.80
C LYS A 263 56.50 19.26 0.80
N LYS A 264 56.78 18.56 -0.30
CA LYS A 264 56.41 17.15 -0.42
C LYS A 264 57.06 16.38 0.73
N LYS A 265 58.29 16.77 1.08
CA LYS A 265 59.00 16.12 2.17
C LYS A 265 58.27 16.38 3.47
N ARG A 266 57.94 17.65 3.71
CA ARG A 266 57.22 18.02 4.93
C ARG A 266 55.93 17.22 5.06
N LEU A 267 55.17 17.16 3.98
CA LEU A 267 53.91 16.44 3.97
C LEU A 267 54.02 14.93 4.12
N SER A 268 55.08 14.34 3.56
CA SER A 268 55.31 12.89 3.67
C SER A 268 55.53 12.54 5.13
N ALA A 269 56.24 13.39 5.84
CA ALA A 269 56.54 13.20 7.25
C ALA A 269 55.24 13.11 8.07
N PHE A 270 54.18 13.70 7.53
CA PHE A 270 52.90 13.65 8.22
C PHE A 270 52.11 12.41 7.81
N GLY A 271 52.70 11.60 6.94
CA GLY A 271 52.07 10.37 6.50
C GLY A 271 51.30 10.53 5.21
N VAL A 272 51.42 11.69 4.59
CA VAL A 272 50.71 11.92 3.35
C VAL A 272 51.38 11.25 2.18
N ASN A 273 50.58 10.58 1.36
CA ASN A 273 51.07 9.87 0.17
C ASN A 273 50.97 10.77 -1.04
N ILE A 274 52.11 11.11 -1.61
CA ILE A 274 52.11 12.01 -2.77
C ILE A 274 52.48 11.28 -4.05
N PHE A 275 51.62 11.42 -5.06
CA PHE A 275 51.89 10.82 -6.35
C PHE A 275 52.19 11.98 -7.29
N THR A 276 53.28 11.89 -8.03
CA THR A 276 53.64 12.97 -8.95
C THR A 276 53.36 12.56 -10.39
N LEU A 277 52.45 13.28 -11.05
CA LEU A 277 52.12 12.98 -12.44
C LEU A 277 53.09 13.69 -13.40
N GLU A 278 53.38 13.05 -14.53
CA GLU A 278 54.31 13.62 -15.49
C GLU A 278 53.64 14.47 -16.57
N THR A 279 52.53 15.10 -16.22
CA THR A 279 51.81 15.93 -17.16
C THR A 279 51.72 17.36 -16.63
N GLU A 280 51.28 18.29 -17.45
CA GLU A 280 51.17 19.67 -16.99
C GLU A 280 49.90 19.83 -16.17
N ARG A 281 48.86 19.10 -16.55
CA ARG A 281 47.59 19.12 -15.84
C ARG A 281 47.26 17.73 -15.33
N ILE A 282 46.46 17.67 -14.28
CA ILE A 282 46.06 16.40 -13.70
C ILE A 282 44.96 15.79 -14.56
N GLN A 283 45.25 14.62 -15.14
CA GLN A 283 44.31 13.91 -16.00
C GLN A 283 43.50 12.89 -15.19
N ILE A 284 42.18 12.99 -15.24
CA ILE A 284 41.34 12.05 -14.49
C ILE A 284 41.57 10.60 -14.86
N PRO A 285 41.65 10.30 -16.16
CA PRO A 285 41.88 8.90 -16.52
C PRO A 285 43.16 8.32 -15.93
N ASP A 286 44.16 9.18 -15.69
CA ASP A 286 45.43 8.72 -15.11
C ASP A 286 45.32 8.47 -13.62
N VAL A 287 44.64 9.36 -12.90
CA VAL A 287 44.49 9.20 -11.47
C VAL A 287 43.67 7.93 -11.20
N LEU A 288 42.63 7.71 -12.00
CA LEU A 288 41.80 6.54 -11.83
C LEU A 288 42.65 5.29 -12.03
N LYS A 289 43.48 5.32 -13.06
CA LYS A 289 44.39 4.22 -13.38
C LYS A 289 45.34 3.96 -12.22
N ILE A 290 45.94 5.02 -11.68
CA ILE A 290 46.86 4.86 -10.56
C ILE A 290 46.15 4.38 -9.30
N LEU A 291 44.91 4.81 -9.08
CA LEU A 291 44.17 4.38 -7.89
C LEU A 291 43.88 2.89 -7.99
N ALA A 292 43.53 2.44 -9.20
CA ALA A 292 43.25 1.02 -9.44
C ALA A 292 44.52 0.23 -9.13
N GLU A 293 45.65 0.72 -9.61
CA GLU A 293 46.93 0.05 -9.36
C GLU A 293 47.20 -0.05 -7.85
N GLU A 294 46.62 0.83 -7.07
CA GLU A 294 46.82 0.80 -5.62
C GLU A 294 45.74 -0.04 -4.95
N GLY A 295 44.78 -0.54 -5.74
CA GLY A 295 43.73 -1.38 -5.19
C GLY A 295 42.42 -0.70 -4.83
N ILE A 296 42.26 0.57 -5.19
CA ILE A 296 41.05 1.30 -4.89
C ILE A 296 40.02 0.95 -5.95
N MET A 297 38.97 0.26 -5.53
CA MET A 297 37.95 -0.18 -6.48
C MET A 297 36.79 0.79 -6.61
N SER A 298 36.67 1.73 -5.68
CA SER A 298 35.58 2.71 -5.72
C SER A 298 35.99 4.10 -5.24
N VAL A 299 35.42 5.11 -5.87
CA VAL A 299 35.74 6.50 -5.54
C VAL A 299 34.50 7.36 -5.42
N TYR A 300 34.36 7.98 -4.26
CA TYR A 300 33.23 8.87 -3.98
C TYR A 300 33.73 10.29 -4.26
N VAL A 301 33.35 10.84 -5.39
CA VAL A 301 33.79 12.17 -5.77
C VAL A 301 32.84 13.29 -5.40
N GLU A 302 33.25 14.20 -4.52
CA GLU A 302 32.36 15.30 -4.24
C GLU A 302 32.95 16.63 -4.67
N GLY A 303 33.42 17.42 -3.72
CA GLY A 303 34.00 18.71 -4.03
C GLY A 303 34.73 18.88 -5.37
N GLY A 304 34.40 19.98 -6.04
CA GLY A 304 35.01 20.28 -7.31
C GLY A 304 34.08 20.40 -8.48
N SER A 305 33.56 21.60 -8.73
CA SER A 305 32.70 21.80 -9.89
C SER A 305 33.59 21.51 -11.11
N ALA A 306 34.86 21.90 -11.04
CA ALA A 306 35.77 21.64 -12.15
C ALA A 306 36.10 20.14 -12.18
N VAL A 307 36.31 19.57 -10.99
CA VAL A 307 36.61 18.15 -10.88
C VAL A 307 35.46 17.37 -11.54
N HIS A 308 34.23 17.69 -11.12
CA HIS A 308 33.08 17.01 -11.70
C HIS A 308 33.11 17.15 -13.21
N GLY A 309 33.32 18.38 -13.66
CA GLY A 309 33.39 18.65 -15.09
C GLY A 309 34.34 17.71 -15.80
N SER A 310 35.54 17.52 -15.25
CA SER A 310 36.49 16.60 -15.87
C SER A 310 35.94 15.18 -15.90
N PHE A 311 35.46 14.70 -14.75
CA PHE A 311 34.91 13.34 -14.70
C PHE A 311 33.79 13.14 -15.71
N VAL A 312 33.03 14.19 -15.99
CA VAL A 312 31.93 14.07 -16.91
C VAL A 312 32.36 14.18 -18.36
N LYS A 313 33.22 15.13 -18.68
CA LYS A 313 33.67 15.29 -20.05
C LYS A 313 34.44 14.06 -20.49
N GLU A 314 35.12 13.42 -19.53
CA GLU A 314 35.88 12.21 -19.84
C GLU A 314 35.00 10.98 -19.77
N GLY A 315 33.78 11.15 -19.25
CA GLY A 315 32.84 10.04 -19.12
C GLY A 315 33.27 8.99 -18.13
N CYS A 316 33.85 9.40 -17.01
CA CYS A 316 34.34 8.47 -16.00
C CYS A 316 33.51 8.26 -14.74
N PHE A 317 32.20 8.34 -14.84
CA PHE A 317 31.37 8.11 -13.66
C PHE A 317 30.36 7.03 -13.96
N GLN A 318 29.98 6.29 -12.92
CA GLN A 318 29.01 5.23 -13.10
C GLN A 318 27.68 5.67 -12.54
N GLU A 319 27.74 6.63 -11.63
CA GLU A 319 26.53 7.09 -10.99
C GLU A 319 26.71 8.53 -10.55
N ILE A 320 25.61 9.28 -10.59
CA ILE A 320 25.64 10.67 -10.17
C ILE A 320 24.50 10.93 -9.18
N ILE A 321 24.85 11.55 -8.06
CA ILE A 321 23.87 11.83 -7.02
C ILE A 321 23.81 13.30 -6.67
N PHE A 322 22.68 13.93 -6.98
CA PHE A 322 22.46 15.35 -6.70
C PHE A 322 21.41 15.59 -5.63
N TYR A 323 21.79 16.38 -4.62
CA TYR A 323 20.88 16.73 -3.55
C TYR A 323 20.45 18.17 -3.81
N PHE A 324 19.16 18.38 -4.00
CA PHE A 324 18.65 19.70 -4.26
C PHE A 324 17.92 20.23 -3.03
N ALA A 325 18.13 21.50 -2.73
CA ALA A 325 17.46 22.11 -1.59
C ALA A 325 16.38 23.04 -2.13
N PRO A 326 15.30 23.21 -1.37
CA PRO A 326 14.18 24.08 -1.76
C PRO A 326 14.61 25.54 -1.63
N LYS A 327 15.74 25.88 -2.24
CA LYS A 327 16.25 27.24 -2.18
C LYS A 327 16.64 27.77 -3.55
N LEU A 328 16.64 29.09 -3.68
CA LEU A 328 17.03 29.72 -4.94
C LEU A 328 18.11 30.74 -4.58
N ILE A 329 19.30 30.53 -5.13
CA ILE A 329 20.37 31.47 -4.96
C ILE A 329 20.65 31.97 -6.37
N GLY A 330 20.58 33.28 -6.57
CA GLY A 330 20.73 33.77 -7.92
C GLY A 330 22.20 33.88 -8.23
N GLY A 331 22.56 34.97 -8.90
CA GLY A 331 23.96 35.21 -9.18
C GLY A 331 24.48 34.76 -10.52
N THR A 332 24.84 35.74 -11.34
CA THR A 332 25.38 35.45 -12.64
C THR A 332 26.75 34.88 -12.34
N HIS A 333 27.34 35.36 -11.25
CA HIS A 333 28.67 34.93 -10.82
C HIS A 333 28.68 33.82 -9.78
N ALA A 334 27.52 33.26 -9.49
CA ALA A 334 27.44 32.19 -8.51
C ALA A 334 27.87 30.91 -9.22
N PRO A 335 28.65 30.05 -8.56
CA PRO A 335 29.12 28.81 -9.18
C PRO A 335 28.06 27.73 -9.39
N SER A 336 28.07 27.18 -10.60
CA SER A 336 27.12 26.13 -10.98
C SER A 336 27.66 24.73 -10.66
N LEU A 337 26.86 23.71 -10.91
CA LEU A 337 27.27 22.33 -10.61
C LEU A 337 28.47 21.75 -11.37
N ILE A 338 28.51 21.89 -12.70
CA ILE A 338 29.60 21.32 -13.49
C ILE A 338 30.33 22.38 -14.31
N SER A 339 31.44 22.90 -13.80
CA SER A 339 32.19 23.92 -14.55
C SER A 339 33.19 23.24 -15.47
N GLY A 340 33.90 24.03 -16.27
CA GLY A 340 34.84 23.44 -17.20
C GLY A 340 34.38 23.66 -18.62
N GLU A 341 34.71 22.74 -19.51
CA GLU A 341 34.34 22.86 -20.91
C GLU A 341 32.86 22.67 -21.22
N GLY A 342 32.34 21.50 -20.89
CA GLY A 342 30.95 21.21 -21.16
C GLY A 342 30.73 20.82 -22.61
N PHE A 343 29.56 20.31 -22.92
CA PHE A 343 29.26 19.90 -24.28
C PHE A 343 28.78 21.09 -25.12
N GLN A 344 29.22 21.14 -26.37
CA GLN A 344 28.88 22.22 -27.30
C GLN A 344 27.47 22.20 -27.87
N SER A 345 27.04 21.04 -28.32
CA SER A 345 25.71 20.88 -28.91
C SER A 345 24.85 19.93 -28.10
N MET A 346 23.53 20.11 -28.18
CA MET A 346 22.60 19.25 -27.45
C MET A 346 22.62 17.81 -27.93
N LYS A 347 23.18 17.57 -29.11
CA LYS A 347 23.26 16.21 -29.66
C LYS A 347 24.54 15.53 -29.19
N ASP A 348 25.40 16.30 -28.54
CA ASP A 348 26.66 15.75 -28.04
C ASP A 348 26.56 15.46 -26.55
N VAL A 349 25.45 15.84 -25.93
CA VAL A 349 25.30 15.59 -24.51
C VAL A 349 24.75 14.20 -24.27
N PRO A 350 25.54 13.36 -23.59
CA PRO A 350 25.15 11.99 -23.28
C PRO A 350 23.86 11.98 -22.46
N LEU A 351 22.98 11.03 -22.77
CA LEU A 351 21.72 10.92 -22.06
C LEU A 351 21.83 9.97 -20.87
N LEU A 352 21.50 10.45 -19.68
CA LEU A 352 21.52 9.60 -18.50
C LEU A 352 20.10 9.11 -18.28
N GLN A 353 19.89 8.41 -17.17
CA GLN A 353 18.58 7.89 -16.83
C GLN A 353 18.34 8.02 -15.32
N PHE A 354 17.17 8.51 -14.93
CA PHE A 354 16.88 8.64 -13.52
C PHE A 354 16.71 7.24 -12.97
N THR A 355 17.42 6.98 -11.89
CA THR A 355 17.44 5.69 -11.25
C THR A 355 16.67 5.68 -9.96
N ASP A 356 16.54 6.87 -9.37
CA ASP A 356 15.84 7.00 -8.12
C ASP A 356 15.58 8.47 -7.80
N ILE A 357 14.47 8.70 -7.11
CA ILE A 357 14.06 10.03 -6.71
C ILE A 357 13.44 9.92 -5.33
N THR A 358 14.12 10.47 -4.33
CA THR A 358 13.67 10.40 -2.96
C THR A 358 13.77 11.74 -2.24
N GLN A 359 12.86 11.98 -1.30
CA GLN A 359 12.89 13.21 -0.55
C GLN A 359 13.44 12.91 0.81
N ILE A 360 14.41 13.71 1.25
CA ILE A 360 15.04 13.54 2.55
C ILE A 360 14.85 14.87 3.26
N GLY A 361 14.03 14.88 4.30
CA GLY A 361 13.78 16.10 5.02
C GLY A 361 13.08 17.01 4.04
N ARG A 362 13.54 18.25 3.90
CA ARG A 362 12.91 19.16 2.94
C ARG A 362 13.62 19.17 1.59
N ASP A 363 14.65 18.36 1.45
CA ASP A 363 15.41 18.31 0.21
C ASP A 363 14.99 17.15 -0.70
N ILE A 364 15.39 17.20 -1.96
CA ILE A 364 15.10 16.11 -2.90
C ILE A 364 16.40 15.52 -3.40
N LYS A 365 16.52 14.21 -3.32
CA LYS A 365 17.70 13.50 -3.76
C LYS A 365 17.43 12.80 -5.07
N LEU A 366 18.20 13.15 -6.09
CA LEU A 366 18.05 12.53 -7.41
C LEU A 366 19.31 11.74 -7.77
N THR A 367 19.15 10.51 -8.25
CA THR A 367 20.32 9.75 -8.65
C THR A 367 20.11 9.31 -10.10
N ALA A 368 21.15 9.47 -10.90
CA ALA A 368 21.08 9.11 -12.31
C ALA A 368 22.33 8.33 -12.73
N LYS A 369 22.17 7.50 -13.76
CA LYS A 369 23.28 6.70 -14.26
C LYS A 369 23.26 6.81 -15.76
N PRO A 370 24.44 6.79 -16.40
CA PRO A 370 24.45 6.86 -17.88
C PRO A 370 23.72 5.68 -18.52
N THR A 371 23.48 5.76 -19.82
CA THR A 371 22.79 4.70 -20.53
C THR A 371 23.66 4.15 -21.66
N LYS A 372 23.38 2.92 -22.08
CA LYS A 372 24.15 2.30 -23.16
C LYS A 372 23.24 1.93 -24.33
N GLY B 11 17.64 1.83 13.87
CA GLY B 11 17.90 0.47 14.42
C GLY B 11 19.05 0.44 15.42
N SER B 12 19.24 -0.70 16.06
CA SER B 12 20.31 -0.85 17.04
C SER B 12 21.38 -1.78 16.49
N MET B 13 22.43 -2.01 17.27
CA MET B 13 23.50 -2.89 16.83
C MET B 13 23.40 -4.24 17.53
N GLU B 14 23.08 -4.21 18.82
CA GLU B 14 22.93 -5.46 19.56
C GLU B 14 21.66 -6.12 19.07
N GLU B 15 20.74 -5.29 18.58
CA GLU B 15 19.46 -5.78 18.07
C GLU B 15 19.63 -6.43 16.69
N TYR B 16 20.48 -5.84 15.87
CA TYR B 16 20.72 -6.35 14.53
C TYR B 16 21.33 -7.75 14.61
N TYR B 17 22.24 -7.93 15.56
CA TYR B 17 22.84 -9.22 15.82
C TYR B 17 21.86 -10.28 16.33
N MET B 18 20.98 -9.92 17.26
CA MET B 18 19.99 -10.88 17.75
C MET B 18 19.01 -11.18 16.63
N LYS B 19 18.75 -10.19 15.79
CA LYS B 19 17.84 -10.35 14.68
C LYS B 19 18.41 -11.39 13.73
N LEU B 20 19.67 -11.19 13.33
CA LEU B 20 20.36 -12.10 12.43
C LEU B 20 20.29 -13.53 13.01
N ALA B 21 20.36 -13.62 14.34
CA ALA B 21 20.34 -14.91 15.02
C ALA B 21 18.98 -15.57 14.89
N LEU B 22 17.93 -14.75 14.96
CA LEU B 22 16.56 -15.26 14.84
C LEU B 22 16.32 -15.76 13.41
N ASP B 23 16.84 -15.03 12.42
CA ASP B 23 16.67 -15.43 11.03
C ASP B 23 17.53 -16.63 10.72
N LEU B 24 18.61 -16.79 11.46
CA LEU B 24 19.48 -17.93 11.25
C LEU B 24 18.74 -19.13 11.84
N ALA B 25 17.98 -18.86 12.91
CA ALA B 25 17.21 -19.89 13.60
C ALA B 25 16.12 -20.50 12.72
N LYS B 26 15.45 -19.63 11.96
CA LYS B 26 14.37 -20.01 11.07
C LYS B 26 14.78 -21.08 10.07
N GLN B 27 16.07 -21.11 9.76
CA GLN B 27 16.59 -22.04 8.78
C GLN B 27 16.49 -23.50 9.16
N GLY B 28 16.26 -23.77 10.45
CA GLY B 28 16.16 -25.15 10.88
C GLY B 28 14.71 -25.60 11.01
N GLU B 29 13.78 -24.67 10.85
CA GLU B 29 12.36 -24.94 11.00
C GLU B 29 11.95 -26.27 10.38
N GLY B 30 11.48 -27.18 11.24
CA GLY B 30 11.04 -28.49 10.79
C GLY B 30 12.12 -29.53 10.58
N GLN B 31 13.32 -29.25 11.08
CA GLN B 31 14.41 -30.20 10.90
C GLN B 31 14.94 -30.67 12.23
N THR B 32 14.61 -29.94 13.28
CA THR B 32 15.10 -30.23 14.62
C THR B 32 14.24 -31.07 15.56
N GLU B 33 13.12 -31.61 15.07
CA GLU B 33 12.22 -32.43 15.88
C GLU B 33 11.98 -31.84 17.27
N SER B 34 12.17 -32.65 18.32
CA SER B 34 11.94 -32.20 19.70
C SER B 34 12.79 -31.03 20.14
N ASN B 35 13.93 -30.82 19.49
CA ASN B 35 14.81 -29.71 19.85
C ASN B 35 14.24 -28.42 19.32
N PRO B 36 14.44 -27.32 20.04
CA PRO B 36 13.94 -26.01 19.61
C PRO B 36 14.81 -25.40 18.51
N LEU B 37 14.32 -24.32 17.91
CA LEU B 37 15.05 -23.59 16.88
C LEU B 37 15.97 -22.62 17.63
N VAL B 38 17.22 -22.52 17.20
CA VAL B 38 18.15 -21.62 17.85
C VAL B 38 19.19 -21.04 16.88
N GLY B 39 19.49 -19.77 17.06
CA GLY B 39 20.48 -19.13 16.22
C GLY B 39 21.62 -18.55 17.04
N ALA B 40 22.82 -18.51 16.47
CA ALA B 40 23.98 -17.98 17.17
C ALA B 40 24.93 -17.20 16.26
N VAL B 41 25.26 -15.98 16.66
CA VAL B 41 26.17 -15.17 15.86
C VAL B 41 27.28 -14.53 16.73
N VAL B 42 28.53 -14.79 16.33
CA VAL B 42 29.71 -14.30 17.04
C VAL B 42 30.28 -13.04 16.42
N VAL B 43 30.48 -12.01 17.23
CA VAL B 43 31.06 -10.77 16.75
C VAL B 43 32.37 -10.46 17.50
N LYS B 44 33.44 -10.24 16.74
CA LYS B 44 34.76 -9.93 17.27
C LYS B 44 35.29 -8.68 16.60
N ASP B 45 35.57 -7.65 17.40
CA ASP B 45 36.04 -6.38 16.86
C ASP B 45 35.01 -5.82 15.88
N GLY B 46 33.76 -5.79 16.31
CA GLY B 46 32.70 -5.26 15.47
C GLY B 46 32.47 -5.95 14.13
N GLN B 47 32.99 -7.16 13.97
CA GLN B 47 32.83 -7.90 12.72
C GLN B 47 32.24 -9.29 12.93
N ILE B 48 31.24 -9.65 12.12
CA ILE B 48 30.63 -10.97 12.23
C ILE B 48 31.66 -12.00 11.77
N VAL B 49 31.96 -12.94 12.64
CA VAL B 49 32.97 -13.97 12.35
C VAL B 49 32.42 -15.42 12.47
N GLY B 50 31.24 -15.55 13.04
CA GLY B 50 30.61 -16.85 13.18
C GLY B 50 29.10 -16.73 13.16
N MET B 51 28.43 -17.69 12.54
CA MET B 51 26.97 -17.71 12.46
C MET B 51 26.55 -19.15 12.50
N GLY B 52 25.46 -19.45 13.19
CA GLY B 52 25.02 -20.83 13.26
C GLY B 52 23.57 -20.99 13.62
N ALA B 53 23.07 -22.21 13.43
CA ALA B 53 21.69 -22.52 13.74
C ALA B 53 21.55 -23.99 14.06
N HIS B 54 20.57 -24.34 14.88
CA HIS B 54 20.40 -25.76 15.15
C HIS B 54 19.72 -26.26 13.87
N LEU B 55 20.41 -27.10 13.11
CA LEU B 55 19.85 -27.59 11.86
C LEU B 55 19.29 -29.01 11.91
N LYS B 56 19.87 -29.88 12.72
CA LYS B 56 19.37 -31.25 12.82
C LYS B 56 19.35 -31.80 14.24
N TYR B 57 18.26 -32.48 14.56
CA TYR B 57 18.07 -33.07 15.87
C TYR B 57 19.14 -34.10 16.11
N GLY B 58 19.81 -33.98 17.26
CA GLY B 58 20.87 -34.91 17.60
C GLY B 58 22.24 -34.42 17.16
N GLU B 59 22.26 -33.31 16.42
CA GLU B 59 23.52 -32.76 15.94
C GLU B 59 23.92 -31.45 16.61
N ALA B 60 25.05 -30.90 16.17
CA ALA B 60 25.57 -29.67 16.75
C ALA B 60 24.51 -28.62 16.99
N HIS B 61 24.65 -27.92 18.10
CA HIS B 61 23.72 -26.86 18.43
C HIS B 61 24.22 -25.58 17.73
N ALA B 62 23.41 -24.53 17.75
CA ALA B 62 23.76 -23.29 17.09
C ALA B 62 25.13 -22.71 17.49
N GLU B 63 25.42 -22.69 18.79
CA GLU B 63 26.68 -22.15 19.31
C GLU B 63 27.88 -22.90 18.74
N VAL B 64 27.79 -24.22 18.73
CA VAL B 64 28.84 -25.08 18.21
C VAL B 64 29.24 -24.65 16.79
N HIS B 65 28.26 -24.52 15.90
CA HIS B 65 28.52 -24.10 14.52
C HIS B 65 29.11 -22.70 14.46
N ALA B 66 28.49 -21.78 15.19
CA ALA B 66 28.95 -20.39 15.22
C ALA B 66 30.37 -20.25 15.75
N ILE B 67 30.66 -20.90 16.87
CA ILE B 67 31.98 -20.81 17.46
C ILE B 67 33.05 -21.53 16.64
N HIS B 68 32.70 -22.65 16.04
CA HIS B 68 33.68 -23.38 15.24
C HIS B 68 34.02 -22.56 14.00
N MET B 69 33.06 -21.81 13.50
CA MET B 69 33.26 -20.98 12.32
C MET B 69 34.11 -19.79 12.75
N ALA B 70 33.75 -19.21 13.90
CA ALA B 70 34.44 -18.06 14.46
C ALA B 70 35.96 -18.25 14.47
N GLY B 71 36.38 -19.51 14.45
CA GLY B 71 37.80 -19.82 14.46
C GLY B 71 38.52 -19.31 15.68
N ALA B 72 39.59 -18.56 15.44
CA ALA B 72 40.42 -17.99 16.50
C ALA B 72 39.95 -16.60 16.93
N HIS B 73 38.94 -16.08 16.24
CA HIS B 73 38.39 -14.77 16.55
C HIS B 73 37.41 -14.93 17.69
N ALA B 74 37.16 -16.19 18.04
CA ALA B 74 36.26 -16.52 19.12
C ALA B 74 36.74 -15.86 20.42
N GLU B 75 38.04 -15.86 20.61
CA GLU B 75 38.65 -15.29 21.81
C GLU B 75 38.40 -13.80 22.06
N GLY B 76 37.74 -13.52 23.18
CA GLY B 76 37.44 -12.15 23.55
C GLY B 76 36.26 -11.55 22.80
N ALA B 77 35.61 -12.36 21.97
CA ALA B 77 34.49 -11.90 21.18
C ALA B 77 33.17 -11.94 21.94
N ASP B 78 32.11 -11.48 21.27
CA ASP B 78 30.77 -11.50 21.84
C ASP B 78 30.02 -12.60 21.11
N ILE B 79 28.90 -13.03 21.66
CA ILE B 79 28.08 -14.05 21.01
C ILE B 79 26.63 -13.78 21.39
N TYR B 80 25.75 -13.82 20.39
CA TYR B 80 24.33 -13.58 20.57
C TYR B 80 23.60 -14.88 20.34
N VAL B 81 22.80 -15.29 21.31
CA VAL B 81 22.05 -16.54 21.19
C VAL B 81 20.59 -16.27 21.47
N THR B 82 19.72 -16.83 20.62
CA THR B 82 18.28 -16.65 20.74
C THR B 82 17.70 -17.37 21.96
N LEU B 83 18.43 -18.36 22.44
CA LEU B 83 18.02 -19.15 23.59
C LEU B 83 19.28 -19.32 24.43
N GLU B 84 19.12 -19.36 25.75
CA GLU B 84 20.24 -19.53 26.67
C GLU B 84 21.01 -20.81 26.37
N PRO B 85 22.34 -20.72 26.40
CA PRO B 85 23.21 -21.88 26.13
C PRO B 85 22.97 -23.00 27.14
N CYS B 86 22.67 -24.20 26.63
CA CYS B 86 22.40 -25.34 27.51
C CYS B 86 23.60 -25.69 28.39
N SER B 87 23.31 -26.15 29.60
CA SER B 87 24.32 -26.52 30.58
C SER B 87 24.40 -28.00 30.90
N HIS B 88 23.57 -28.80 30.23
CA HIS B 88 23.54 -30.23 30.49
C HIS B 88 24.30 -31.08 29.48
N TYR B 89 24.63 -32.30 29.89
CA TYR B 89 25.33 -33.28 29.07
C TYR B 89 24.32 -34.28 28.53
N GLY B 90 23.47 -33.84 27.61
CA GLY B 90 22.47 -34.72 27.05
C GLY B 90 22.94 -35.47 25.82
N LYS B 91 22.34 -35.13 24.68
CA LYS B 91 22.66 -35.74 23.40
C LYS B 91 23.84 -34.99 22.78
N THR B 92 24.03 -33.76 23.24
CA THR B 92 25.10 -32.88 22.78
C THR B 92 25.76 -32.27 24.01
N PRO B 93 27.10 -32.06 23.95
CA PRO B 93 27.81 -31.48 25.10
C PRO B 93 27.24 -30.11 25.47
N PRO B 94 27.55 -29.60 26.67
CA PRO B 94 27.02 -28.30 27.07
C PRO B 94 27.59 -27.18 26.20
N CYS B 95 26.72 -26.27 25.77
CA CYS B 95 27.14 -25.14 24.95
C CYS B 95 27.77 -24.10 25.86
N ALA B 96 27.24 -23.98 27.07
CA ALA B 96 27.76 -23.03 28.05
C ALA B 96 29.26 -23.28 28.21
N GLU B 97 29.62 -24.55 28.29
CA GLU B 97 31.02 -24.95 28.42
C GLU B 97 31.82 -24.55 27.19
N LEU B 98 31.25 -24.75 26.01
CA LEU B 98 31.94 -24.41 24.77
C LEU B 98 32.21 -22.91 24.73
N ILE B 99 31.26 -22.11 25.22
CA ILE B 99 31.41 -20.67 25.24
C ILE B 99 32.53 -20.22 26.16
N ILE B 100 32.60 -20.79 27.35
CA ILE B 100 33.66 -20.42 28.28
C ILE B 100 35.05 -20.94 27.88
N ASN B 101 35.10 -22.16 27.34
CA ASN B 101 36.38 -22.76 26.92
C ASN B 101 36.91 -22.12 25.65
N SER B 102 36.10 -21.35 24.95
CA SER B 102 36.55 -20.70 23.71
C SER B 102 36.96 -19.27 24.03
N GLY B 103 36.90 -18.94 25.31
CA GLY B 103 37.27 -17.62 25.74
C GLY B 103 36.40 -16.49 25.22
N ILE B 104 35.09 -16.72 25.21
CA ILE B 104 34.16 -15.69 24.76
C ILE B 104 34.07 -14.66 25.89
N LYS B 105 34.19 -13.39 25.55
CA LYS B 105 34.14 -12.32 26.54
C LYS B 105 32.74 -12.18 27.14
N ARG B 106 31.78 -11.76 26.33
CA ARG B 106 30.40 -11.61 26.80
C ARG B 106 29.38 -12.25 25.86
N VAL B 107 28.22 -12.59 26.42
CA VAL B 107 27.14 -13.23 25.69
C VAL B 107 25.80 -12.51 25.85
N PHE B 108 24.96 -12.61 24.82
CA PHE B 108 23.64 -11.98 24.82
C PHE B 108 22.58 -13.06 24.56
N VAL B 109 21.71 -13.28 25.53
CA VAL B 109 20.65 -14.28 25.43
C VAL B 109 19.29 -13.61 25.28
N ALA B 110 18.54 -14.01 24.26
CA ALA B 110 17.23 -13.42 24.02
C ALA B 110 16.24 -13.86 25.09
N MET B 111 16.39 -15.09 25.58
CA MET B 111 15.49 -15.60 26.60
C MET B 111 16.05 -16.85 27.27
N ARG B 112 15.52 -17.15 28.45
CA ARG B 112 15.94 -18.32 29.20
C ARG B 112 15.21 -19.55 28.70
N ASP B 113 15.93 -20.67 28.68
CA ASP B 113 15.42 -21.96 28.23
C ASP B 113 14.58 -22.56 29.36
N PRO B 114 13.24 -22.52 29.25
CA PRO B 114 12.39 -23.07 30.30
C PRO B 114 12.55 -24.56 30.58
N ASN B 115 13.27 -25.26 29.71
CA ASN B 115 13.46 -26.70 29.91
C ASN B 115 14.01 -26.96 31.32
N PRO B 116 13.28 -27.79 32.10
CA PRO B 116 13.64 -28.15 33.47
C PRO B 116 15.12 -28.33 33.78
N LEU B 117 15.85 -29.05 32.92
CA LEU B 117 17.27 -29.27 33.17
C LEU B 117 18.22 -28.21 32.61
N VAL B 118 17.70 -27.01 32.38
CA VAL B 118 18.53 -25.92 31.87
C VAL B 118 18.11 -24.59 32.49
N ALA B 119 16.88 -24.53 32.97
CA ALA B 119 16.33 -23.31 33.58
C ALA B 119 17.35 -22.45 34.32
N GLY B 120 17.72 -21.31 33.72
CA GLY B 120 18.66 -20.40 34.35
C GLY B 120 20.06 -20.93 34.60
N ARG B 121 20.19 -22.25 34.59
CA ARG B 121 21.45 -22.95 34.84
C ARG B 121 22.56 -22.63 33.84
N GLY B 122 22.17 -22.30 32.61
CA GLY B 122 23.14 -21.97 31.58
C GLY B 122 23.76 -20.60 31.78
N ILE B 123 23.00 -19.68 32.37
CA ILE B 123 23.48 -18.33 32.63
C ILE B 123 24.43 -18.33 33.82
N SER B 124 24.09 -19.11 34.84
CA SER B 124 24.90 -19.20 36.05
C SER B 124 26.28 -19.77 35.75
N MET B 125 26.29 -20.84 34.94
CA MET B 125 27.51 -21.52 34.54
C MET B 125 28.50 -20.60 33.80
N MET B 126 27.98 -19.59 33.11
CA MET B 126 28.83 -18.67 32.38
C MET B 126 29.21 -17.47 33.23
N LYS B 127 28.29 -17.06 34.11
CA LYS B 127 28.57 -15.94 34.99
C LYS B 127 29.69 -16.30 35.98
N GLU B 128 29.57 -17.45 36.64
CA GLU B 128 30.57 -17.87 37.62
C GLU B 128 31.95 -18.05 36.99
N ALA B 129 32.02 -18.02 35.66
CA ALA B 129 33.29 -18.15 34.98
C ALA B 129 33.75 -16.76 34.55
N GLY B 130 33.07 -15.75 35.08
CA GLY B 130 33.42 -14.37 34.77
C GLY B 130 32.73 -13.78 33.55
N ILE B 131 32.28 -14.62 32.63
CA ILE B 131 31.61 -14.16 31.42
C ILE B 131 30.39 -13.29 31.73
N GLU B 132 30.33 -12.12 31.12
CA GLU B 132 29.21 -11.22 31.30
C GLU B 132 28.03 -11.75 30.49
N VAL B 133 26.88 -11.91 31.13
CA VAL B 133 25.69 -12.41 30.44
C VAL B 133 24.60 -11.36 30.45
N ARG B 134 24.04 -11.09 29.28
CA ARG B 134 22.96 -10.11 29.14
C ARG B 134 21.77 -10.77 28.45
N GLU B 135 20.57 -10.54 28.98
CA GLU B 135 19.39 -11.16 28.41
C GLU B 135 18.21 -10.20 28.22
N GLY B 136 17.34 -10.53 27.26
CA GLY B 136 16.17 -9.70 26.99
C GLY B 136 16.02 -9.25 25.54
N ILE B 137 17.14 -8.96 24.88
CA ILE B 137 17.14 -8.49 23.50
C ILE B 137 16.25 -9.30 22.56
N LEU B 138 15.15 -8.69 22.13
CA LEU B 138 14.19 -9.32 21.23
C LEU B 138 13.61 -10.61 21.77
N ALA B 139 13.25 -10.62 23.06
CA ALA B 139 12.68 -11.81 23.69
C ALA B 139 11.31 -12.14 23.12
N ASP B 140 10.61 -11.13 22.61
CA ASP B 140 9.27 -11.30 22.02
C ASP B 140 9.29 -12.24 20.81
N GLN B 141 10.17 -11.95 19.86
CA GLN B 141 10.29 -12.76 18.66
C GLN B 141 10.94 -14.10 18.99
N ALA B 142 11.83 -14.09 19.98
CA ALA B 142 12.49 -15.33 20.38
C ALA B 142 11.40 -16.26 20.88
N GLU B 143 10.38 -15.65 21.48
CA GLU B 143 9.25 -16.36 22.02
C GLU B 143 8.45 -16.97 20.87
N ARG B 144 8.09 -16.14 19.89
CA ARG B 144 7.31 -16.58 18.72
C ARG B 144 8.01 -17.67 17.92
N LEU B 145 9.29 -17.88 18.21
CA LEU B 145 10.11 -18.86 17.51
C LEU B 145 9.85 -20.33 17.87
N ASN B 146 9.48 -20.61 19.10
CA ASN B 146 9.24 -21.99 19.53
C ASN B 146 8.04 -22.18 20.46
N GLU B 147 6.92 -21.55 20.14
CA GLU B 147 5.72 -21.67 20.96
C GLU B 147 5.45 -23.04 21.57
N LYS B 148 5.42 -24.07 20.74
CA LYS B 148 5.15 -25.42 21.22
C LYS B 148 6.14 -25.90 22.27
N PHE B 149 7.41 -25.93 21.88
CA PHE B 149 8.51 -26.35 22.76
C PHE B 149 8.39 -25.63 24.10
N LEU B 150 8.26 -24.32 24.04
CA LEU B 150 8.13 -23.49 25.24
C LEU B 150 6.94 -23.89 26.10
N HIS B 151 5.73 -23.85 25.53
CA HIS B 151 4.53 -24.21 26.27
C HIS B 151 4.71 -25.56 26.94
N PHE B 152 5.26 -26.50 26.20
CA PHE B 152 5.48 -27.84 26.76
C PHE B 152 6.45 -27.83 27.93
N MET B 153 7.53 -27.06 27.82
CA MET B 153 8.53 -27.01 28.88
C MET B 153 8.03 -26.27 30.12
N ARG B 154 7.20 -25.26 29.91
CA ARG B 154 6.67 -24.47 31.02
C ARG B 154 5.47 -25.07 31.74
N THR B 155 4.67 -25.86 31.04
CA THR B 155 3.46 -26.45 31.61
C THR B 155 3.54 -27.96 31.84
N GLY B 156 4.41 -28.63 31.10
CA GLY B 156 4.54 -30.05 31.25
C GLY B 156 3.52 -30.79 30.43
N LEU B 157 2.66 -30.03 29.77
CA LEU B 157 1.61 -30.61 28.94
C LEU B 157 1.86 -30.33 27.47
N PRO B 158 1.48 -31.24 26.57
CA PRO B 158 1.67 -31.03 25.14
C PRO B 158 0.94 -29.81 24.61
N TYR B 159 1.44 -29.23 23.52
CA TYR B 159 0.80 -28.08 22.89
C TYR B 159 -0.35 -28.68 22.06
N VAL B 160 -1.57 -28.23 22.31
CA VAL B 160 -2.74 -28.77 21.63
C VAL B 160 -3.41 -27.88 20.60
N THR B 161 -3.56 -28.43 19.40
CA THR B 161 -4.20 -27.71 18.32
C THR B 161 -5.45 -28.49 17.90
N LEU B 162 -6.58 -27.79 17.84
CA LEU B 162 -7.82 -28.43 17.41
C LEU B 162 -8.15 -27.98 16.00
N LYS B 163 -8.50 -28.92 15.12
CA LYS B 163 -8.82 -28.61 13.74
C LYS B 163 -10.09 -29.30 13.27
N ALA B 164 -10.87 -28.58 12.46
CA ALA B 164 -12.12 -29.11 11.91
C ALA B 164 -12.48 -28.41 10.60
N ALA B 165 -13.24 -29.12 9.78
CA ALA B 165 -13.70 -28.57 8.51
C ALA B 165 -15.21 -28.56 8.59
N ALA B 166 -15.83 -27.53 8.03
CA ALA B 166 -17.28 -27.44 8.11
C ALA B 166 -17.87 -26.54 7.05
N SER B 167 -19.18 -26.69 6.86
CA SER B 167 -19.91 -25.87 5.91
C SER B 167 -20.00 -24.53 6.61
N LEU B 168 -20.35 -23.49 5.84
CA LEU B 168 -20.48 -22.15 6.36
C LEU B 168 -21.54 -21.99 7.45
N ASP B 169 -22.48 -22.92 7.53
CA ASP B 169 -23.52 -22.83 8.56
C ASP B 169 -23.17 -23.70 9.78
N GLY B 170 -21.92 -24.17 9.79
CA GLY B 170 -21.42 -24.95 10.92
C GLY B 170 -21.62 -26.45 10.96
N LYS B 171 -22.02 -27.05 9.85
CA LYS B 171 -22.23 -28.49 9.83
C LYS B 171 -20.98 -29.23 9.36
N ILE B 172 -20.80 -30.44 9.88
CA ILE B 172 -19.63 -31.23 9.48
C ILE B 172 -20.07 -32.42 8.63
N ALA B 173 -21.35 -32.44 8.28
CA ALA B 173 -21.90 -33.50 7.46
C ALA B 173 -23.42 -33.33 7.35
N THR B 174 -24.03 -34.00 6.38
CA THR B 174 -25.48 -33.92 6.23
C THR B 174 -26.13 -34.74 7.34
N SER B 175 -27.46 -34.70 7.40
CA SER B 175 -28.15 -35.47 8.42
C SER B 175 -28.03 -36.97 8.13
N THR B 176 -27.41 -37.32 7.00
CA THR B 176 -27.22 -38.73 6.67
C THR B 176 -25.74 -39.08 6.76
N GLY B 177 -24.96 -38.19 7.34
CA GLY B 177 -23.54 -38.44 7.50
C GLY B 177 -22.67 -38.24 6.28
N ASP B 178 -23.20 -37.65 5.22
CA ASP B 178 -22.41 -37.42 4.02
C ASP B 178 -21.46 -36.25 4.23
N SER B 179 -20.18 -36.44 3.93
CA SER B 179 -19.19 -35.39 4.10
C SER B 179 -18.11 -35.44 3.02
N LYS B 180 -18.36 -36.27 2.00
CA LYS B 180 -17.44 -36.46 0.88
C LYS B 180 -16.66 -35.23 0.43
N TRP B 181 -17.34 -34.10 0.25
CA TRP B 181 -16.66 -32.89 -0.19
C TRP B 181 -17.15 -31.61 0.47
N ILE B 182 -16.69 -31.32 1.68
CA ILE B 182 -17.10 -30.08 2.34
C ILE B 182 -16.16 -28.98 1.87
N THR B 183 -14.87 -29.14 2.18
CA THR B 183 -13.89 -28.17 1.77
C THR B 183 -13.02 -28.73 0.64
N SER B 184 -12.46 -27.85 -0.16
CA SER B 184 -11.65 -28.20 -1.33
C SER B 184 -10.35 -28.96 -1.01
N GLU B 185 -9.66 -29.40 -2.06
CA GLU B 185 -8.40 -30.11 -1.90
C GLU B 185 -7.30 -29.19 -1.43
N ALA B 186 -7.43 -27.90 -1.73
CA ALA B 186 -6.44 -26.93 -1.30
C ALA B 186 -6.45 -26.84 0.22
N ALA B 187 -7.64 -26.85 0.81
CA ALA B 187 -7.76 -26.76 2.26
C ALA B 187 -7.20 -28.03 2.89
N ARG B 188 -7.64 -29.18 2.39
CA ARG B 188 -7.16 -30.44 2.93
C ARG B 188 -5.64 -30.46 2.88
N GLN B 189 -5.07 -30.02 1.76
CA GLN B 189 -3.62 -30.00 1.63
C GLN B 189 -2.99 -29.06 2.64
N ASP B 190 -3.64 -27.93 2.90
CA ASP B 190 -3.12 -26.97 3.86
C ASP B 190 -3.10 -27.62 5.25
N ALA B 191 -4.15 -28.40 5.53
CA ALA B 191 -4.29 -29.09 6.82
C ALA B 191 -3.13 -30.06 7.06
N GLN B 192 -2.56 -30.57 5.98
CA GLN B 192 -1.43 -31.51 6.05
C GLN B 192 -0.17 -30.91 6.65
N GLN B 193 -0.04 -29.60 6.62
CA GLN B 193 1.14 -28.96 7.19
C GLN B 193 1.21 -29.34 8.67
N TYR B 194 0.06 -29.29 9.34
CA TYR B 194 0.00 -29.60 10.76
C TYR B 194 0.44 -31.02 11.11
N ARG B 195 0.31 -31.94 10.16
CA ARG B 195 0.74 -33.31 10.42
C ARG B 195 2.27 -33.36 10.39
N LYS B 196 2.91 -32.19 10.47
CA LYS B 196 4.37 -32.11 10.46
C LYS B 196 4.88 -31.25 11.59
N THR B 197 4.13 -30.20 11.93
CA THR B 197 4.53 -29.33 13.02
C THR B 197 4.18 -29.95 14.37
N HIS B 198 3.42 -31.05 14.34
CA HIS B 198 3.00 -31.73 15.56
C HIS B 198 3.52 -33.16 15.67
N GLN B 199 3.99 -33.52 16.86
CA GLN B 199 4.52 -34.84 17.12
C GLN B 199 3.47 -35.95 17.12
N SER B 200 2.20 -35.57 17.20
CA SER B 200 1.15 -36.56 17.23
C SER B 200 -0.18 -36.09 16.66
N ILE B 201 -0.94 -37.04 16.13
CA ILE B 201 -2.26 -36.78 15.56
C ILE B 201 -3.20 -37.46 16.56
N LEU B 202 -4.21 -36.76 17.05
CA LEU B 202 -5.13 -37.35 18.03
C LEU B 202 -6.53 -37.47 17.45
N VAL B 203 -7.17 -38.61 17.67
CA VAL B 203 -8.50 -38.84 17.14
C VAL B 203 -9.30 -39.89 17.94
N GLY B 204 -10.62 -39.78 17.95
CA GLY B 204 -11.45 -40.74 18.65
C GLY B 204 -11.68 -41.94 17.75
N VAL B 205 -11.99 -43.10 18.30
CA VAL B 205 -12.23 -44.29 17.49
C VAL B 205 -13.37 -44.17 16.52
N GLY B 206 -14.31 -43.27 16.80
CA GLY B 206 -15.44 -43.08 15.91
C GLY B 206 -14.91 -42.70 14.54
N THR B 207 -13.81 -41.96 14.52
CA THR B 207 -13.20 -41.57 13.27
C THR B 207 -12.62 -42.79 12.56
N VAL B 208 -11.94 -43.65 13.32
CA VAL B 208 -11.35 -44.84 12.73
C VAL B 208 -12.43 -45.80 12.21
N LYS B 209 -13.52 -45.94 12.96
CA LYS B 209 -14.64 -46.82 12.55
C LYS B 209 -15.35 -46.31 11.29
N ALA B 210 -15.44 -45.00 11.19
CA ALA B 210 -16.11 -44.35 10.08
C ALA B 210 -15.23 -44.17 8.85
N ASP B 211 -14.11 -43.49 9.00
CA ASP B 211 -13.22 -43.22 7.87
C ASP B 211 -11.99 -44.12 7.74
N ASN B 212 -11.73 -44.97 8.73
CA ASN B 212 -10.58 -45.86 8.68
C ASN B 212 -9.39 -45.12 8.06
N PRO B 213 -9.09 -43.93 8.59
CA PRO B 213 -7.99 -43.10 8.09
C PRO B 213 -6.62 -43.69 8.29
N SER B 214 -5.66 -43.11 7.56
CA SER B 214 -4.27 -43.51 7.62
C SER B 214 -3.57 -42.63 8.65
N LEU B 215 -4.14 -41.46 8.91
CA LEU B 215 -3.61 -40.49 9.87
C LEU B 215 -2.13 -40.21 9.72
N THR B 216 -1.56 -40.61 8.60
CA THR B 216 -0.13 -40.40 8.32
C THR B 216 0.03 -39.22 7.38
N CYS B 217 1.19 -38.56 7.44
CA CYS B 217 1.46 -37.42 6.57
C CYS B 217 1.86 -37.82 5.15
N ARG B 218 1.20 -37.23 4.16
CA ARG B 218 1.48 -37.53 2.76
C ARG B 218 2.22 -36.40 2.03
N LEU B 219 3.08 -35.69 2.75
CA LEU B 219 3.86 -34.60 2.17
C LEU B 219 5.24 -35.12 1.76
N PRO B 220 6.08 -34.25 1.17
CA PRO B 220 7.44 -34.52 0.68
C PRO B 220 8.52 -34.98 1.67
N ASN B 221 8.91 -34.06 2.57
CA ASN B 221 9.97 -34.31 3.54
C ASN B 221 9.64 -35.38 4.60
N VAL B 222 9.27 -36.57 4.15
CA VAL B 222 8.95 -37.65 5.08
C VAL B 222 10.19 -38.12 5.81
N THR B 223 10.30 -37.79 7.10
CA THR B 223 11.47 -38.18 7.89
C THR B 223 11.12 -38.73 9.27
N LYS B 224 9.88 -38.57 9.70
CA LYS B 224 9.48 -39.04 11.02
C LYS B 224 7.98 -38.93 11.21
N GLN B 225 7.24 -39.95 10.81
CA GLN B 225 5.79 -39.96 10.95
C GLN B 225 5.38 -39.58 12.37
N PRO B 226 4.25 -38.88 12.52
CA PRO B 226 3.75 -38.45 13.83
C PRO B 226 3.04 -39.57 14.59
N VAL B 227 3.07 -39.49 15.92
CA VAL B 227 2.42 -40.50 16.76
C VAL B 227 0.90 -40.38 16.61
N ARG B 228 0.27 -41.49 16.25
CA ARG B 228 -1.17 -41.55 16.06
C ARG B 228 -1.85 -42.06 17.34
N VAL B 229 -2.52 -41.16 18.03
CA VAL B 229 -3.22 -41.49 19.26
C VAL B 229 -4.69 -41.77 18.97
N ILE B 230 -5.24 -42.75 19.66
CA ILE B 230 -6.64 -43.12 19.47
C ILE B 230 -7.34 -43.17 20.82
N LEU B 231 -8.44 -42.44 20.95
CA LEU B 231 -9.19 -42.45 22.19
C LEU B 231 -10.29 -43.50 22.01
N ASP B 232 -10.14 -44.63 22.71
CA ASP B 232 -11.09 -45.73 22.62
C ASP B 232 -11.53 -46.20 24.01
N THR B 233 -12.60 -45.62 24.54
CA THR B 233 -13.08 -45.99 25.86
C THR B 233 -13.26 -47.47 26.11
N VAL B 234 -13.98 -48.17 25.25
CA VAL B 234 -14.20 -49.59 25.46
C VAL B 234 -13.53 -50.51 24.42
N LEU B 235 -12.38 -50.07 23.91
CA LEU B 235 -11.58 -50.79 22.91
C LEU B 235 -12.40 -51.52 21.83
N SER B 236 -13.24 -50.75 21.13
CA SER B 236 -14.09 -51.28 20.07
C SER B 236 -13.47 -51.07 18.69
N ILE B 237 -12.26 -50.54 18.65
CA ILE B 237 -11.59 -50.28 17.37
C ILE B 237 -11.52 -51.54 16.50
N PRO B 238 -11.75 -51.39 15.18
CA PRO B 238 -11.70 -52.54 14.26
C PRO B 238 -10.28 -53.06 14.19
N GLU B 239 -10.10 -54.34 14.45
CA GLU B 239 -8.77 -54.93 14.45
C GLU B 239 -8.06 -54.95 13.10
N ASP B 240 -8.83 -54.74 12.02
CA ASP B 240 -8.28 -54.74 10.67
C ASP B 240 -7.91 -53.33 10.18
N ALA B 241 -8.22 -52.32 10.99
CA ALA B 241 -7.97 -50.92 10.65
C ALA B 241 -6.54 -50.58 10.26
N LYS B 242 -6.40 -49.62 9.35
CA LYS B 242 -5.10 -49.17 8.87
C LYS B 242 -4.19 -48.76 10.01
N VAL B 243 -4.72 -47.96 10.93
CA VAL B 243 -3.90 -47.50 12.05
C VAL B 243 -3.36 -48.65 12.91
N ILE B 244 -3.74 -49.88 12.58
CA ILE B 244 -3.28 -51.04 13.34
C ILE B 244 -2.47 -52.03 12.50
N CYS B 245 -2.79 -52.15 11.21
CA CYS B 245 -2.09 -53.07 10.33
C CYS B 245 -1.28 -52.43 9.21
N ASP B 246 -0.90 -51.16 9.35
CA ASP B 246 -0.14 -50.54 8.28
C ASP B 246 1.33 -50.37 8.62
N GLN B 247 1.66 -50.51 9.90
CA GLN B 247 3.05 -50.42 10.36
C GLN B 247 3.76 -49.13 9.94
N ILE B 248 3.04 -48.23 9.29
CA ILE B 248 3.62 -46.98 8.81
C ILE B 248 4.03 -46.04 9.93
N ALA B 249 3.25 -46.03 11.02
CA ALA B 249 3.56 -45.14 12.12
C ALA B 249 3.15 -45.67 13.50
N PRO B 250 3.71 -45.07 14.56
CA PRO B 250 3.41 -45.48 15.93
C PRO B 250 1.94 -45.25 16.24
N THR B 251 1.30 -46.24 16.87
CA THR B 251 -0.10 -46.10 17.24
C THR B 251 -0.27 -46.36 18.73
N TRP B 252 -0.84 -45.38 19.41
CA TRP B 252 -1.08 -45.44 20.85
C TRP B 252 -2.59 -45.33 21.06
N ILE B 253 -3.15 -46.24 21.86
CA ILE B 253 -4.58 -46.21 22.15
C ILE B 253 -4.79 -46.05 23.64
N PHE B 254 -5.83 -45.31 24.01
CA PHE B 254 -6.18 -45.11 25.41
C PHE B 254 -7.53 -45.72 25.70
N THR B 255 -7.61 -46.65 26.66
CA THR B 255 -8.88 -47.28 27.03
C THR B 255 -9.12 -47.17 28.53
N THR B 256 -9.98 -48.05 29.02
CA THR B 256 -10.32 -48.13 30.43
C THR B 256 -10.34 -49.63 30.74
N ALA B 257 -10.61 -49.99 31.99
CA ALA B 257 -10.64 -51.41 32.37
C ALA B 257 -11.74 -52.18 31.64
N ARG B 258 -12.67 -51.45 31.02
CA ARG B 258 -13.75 -52.08 30.27
C ARG B 258 -13.26 -52.68 28.96
N ALA B 259 -11.99 -52.48 28.66
CA ALA B 259 -11.40 -53.01 27.44
C ALA B 259 -11.18 -54.51 27.62
N ASP B 260 -11.44 -55.27 26.56
CA ASP B 260 -11.28 -56.72 26.56
C ASP B 260 -9.80 -57.14 26.57
N GLU B 261 -9.39 -57.80 27.65
CA GLU B 261 -8.03 -58.26 27.84
C GLU B 261 -7.43 -59.02 26.66
N GLU B 262 -8.13 -60.03 26.17
CA GLU B 262 -7.67 -60.82 25.03
C GLU B 262 -7.42 -59.90 23.83
N LYS B 263 -8.45 -59.16 23.45
CA LYS B 263 -8.35 -58.24 22.33
C LYS B 263 -7.18 -57.29 22.56
N LYS B 264 -7.03 -56.79 23.79
CA LYS B 264 -5.96 -55.88 24.11
C LYS B 264 -4.58 -56.52 23.93
N LYS B 265 -4.49 -57.83 24.09
CA LYS B 265 -3.23 -58.55 23.93
C LYS B 265 -2.96 -58.73 22.44
N ARG B 266 -4.00 -59.00 21.66
CA ARG B 266 -3.86 -59.18 20.22
C ARG B 266 -3.32 -57.91 19.55
N LEU B 267 -3.83 -56.76 19.99
CA LEU B 267 -3.43 -55.47 19.42
C LEU B 267 -1.97 -55.11 19.67
N SER B 268 -1.50 -55.28 20.89
CA SER B 268 -0.11 -54.96 21.19
C SER B 268 0.81 -55.91 20.42
N ALA B 269 0.26 -57.06 20.05
CA ALA B 269 1.01 -58.04 19.29
C ALA B 269 1.46 -57.43 17.96
N PHE B 270 0.72 -56.42 17.51
CA PHE B 270 1.01 -55.72 16.26
C PHE B 270 1.89 -54.48 16.47
N GLY B 271 2.27 -54.22 17.71
CA GLY B 271 3.09 -53.05 17.98
C GLY B 271 2.32 -51.87 18.54
N VAL B 272 1.01 -52.02 18.66
CA VAL B 272 0.18 -50.96 19.21
C VAL B 272 0.40 -50.86 20.72
N ASN B 273 0.60 -49.64 21.22
CA ASN B 273 0.80 -49.42 22.65
C ASN B 273 -0.47 -48.97 23.35
N ILE B 274 -1.00 -49.80 24.23
CA ILE B 274 -2.22 -49.45 24.94
C ILE B 274 -1.94 -48.80 26.30
N PHE B 275 -2.74 -47.78 26.62
CA PHE B 275 -2.62 -47.08 27.89
C PHE B 275 -3.98 -47.23 28.57
N THR B 276 -4.03 -48.03 29.64
CA THR B 276 -5.27 -48.24 30.35
C THR B 276 -5.43 -47.25 31.50
N LEU B 277 -6.40 -46.37 31.38
CA LEU B 277 -6.67 -45.37 32.40
C LEU B 277 -7.55 -45.93 33.52
N GLU B 278 -7.19 -45.60 34.76
CA GLU B 278 -7.91 -46.08 35.93
C GLU B 278 -9.22 -45.36 36.20
N THR B 279 -9.97 -45.08 35.14
CA THR B 279 -11.24 -44.40 35.27
C THR B 279 -12.29 -45.06 34.40
N GLU B 280 -13.47 -44.46 34.35
CA GLU B 280 -14.57 -45.00 33.57
C GLU B 280 -14.76 -44.29 32.24
N ARG B 281 -14.51 -42.98 32.21
CA ARG B 281 -14.65 -42.18 31.01
C ARG B 281 -13.36 -41.40 30.72
N ILE B 282 -12.62 -41.85 29.71
CA ILE B 282 -11.36 -41.22 29.33
C ILE B 282 -11.34 -39.71 29.57
N GLN B 283 -10.57 -39.28 30.57
CA GLN B 283 -10.45 -37.86 30.93
C GLN B 283 -9.36 -37.27 30.04
N ILE B 284 -9.65 -36.19 29.35
CA ILE B 284 -8.65 -35.58 28.47
C ILE B 284 -7.36 -35.19 29.19
N PRO B 285 -7.47 -34.51 30.34
CA PRO B 285 -6.30 -34.08 31.12
C PRO B 285 -5.33 -35.22 31.47
N ASP B 286 -5.85 -36.39 31.79
CA ASP B 286 -4.97 -37.51 32.11
C ASP B 286 -4.27 -37.99 30.85
N VAL B 287 -4.95 -37.87 29.72
CA VAL B 287 -4.38 -38.31 28.46
C VAL B 287 -3.20 -37.41 28.08
N LEU B 288 -3.37 -36.10 28.27
CA LEU B 288 -2.32 -35.15 27.94
C LEU B 288 -1.10 -35.38 28.82
N LYS B 289 -1.32 -35.45 30.13
CA LYS B 289 -0.21 -35.66 31.04
C LYS B 289 0.61 -36.87 30.63
N ILE B 290 -0.07 -37.98 30.33
CA ILE B 290 0.63 -39.20 29.92
C ILE B 290 1.43 -39.02 28.63
N LEU B 291 0.88 -38.26 27.68
CA LEU B 291 1.55 -38.02 26.42
C LEU B 291 2.79 -37.19 26.68
N ALA B 292 2.66 -36.20 27.55
CA ALA B 292 3.79 -35.36 27.89
C ALA B 292 4.89 -36.21 28.51
N GLU B 293 4.50 -37.11 29.42
CA GLU B 293 5.48 -37.95 30.10
C GLU B 293 6.18 -38.97 29.18
N GLU B 294 5.58 -39.25 28.02
CA GLU B 294 6.18 -40.21 27.10
C GLU B 294 7.07 -39.51 26.07
N GLY B 295 7.04 -38.18 26.09
CA GLY B 295 7.86 -37.42 25.17
C GLY B 295 7.13 -36.67 24.07
N ILE B 296 5.79 -36.67 24.12
CA ILE B 296 5.01 -35.98 23.10
C ILE B 296 4.86 -34.52 23.50
N MET B 297 5.47 -33.63 22.72
CA MET B 297 5.41 -32.21 23.02
C MET B 297 4.25 -31.46 22.35
N SER B 298 3.71 -32.04 21.28
CA SER B 298 2.62 -31.41 20.55
C SER B 298 1.61 -32.42 20.05
N VAL B 299 0.35 -32.03 20.10
CA VAL B 299 -0.72 -32.91 19.65
C VAL B 299 -1.74 -32.15 18.78
N TYR B 300 -1.97 -32.72 17.59
CA TYR B 300 -2.88 -32.18 16.60
C TYR B 300 -4.17 -33.02 16.69
N VAL B 301 -5.18 -32.47 17.36
CA VAL B 301 -6.45 -33.19 17.54
C VAL B 301 -7.29 -32.98 16.29
N GLU B 302 -7.35 -34.00 15.47
CA GLU B 302 -8.07 -33.91 14.22
C GLU B 302 -9.55 -34.19 14.24
N GLY B 303 -9.97 -35.28 14.88
CA GLY B 303 -11.34 -35.74 14.73
C GLY B 303 -12.15 -36.11 15.97
N GLY B 304 -13.46 -35.93 15.84
CA GLY B 304 -14.43 -36.34 16.82
C GLY B 304 -14.99 -35.04 17.32
N SER B 305 -16.14 -34.63 16.80
CA SER B 305 -16.74 -33.39 17.31
C SER B 305 -16.93 -33.59 18.82
N ALA B 306 -17.14 -34.83 19.25
CA ALA B 306 -17.29 -35.15 20.67
C ALA B 306 -15.92 -34.97 21.34
N VAL B 307 -14.89 -35.46 20.66
CA VAL B 307 -13.52 -35.33 21.14
C VAL B 307 -13.15 -33.85 21.27
N HIS B 308 -13.46 -33.05 20.26
CA HIS B 308 -13.19 -31.63 20.34
C HIS B 308 -13.97 -31.06 21.53
N GLY B 309 -15.17 -31.56 21.73
CA GLY B 309 -16.01 -31.10 22.83
C GLY B 309 -15.36 -31.29 24.18
N SER B 310 -14.76 -32.46 24.37
CA SER B 310 -14.08 -32.76 25.63
C SER B 310 -12.91 -31.80 25.82
N PHE B 311 -12.18 -31.53 24.73
CA PHE B 311 -11.04 -30.63 24.77
C PHE B 311 -11.45 -29.21 25.08
N VAL B 312 -12.51 -28.74 24.44
CA VAL B 312 -12.97 -27.38 24.63
C VAL B 312 -13.60 -27.18 26.02
N LYS B 313 -14.29 -28.21 26.50
CA LYS B 313 -14.95 -28.14 27.79
C LYS B 313 -13.97 -28.13 28.98
N GLU B 314 -12.83 -28.79 28.80
CA GLU B 314 -11.81 -28.87 29.84
C GLU B 314 -10.73 -27.83 29.67
N GLY B 315 -10.85 -27.02 28.61
CA GLY B 315 -9.85 -25.99 28.37
C GLY B 315 -8.46 -26.53 28.09
N CYS B 316 -8.37 -27.58 27.30
CA CYS B 316 -7.08 -28.17 26.98
C CYS B 316 -6.62 -27.90 25.56
N PHE B 317 -6.74 -26.66 25.10
CA PHE B 317 -6.33 -26.34 23.74
C PHE B 317 -5.65 -24.98 23.68
N GLN B 318 -4.59 -24.91 22.88
CA GLN B 318 -3.85 -23.66 22.72
C GLN B 318 -4.24 -22.97 21.41
N GLU B 319 -4.63 -23.77 20.43
CA GLU B 319 -4.98 -23.27 19.10
C GLU B 319 -6.19 -23.98 18.49
N ILE B 320 -7.06 -23.19 17.88
CA ILE B 320 -8.27 -23.67 17.23
C ILE B 320 -8.18 -23.30 15.74
N ILE B 321 -8.39 -24.28 14.87
CA ILE B 321 -8.31 -24.06 13.42
C ILE B 321 -9.49 -24.66 12.65
N PHE B 322 -10.37 -23.77 12.18
CA PHE B 322 -11.56 -24.16 11.41
C PHE B 322 -11.49 -23.71 9.93
N TYR B 323 -11.86 -24.62 9.04
CA TYR B 323 -11.90 -24.35 7.61
C TYR B 323 -13.38 -24.30 7.21
N PHE B 324 -13.82 -23.14 6.72
CA PHE B 324 -15.22 -23.02 6.31
C PHE B 324 -15.36 -23.03 4.79
N ALA B 325 -16.29 -23.85 4.32
CA ALA B 325 -16.55 -23.97 2.90
C ALA B 325 -17.75 -23.12 2.52
N PRO B 326 -17.72 -22.52 1.32
CA PRO B 326 -18.83 -21.69 0.86
C PRO B 326 -20.00 -22.58 0.45
N LYS B 327 -20.57 -23.28 1.43
CA LYS B 327 -21.71 -24.17 1.20
C LYS B 327 -22.56 -24.14 2.45
N LEU B 328 -23.84 -24.44 2.28
CA LEU B 328 -24.75 -24.47 3.40
C LEU B 328 -25.39 -25.85 3.40
N ILE B 329 -25.23 -26.59 4.51
CA ILE B 329 -25.79 -27.94 4.61
C ILE B 329 -27.19 -27.94 5.19
N GLY B 330 -27.39 -27.21 6.29
CA GLY B 330 -28.68 -27.18 6.92
C GLY B 330 -29.02 -28.54 7.49
N GLY B 331 -30.18 -28.65 8.12
CA GLY B 331 -30.58 -29.92 8.69
C GLY B 331 -30.56 -29.89 10.19
N THR B 332 -31.73 -30.05 10.80
CA THR B 332 -31.85 -30.03 12.25
C THR B 332 -30.98 -31.07 12.91
N HIS B 333 -30.89 -32.24 12.26
CA HIS B 333 -30.09 -33.34 12.77
C HIS B 333 -28.73 -33.50 12.12
N ALA B 334 -28.24 -32.47 11.44
CA ALA B 334 -26.94 -32.59 10.83
C ALA B 334 -25.92 -32.32 11.93
N PRO B 335 -24.87 -33.15 12.01
CA PRO B 335 -23.82 -33.01 13.02
C PRO B 335 -23.07 -31.69 12.96
N SER B 336 -23.05 -31.00 14.09
CA SER B 336 -22.39 -29.72 14.17
C SER B 336 -20.93 -29.85 14.62
N LEU B 337 -20.18 -28.74 14.51
CA LEU B 337 -18.78 -28.69 14.86
C LEU B 337 -18.38 -29.19 16.25
N ILE B 338 -19.11 -28.80 17.29
CA ILE B 338 -18.75 -29.22 18.65
C ILE B 338 -19.85 -29.95 19.45
N SER B 339 -19.69 -31.27 19.60
CA SER B 339 -20.64 -32.09 20.34
C SER B 339 -20.28 -32.11 21.82
N GLY B 340 -20.99 -32.94 22.59
CA GLY B 340 -20.69 -33.08 24.00
C GLY B 340 -21.51 -32.19 24.94
N GLU B 341 -21.00 -32.01 26.16
CA GLU B 341 -21.68 -31.20 27.15
C GLU B 341 -21.99 -29.78 26.69
N GLY B 342 -20.95 -28.97 26.46
CA GLY B 342 -21.16 -27.60 26.05
C GLY B 342 -21.35 -26.65 27.23
N PHE B 343 -21.38 -25.35 26.96
CA PHE B 343 -21.54 -24.38 28.04
C PHE B 343 -22.99 -23.95 28.25
N GLN B 344 -23.44 -24.08 29.51
CA GLN B 344 -24.79 -23.75 29.91
C GLN B 344 -25.29 -22.37 29.47
N SER B 345 -24.57 -21.33 29.87
CA SER B 345 -24.96 -19.98 29.49
C SER B 345 -23.74 -19.14 29.10
N MET B 346 -23.96 -18.15 28.26
CA MET B 346 -22.92 -17.27 27.77
C MET B 346 -21.87 -16.80 28.78
N LYS B 347 -22.28 -16.45 29.98
CA LYS B 347 -21.33 -15.97 30.98
C LYS B 347 -20.23 -17.00 31.29
N ASP B 348 -20.49 -18.26 30.96
CA ASP B 348 -19.50 -19.32 31.21
C ASP B 348 -18.65 -19.68 29.99
N VAL B 349 -19.01 -19.17 28.81
CA VAL B 349 -18.23 -19.49 27.62
C VAL B 349 -17.00 -18.60 27.51
N PRO B 350 -15.81 -19.22 27.47
CA PRO B 350 -14.51 -18.55 27.36
C PRO B 350 -14.38 -17.71 26.11
N LEU B 351 -13.57 -16.66 26.21
CA LEU B 351 -13.34 -15.76 25.10
C LEU B 351 -12.01 -16.13 24.44
N LEU B 352 -12.01 -16.09 23.12
CA LEU B 352 -10.83 -16.38 22.34
C LEU B 352 -10.60 -15.17 21.47
N GLN B 353 -9.49 -15.16 20.76
CA GLN B 353 -9.21 -14.06 19.87
C GLN B 353 -8.78 -14.66 18.57
N PHE B 354 -9.22 -14.07 17.46
CA PHE B 354 -8.84 -14.58 16.15
C PHE B 354 -7.39 -14.21 15.92
N THR B 355 -6.58 -15.17 15.50
CA THR B 355 -5.16 -14.93 15.24
C THR B 355 -4.89 -14.74 13.76
N ASP B 356 -5.61 -15.47 12.93
CA ASP B 356 -5.41 -15.39 11.49
C ASP B 356 -6.65 -15.73 10.67
N ILE B 357 -6.94 -14.88 9.70
CA ILE B 357 -8.06 -15.06 8.80
C ILE B 357 -7.43 -15.07 7.41
N THR B 358 -7.49 -16.20 6.72
CA THR B 358 -6.92 -16.27 5.38
C THR B 358 -7.63 -17.26 4.48
N GLN B 359 -7.84 -16.87 3.22
CA GLN B 359 -8.53 -17.74 2.28
C GLN B 359 -7.60 -18.74 1.62
N ILE B 360 -8.08 -19.96 1.46
CA ILE B 360 -7.33 -21.03 0.84
C ILE B 360 -8.24 -21.65 -0.20
N GLY B 361 -8.05 -21.23 -1.44
CA GLY B 361 -8.91 -21.73 -2.50
C GLY B 361 -10.22 -21.01 -2.30
N ARG B 362 -11.33 -21.74 -2.37
CA ARG B 362 -12.64 -21.14 -2.17
C ARG B 362 -13.05 -21.18 -0.71
N ASP B 363 -12.18 -21.71 0.14
CA ASP B 363 -12.48 -21.83 1.57
C ASP B 363 -11.86 -20.72 2.44
N ILE B 364 -12.37 -20.58 3.65
CA ILE B 364 -11.86 -19.59 4.59
C ILE B 364 -11.32 -20.34 5.79
N LYS B 365 -10.14 -19.94 6.25
CA LYS B 365 -9.50 -20.57 7.38
C LYS B 365 -9.38 -19.60 8.54
N LEU B 366 -10.12 -19.88 9.60
CA LEU B 366 -10.10 -19.01 10.78
C LEU B 366 -9.38 -19.71 11.90
N THR B 367 -8.41 -19.03 12.49
CA THR B 367 -7.66 -19.60 13.59
C THR B 367 -7.74 -18.67 14.79
N ALA B 368 -8.07 -19.22 15.95
CA ALA B 368 -8.18 -18.42 17.15
C ALA B 368 -7.48 -19.10 18.30
N LYS B 369 -7.18 -18.35 19.35
CA LYS B 369 -6.49 -18.91 20.49
C LYS B 369 -7.08 -18.42 21.80
N PRO B 370 -6.86 -19.17 22.89
CA PRO B 370 -7.38 -18.76 24.19
C PRO B 370 -6.93 -17.35 24.50
N THR B 371 -7.73 -16.63 25.27
CA THR B 371 -7.40 -15.26 25.62
C THR B 371 -7.17 -15.09 27.13
N GLY C 11 -16.18 13.81 9.36
CA GLY C 11 -17.08 12.63 9.49
C GLY C 11 -18.51 13.02 9.80
N SER C 12 -18.84 14.29 9.61
CA SER C 12 -20.20 14.79 9.87
C SER C 12 -20.90 15.11 8.55
N MET C 13 -22.24 15.11 8.58
CA MET C 13 -23.01 15.42 7.39
C MET C 13 -22.75 16.87 7.00
N GLU C 14 -22.61 17.71 8.02
CA GLU C 14 -22.34 19.13 7.83
C GLU C 14 -21.26 19.35 6.78
N GLU C 15 -20.12 18.69 6.94
CA GLU C 15 -19.02 18.85 6.00
C GLU C 15 -19.02 17.90 4.81
N TYR C 16 -19.93 16.93 4.80
CA TYR C 16 -20.00 16.03 3.66
C TYR C 16 -20.64 16.83 2.54
N TYR C 17 -21.69 17.57 2.89
CA TYR C 17 -22.41 18.41 1.94
C TYR C 17 -21.49 19.46 1.33
N MET C 18 -20.60 20.00 2.13
CA MET C 18 -19.67 21.00 1.63
C MET C 18 -18.63 20.35 0.74
N LYS C 19 -18.23 19.12 1.07
CA LYS C 19 -17.24 18.45 0.24
C LYS C 19 -17.89 18.24 -1.13
N LEU C 20 -19.18 17.90 -1.11
CA LEU C 20 -19.94 17.70 -2.32
C LEU C 20 -19.97 18.98 -3.14
N ALA C 21 -20.31 20.08 -2.49
CA ALA C 21 -20.38 21.35 -3.20
C ALA C 21 -19.03 21.63 -3.85
N LEU C 22 -17.96 21.30 -3.13
CA LEU C 22 -16.61 21.51 -3.61
C LEU C 22 -16.38 20.66 -4.85
N ASP C 23 -16.81 19.40 -4.80
CA ASP C 23 -16.66 18.52 -5.94
C ASP C 23 -17.49 19.03 -7.11
N LEU C 24 -18.69 19.53 -6.85
CA LEU C 24 -19.53 20.05 -7.92
C LEU C 24 -18.78 21.21 -8.60
N ALA C 25 -18.26 22.11 -7.78
CA ALA C 25 -17.54 23.29 -8.28
C ALA C 25 -16.34 22.92 -9.15
N LYS C 26 -15.67 21.84 -8.80
CA LYS C 26 -14.50 21.37 -9.54
C LYS C 26 -14.85 21.08 -11.01
N GLN C 27 -16.12 20.75 -11.27
CA GLN C 27 -16.57 20.44 -12.62
C GLN C 27 -16.57 21.59 -13.62
N GLY C 28 -16.39 22.82 -13.14
CA GLY C 28 -16.37 23.96 -14.03
C GLY C 28 -14.95 24.45 -14.29
N GLU C 29 -13.98 23.63 -13.90
CA GLU C 29 -12.60 24.01 -14.08
C GLU C 29 -12.29 24.30 -15.54
N GLY C 30 -11.69 25.46 -15.78
CA GLY C 30 -11.31 25.86 -17.12
C GLY C 30 -12.47 26.24 -18.03
N GLN C 31 -13.61 26.52 -17.41
CA GLN C 31 -14.77 27.12 -18.06
C GLN C 31 -15.14 28.41 -17.35
N THR C 32 -14.65 28.53 -16.12
CA THR C 32 -14.85 29.72 -15.30
C THR C 32 -14.20 30.96 -15.91
N GLU C 33 -13.01 30.79 -16.48
CA GLU C 33 -12.24 31.94 -16.91
C GLU C 33 -11.98 32.81 -15.69
N SER C 34 -12.30 34.10 -15.79
CA SER C 34 -12.07 35.01 -14.68
C SER C 34 -12.85 34.59 -13.44
N ASN C 35 -14.07 34.11 -13.64
CA ASN C 35 -14.93 33.77 -12.51
C ASN C 35 -14.39 32.59 -11.70
N PRO C 36 -14.65 32.59 -10.40
CA PRO C 36 -14.17 31.51 -9.55
C PRO C 36 -15.07 30.28 -9.65
N LEU C 37 -14.51 29.10 -9.40
CA LEU C 37 -15.29 27.88 -9.43
C LEU C 37 -16.05 27.86 -8.12
N VAL C 38 -17.36 27.66 -8.20
CA VAL C 38 -18.19 27.62 -7.01
C VAL C 38 -19.21 26.49 -7.11
N GLY C 39 -19.59 25.94 -5.96
CA GLY C 39 -20.55 24.86 -5.95
C GLY C 39 -21.55 25.09 -4.84
N ALA C 40 -22.77 24.61 -5.03
CA ALA C 40 -23.81 24.78 -4.01
C ALA C 40 -24.70 23.55 -3.89
N VAL C 41 -24.99 23.16 -2.66
CA VAL C 41 -25.83 22.00 -2.39
C VAL C 41 -27.01 22.39 -1.50
N VAL C 42 -28.22 22.20 -2.00
CA VAL C 42 -29.43 22.50 -1.22
C VAL C 42 -29.90 21.24 -0.50
N VAL C 43 -30.08 21.35 0.82
CA VAL C 43 -30.51 20.21 1.63
C VAL C 43 -31.79 20.48 2.41
N LYS C 44 -32.86 19.79 2.02
CA LYS C 44 -34.16 19.93 2.66
C LYS C 44 -34.54 18.70 3.48
N ASP C 45 -34.79 18.89 4.77
CA ASP C 45 -35.17 17.80 5.65
C ASP C 45 -34.26 16.58 5.49
N GLY C 46 -32.96 16.79 5.59
CA GLY C 46 -32.02 15.69 5.48
C GLY C 46 -31.81 15.11 4.09
N GLN C 47 -32.29 15.78 3.05
CA GLN C 47 -32.12 15.25 1.70
C GLN C 47 -31.56 16.22 0.68
N ILE C 48 -30.72 15.70 -0.21
CA ILE C 48 -30.11 16.49 -1.27
C ILE C 48 -31.18 16.74 -2.32
N VAL C 49 -31.73 17.96 -2.31
CA VAL C 49 -32.79 18.34 -3.24
C VAL C 49 -32.31 19.20 -4.39
N GLY C 50 -31.09 19.71 -4.28
CA GLY C 50 -30.55 20.55 -5.33
C GLY C 50 -29.03 20.62 -5.33
N MET C 51 -28.46 20.78 -6.52
CA MET C 51 -27.02 20.87 -6.67
C MET C 51 -26.69 21.81 -7.83
N GLY C 52 -25.56 22.51 -7.72
CA GLY C 52 -25.16 23.43 -8.76
C GLY C 52 -23.71 23.82 -8.70
N ALA C 53 -23.23 24.41 -9.79
CA ALA C 53 -21.85 24.86 -9.87
C ALA C 53 -21.78 25.86 -11.01
N HIS C 54 -20.79 26.75 -10.96
CA HIS C 54 -20.62 27.72 -12.02
C HIS C 54 -19.93 27.01 -13.17
N LEU C 55 -20.65 26.76 -14.26
CA LEU C 55 -20.05 26.07 -15.40
C LEU C 55 -19.56 26.98 -16.51
N LYS C 56 -20.18 28.12 -16.70
CA LYS C 56 -19.73 29.00 -17.77
C LYS C 56 -19.66 30.46 -17.41
N TYR C 57 -18.71 31.14 -18.03
CA TYR C 57 -18.48 32.55 -17.80
C TYR C 57 -19.68 33.38 -18.20
N GLY C 58 -19.99 34.39 -17.40
CA GLY C 58 -21.11 35.24 -17.72
C GLY C 58 -22.45 34.55 -17.56
N GLU C 59 -22.44 33.29 -17.15
CA GLU C 59 -23.69 32.57 -16.96
C GLU C 59 -24.04 32.39 -15.49
N ALA C 60 -25.12 31.64 -15.24
CA ALA C 60 -25.61 31.42 -13.89
C ALA C 60 -24.62 30.92 -12.84
N HIS C 61 -24.74 31.49 -11.65
CA HIS C 61 -23.90 31.11 -10.51
C HIS C 61 -24.42 29.81 -9.93
N ALA C 62 -23.59 29.18 -9.08
CA ALA C 62 -23.93 27.92 -8.45
C ALA C 62 -25.28 27.92 -7.73
N GLU C 63 -25.51 28.96 -6.96
CA GLU C 63 -26.75 29.04 -6.20
C GLU C 63 -28.00 29.00 -7.07
N VAL C 64 -27.89 29.55 -8.28
CA VAL C 64 -29.02 29.59 -9.19
C VAL C 64 -29.42 28.18 -9.59
N HIS C 65 -28.52 27.48 -10.26
CA HIS C 65 -28.79 26.12 -10.70
C HIS C 65 -29.36 25.31 -9.56
N ALA C 66 -28.66 25.32 -8.42
CA ALA C 66 -29.08 24.55 -7.25
C ALA C 66 -30.48 24.88 -6.72
N ILE C 67 -30.79 26.16 -6.55
CA ILE C 67 -32.10 26.55 -6.06
C ILE C 67 -33.20 26.17 -7.05
N HIS C 68 -32.93 26.33 -8.35
CA HIS C 68 -33.91 25.97 -9.35
C HIS C 68 -34.25 24.49 -9.25
N MET C 69 -33.21 23.66 -9.24
CA MET C 69 -33.34 22.21 -9.14
C MET C 69 -34.05 21.82 -7.85
N ALA C 70 -33.87 22.62 -6.81
CA ALA C 70 -34.49 22.36 -5.53
C ALA C 70 -35.99 22.65 -5.56
N GLY C 71 -36.42 23.38 -6.59
CA GLY C 71 -37.82 23.71 -6.73
C GLY C 71 -38.48 24.18 -5.45
N ALA C 72 -39.61 23.57 -5.11
CA ALA C 72 -40.35 23.94 -3.91
C ALA C 72 -39.70 23.43 -2.64
N HIS C 73 -38.76 22.50 -2.76
CA HIS C 73 -38.09 21.97 -1.58
C HIS C 73 -37.12 22.96 -0.97
N ALA C 74 -36.94 24.10 -1.63
CA ALA C 74 -36.02 25.14 -1.15
C ALA C 74 -36.59 25.86 0.06
N GLU C 75 -37.92 25.87 0.16
CA GLU C 75 -38.61 26.52 1.26
C GLU C 75 -38.22 25.91 2.60
N GLY C 76 -37.53 26.70 3.43
CA GLY C 76 -37.12 26.23 4.74
C GLY C 76 -36.01 25.19 4.70
N ALA C 77 -35.15 25.28 3.70
CA ALA C 77 -34.05 24.33 3.58
C ALA C 77 -32.73 25.00 3.87
N ASP C 78 -31.66 24.20 3.89
CA ASP C 78 -30.31 24.71 4.09
C ASP C 78 -29.62 24.72 2.72
N ILE C 79 -28.47 25.37 2.66
CA ILE C 79 -27.70 25.41 1.42
C ILE C 79 -26.23 25.58 1.77
N TYR C 80 -25.39 24.73 1.19
CA TYR C 80 -23.96 24.80 1.45
C TYR C 80 -23.29 25.38 0.22
N VAL C 81 -22.57 26.48 0.40
CA VAL C 81 -21.87 27.14 -0.71
C VAL C 81 -20.38 27.21 -0.42
N THR C 82 -19.57 27.02 -1.46
CA THR C 82 -18.13 27.05 -1.30
C THR C 82 -17.60 28.48 -1.30
N LEU C 83 -18.50 29.44 -1.50
CA LEU C 83 -18.11 30.84 -1.51
C LEU C 83 -19.27 31.74 -1.11
N GLU C 84 -18.95 32.85 -0.45
CA GLU C 84 -19.98 33.78 -0.03
C GLU C 84 -20.85 34.20 -1.20
N PRO C 85 -22.17 34.08 -1.05
CA PRO C 85 -23.12 34.45 -2.10
C PRO C 85 -22.98 35.92 -2.47
N CYS C 86 -22.75 36.19 -3.75
CA CYS C 86 -22.60 37.56 -4.22
C CYS C 86 -23.84 38.41 -3.92
N SER C 87 -23.60 39.69 -3.63
CA SER C 87 -24.65 40.64 -3.30
C SER C 87 -24.61 41.85 -4.23
N HIS C 88 -23.70 41.79 -5.21
CA HIS C 88 -23.54 42.87 -6.19
C HIS C 88 -24.16 42.48 -7.53
N TYR C 89 -24.27 43.46 -8.43
CA TYR C 89 -24.84 43.22 -9.75
C TYR C 89 -23.77 43.23 -10.85
N GLY C 90 -23.14 42.09 -11.05
CA GLY C 90 -22.11 42.00 -12.09
C GLY C 90 -22.73 41.52 -13.39
N LYS C 91 -22.28 40.37 -13.87
CA LYS C 91 -22.80 39.80 -15.10
C LYS C 91 -24.16 39.14 -14.80
N THR C 92 -24.40 38.90 -13.51
CA THR C 92 -25.65 38.28 -13.05
C THR C 92 -26.04 38.91 -11.71
N PRO C 93 -27.35 38.92 -11.40
CA PRO C 93 -27.86 39.51 -10.14
C PRO C 93 -27.34 38.82 -8.86
N PRO C 94 -27.73 39.34 -7.67
CA PRO C 94 -27.34 38.83 -6.35
C PRO C 94 -27.98 37.51 -5.92
N CYS C 95 -27.14 36.52 -5.65
CA CYS C 95 -27.61 35.21 -5.22
C CYS C 95 -28.05 35.28 -3.77
N ALA C 96 -27.48 36.22 -3.03
CA ALA C 96 -27.84 36.42 -1.64
C ALA C 96 -29.31 36.85 -1.61
N GLU C 97 -29.72 37.59 -2.64
CA GLU C 97 -31.10 38.04 -2.75
C GLU C 97 -31.92 36.78 -2.96
N LEU C 98 -31.48 36.00 -3.95
CA LEU C 98 -32.13 34.74 -4.32
C LEU C 98 -32.33 33.82 -3.11
N ILE C 99 -31.26 33.58 -2.35
CA ILE C 99 -31.34 32.70 -1.18
C ILE C 99 -32.50 33.11 -0.28
N ILE C 100 -32.53 34.40 0.04
CA ILE C 100 -33.56 34.98 0.89
C ILE C 100 -34.96 34.71 0.36
N ASN C 101 -35.23 35.24 -0.83
CA ASN C 101 -36.53 35.09 -1.47
C ASN C 101 -36.97 33.64 -1.68
N SER C 102 -36.06 32.70 -1.51
CA SER C 102 -36.36 31.29 -1.72
C SER C 102 -36.95 30.60 -0.49
N GLY C 103 -36.82 31.22 0.67
CA GLY C 103 -37.35 30.62 1.88
C GLY C 103 -36.31 29.83 2.64
N ILE C 104 -35.11 29.77 2.10
CA ILE C 104 -34.01 29.05 2.74
C ILE C 104 -33.68 29.76 4.05
N LYS C 105 -33.58 28.99 5.13
CA LYS C 105 -33.29 29.58 6.43
C LYS C 105 -31.84 29.54 6.92
N ARG C 106 -31.11 28.44 6.70
CA ARG C 106 -29.71 28.39 7.13
C ARG C 106 -28.82 28.42 5.90
N VAL C 107 -27.57 28.87 6.09
CA VAL C 107 -26.63 28.98 4.99
C VAL C 107 -25.19 28.71 5.44
N PHE C 108 -24.56 27.70 4.86
CA PHE C 108 -23.19 27.37 5.24
C PHE C 108 -22.21 27.82 4.17
N VAL C 109 -21.44 28.86 4.49
CA VAL C 109 -20.44 29.40 3.58
C VAL C 109 -19.08 28.85 4.00
N ALA C 110 -18.29 28.41 3.03
CA ALA C 110 -16.96 27.86 3.34
C ALA C 110 -15.92 28.93 3.59
N MET C 111 -16.02 30.04 2.86
CA MET C 111 -15.07 31.14 3.00
C MET C 111 -15.68 32.42 2.43
N ARG C 112 -15.29 33.56 3.00
CA ARG C 112 -15.82 34.84 2.56
C ARG C 112 -15.16 35.28 1.27
N ASP C 113 -15.82 36.22 0.58
CA ASP C 113 -15.33 36.74 -0.68
C ASP C 113 -14.05 37.55 -0.50
N PRO C 114 -13.16 37.52 -1.50
CA PRO C 114 -11.90 38.24 -1.46
C PRO C 114 -11.97 39.75 -1.73
N ASN C 115 -12.85 40.17 -2.66
CA ASN C 115 -12.99 41.60 -2.97
C ASN C 115 -13.40 42.36 -1.71
N PRO C 116 -12.43 42.98 -1.00
CA PRO C 116 -12.70 43.74 0.24
C PRO C 116 -13.98 44.59 0.26
N LEU C 117 -14.17 45.41 -0.77
CA LEU C 117 -15.37 46.26 -0.85
C LEU C 117 -16.61 45.41 -1.09
N VAL C 118 -16.48 44.43 -1.98
CA VAL C 118 -17.60 43.56 -2.36
C VAL C 118 -17.77 42.37 -1.40
N ALA C 119 -16.84 42.22 -0.45
CA ALA C 119 -16.90 41.13 0.51
C ALA C 119 -17.73 41.52 1.72
N GLY C 120 -17.92 40.57 2.63
CA GLY C 120 -18.71 40.81 3.82
C GLY C 120 -20.18 41.08 3.60
N ARG C 121 -20.50 41.92 2.61
CA ARG C 121 -21.88 42.26 2.30
C ARG C 121 -22.79 41.03 2.22
N GLY C 122 -22.43 40.09 1.35
CA GLY C 122 -23.22 38.88 1.18
C GLY C 122 -23.69 38.30 2.49
N ILE C 123 -22.75 37.92 3.36
CA ILE C 123 -23.05 37.37 4.67
C ILE C 123 -23.98 38.28 5.46
N SER C 124 -23.76 39.59 5.34
CA SER C 124 -24.56 40.59 6.03
C SER C 124 -25.97 40.70 5.44
N MET C 125 -26.02 40.83 4.12
CA MET C 125 -27.27 40.95 3.39
C MET C 125 -28.23 39.83 3.83
N MET C 126 -27.70 38.60 3.90
CA MET C 126 -28.51 37.46 4.32
C MET C 126 -28.90 37.55 5.77
N LYS C 127 -27.91 37.63 6.66
CA LYS C 127 -28.17 37.72 8.09
C LYS C 127 -29.25 38.76 8.41
N GLU C 128 -29.33 39.78 7.57
CA GLU C 128 -30.30 40.85 7.76
C GLU C 128 -31.73 40.36 7.52
N ALA C 129 -31.87 39.19 6.91
CA ALA C 129 -33.18 38.63 6.63
C ALA C 129 -33.60 37.55 7.62
N GLY C 130 -32.74 37.25 8.59
CA GLY C 130 -33.08 36.23 9.58
C GLY C 130 -32.45 34.89 9.29
N ILE C 131 -31.67 34.85 8.23
CA ILE C 131 -31.00 33.61 7.81
C ILE C 131 -29.82 33.33 8.73
N GLU C 132 -29.76 32.12 9.29
CA GLU C 132 -28.63 31.77 10.16
C GLU C 132 -27.48 31.44 9.23
N VAL C 133 -26.41 32.23 9.30
CA VAL C 133 -25.26 32.03 8.44
C VAL C 133 -24.01 31.50 9.15
N ARG C 134 -23.77 30.20 9.02
CA ARG C 134 -22.60 29.56 9.60
C ARG C 134 -21.52 29.61 8.54
N GLU C 135 -20.25 29.75 8.94
CA GLU C 135 -19.18 29.84 7.94
C GLU C 135 -17.81 29.39 8.42
N GLY C 136 -17.12 28.66 7.54
CA GLY C 136 -15.78 28.16 7.83
C GLY C 136 -15.58 26.73 7.39
N ILE C 137 -16.67 26.00 7.18
CA ILE C 137 -16.59 24.61 6.76
C ILE C 137 -15.68 24.39 5.55
N LEU C 138 -14.73 23.47 5.69
CA LEU C 138 -13.80 23.13 4.63
C LEU C 138 -13.16 24.33 3.95
N ALA C 139 -13.02 25.43 4.69
CA ALA C 139 -12.41 26.65 4.16
C ALA C 139 -11.03 26.32 3.56
N ASP C 140 -10.40 25.28 4.08
CA ASP C 140 -9.09 24.85 3.59
C ASP C 140 -9.16 24.46 2.12
N GLN C 141 -10.07 23.52 1.82
CA GLN C 141 -10.23 23.04 0.46
C GLN C 141 -10.73 24.14 -0.47
N ALA C 142 -11.67 24.94 0.01
CA ALA C 142 -12.22 26.03 -0.78
C ALA C 142 -11.11 26.98 -1.21
N GLU C 143 -10.07 27.05 -0.40
CA GLU C 143 -8.95 27.94 -0.68
C GLU C 143 -8.09 27.50 -1.86
N ARG C 144 -7.86 26.19 -2.00
CA ARG C 144 -7.05 25.66 -3.10
C ARG C 144 -7.82 25.64 -4.41
N LEU C 145 -9.13 25.54 -4.28
CA LEU C 145 -10.03 25.51 -5.42
C LEU C 145 -9.81 26.70 -6.34
N ASN C 146 -9.67 27.87 -5.75
CA ASN C 146 -9.47 29.09 -6.53
C ASN C 146 -8.19 29.86 -6.15
N GLU C 147 -7.11 29.12 -5.92
CA GLU C 147 -5.84 29.72 -5.51
C GLU C 147 -5.46 31.01 -6.22
N LYS C 148 -5.37 31.00 -7.54
CA LYS C 148 -5.01 32.20 -8.27
C LYS C 148 -5.99 33.35 -8.05
N PHE C 149 -7.28 33.09 -8.26
CA PHE C 149 -8.32 34.11 -8.08
C PHE C 149 -8.24 34.80 -6.71
N LEU C 150 -8.21 34.03 -5.64
CA LEU C 150 -8.11 34.61 -4.30
C LEU C 150 -6.85 35.47 -4.16
N HIS C 151 -5.74 34.99 -4.71
CA HIS C 151 -4.52 35.75 -4.59
C HIS C 151 -4.70 37.15 -5.18
N PHE C 152 -5.10 37.19 -6.45
CA PHE C 152 -5.35 38.43 -7.17
C PHE C 152 -6.25 39.42 -6.43
N MET C 153 -7.37 38.93 -5.92
CA MET C 153 -8.31 39.78 -5.20
C MET C 153 -7.76 40.27 -3.87
N ARG C 154 -6.97 39.45 -3.19
CA ARG C 154 -6.43 39.83 -1.90
C ARG C 154 -5.19 40.70 -1.96
N THR C 155 -4.48 40.67 -3.09
CA THR C 155 -3.26 41.45 -3.22
C THR C 155 -3.32 42.47 -4.35
N GLY C 156 -4.31 42.35 -5.22
CA GLY C 156 -4.39 43.28 -6.34
C GLY C 156 -3.27 42.99 -7.32
N LEU C 157 -2.54 41.91 -7.10
CA LEU C 157 -1.45 41.55 -8.00
C LEU C 157 -1.71 40.20 -8.66
N PRO C 158 -1.21 40.00 -9.89
CA PRO C 158 -1.42 38.73 -10.58
C PRO C 158 -0.72 37.61 -9.81
N TYR C 159 -1.25 36.38 -9.95
CA TYR C 159 -0.65 35.22 -9.32
C TYR C 159 0.43 34.83 -10.32
N VAL C 160 1.67 34.80 -9.85
CA VAL C 160 2.82 34.48 -10.71
C VAL C 160 3.39 33.06 -10.57
N THR C 161 3.79 32.50 -11.71
CA THR C 161 4.39 31.18 -11.77
C THR C 161 5.66 31.26 -12.61
N LEU C 162 6.76 30.72 -12.08
CA LEU C 162 8.02 30.71 -12.81
C LEU C 162 8.28 29.29 -13.25
N LYS C 163 8.39 29.07 -14.54
CA LYS C 163 8.64 27.76 -15.07
C LYS C 163 9.94 27.79 -15.82
N ALA C 164 10.72 26.72 -15.69
CA ALA C 164 11.99 26.62 -16.38
C ALA C 164 12.31 25.16 -16.72
N ALA C 165 13.04 24.97 -17.82
CA ALA C 165 13.43 23.64 -18.24
C ALA C 165 14.96 23.64 -18.33
N ALA C 166 15.60 22.77 -17.56
CA ALA C 166 17.05 22.73 -17.56
C ALA C 166 17.64 21.35 -17.53
N SER C 167 18.96 21.29 -17.58
CA SER C 167 19.67 20.02 -17.49
C SER C 167 19.73 19.72 -16.00
N LEU C 168 20.19 18.53 -15.65
CA LEU C 168 20.28 18.16 -14.25
C LEU C 168 21.32 19.02 -13.53
N ASP C 169 22.21 19.67 -14.29
CA ASP C 169 23.22 20.52 -13.67
C ASP C 169 22.84 22.01 -13.73
N GLY C 170 21.57 22.26 -14.00
CA GLY C 170 21.07 23.63 -14.02
C GLY C 170 21.35 24.53 -15.20
N LYS C 171 21.69 23.95 -16.36
CA LYS C 171 21.97 24.75 -17.53
C LYS C 171 20.74 24.76 -18.42
N ILE C 172 20.38 25.92 -18.97
CA ILE C 172 19.22 26.01 -19.84
C ILE C 172 19.64 26.07 -21.30
N ALA C 173 20.90 25.76 -21.58
CA ALA C 173 21.45 25.76 -22.93
C ALA C 173 22.94 25.45 -22.83
N THR C 174 23.59 25.18 -23.96
CA THR C 174 25.02 24.89 -23.94
C THR C 174 25.73 26.23 -24.01
N SER C 175 27.06 26.21 -23.84
CA SER C 175 27.85 27.44 -23.88
C SER C 175 27.81 28.05 -25.28
N THR C 176 27.16 27.36 -26.20
CA THR C 176 27.01 27.81 -27.57
C THR C 176 25.63 28.45 -27.74
N GLY C 177 24.81 28.31 -26.72
CA GLY C 177 23.47 28.86 -26.75
C GLY C 177 22.48 27.84 -27.26
N ASP C 178 23.02 26.75 -27.80
CA ASP C 178 22.18 25.69 -28.35
C ASP C 178 21.24 25.14 -27.29
N SER C 179 19.96 25.11 -27.63
CA SER C 179 18.97 24.62 -26.69
C SER C 179 17.99 23.63 -27.32
N LYS C 180 18.31 23.18 -28.52
CA LYS C 180 17.52 22.23 -29.31
C LYS C 180 16.95 21.05 -28.53
N TRP C 181 16.12 21.34 -27.53
CA TRP C 181 15.46 20.35 -26.68
C TRP C 181 16.25 19.65 -25.59
N ILE C 182 16.08 20.17 -24.39
CA ILE C 182 16.71 19.62 -23.21
C ILE C 182 15.71 18.59 -22.67
N THR C 183 14.47 19.01 -22.42
CA THR C 183 13.46 18.08 -21.92
C THR C 183 12.65 17.44 -23.04
N SER C 184 12.05 16.29 -22.75
CA SER C 184 11.25 15.54 -23.72
C SER C 184 9.96 16.22 -24.14
N GLU C 185 9.44 15.82 -25.30
CA GLU C 185 8.20 16.39 -25.82
C GLU C 185 7.08 16.19 -24.78
N ALA C 186 7.08 15.04 -24.13
CA ALA C 186 6.06 14.77 -23.12
C ALA C 186 6.04 15.88 -22.08
N ALA C 187 7.21 16.30 -21.61
CA ALA C 187 7.32 17.35 -20.61
C ALA C 187 7.06 18.72 -21.21
N ARG C 188 7.26 18.85 -22.52
CA ARG C 188 6.99 20.12 -23.17
C ARG C 188 5.46 20.31 -23.27
N GLN C 189 4.74 19.20 -23.46
CA GLN C 189 3.29 19.23 -23.56
C GLN C 189 2.68 19.43 -22.19
N ASP C 190 3.37 18.94 -21.17
CA ASP C 190 2.91 19.10 -19.81
C ASP C 190 2.95 20.60 -19.52
N ALA C 191 3.96 21.26 -20.11
CA ALA C 191 4.18 22.69 -19.96
C ALA C 191 3.06 23.53 -20.58
N GLN C 192 2.45 23.01 -21.64
CA GLN C 192 1.36 23.70 -22.33
C GLN C 192 0.14 23.91 -21.44
N GLN C 193 -0.14 22.96 -20.56
CA GLN C 193 -1.29 23.06 -19.68
C GLN C 193 -1.36 24.43 -18.97
N TYR C 194 -0.20 25.01 -18.69
CA TYR C 194 -0.12 26.29 -18.01
C TYR C 194 -0.47 27.48 -18.90
N ARG C 195 -0.24 27.35 -20.20
CA ARG C 195 -0.57 28.43 -21.15
C ARG C 195 -2.07 28.44 -21.33
N LYS C 196 -2.74 27.58 -20.57
CA LYS C 196 -4.19 27.44 -20.62
C LYS C 196 -4.80 27.92 -19.32
N THR C 197 -4.07 27.77 -18.21
CA THR C 197 -4.60 28.20 -16.92
C THR C 197 -4.16 29.60 -16.45
N HIS C 198 -3.22 30.20 -17.17
CA HIS C 198 -2.74 31.55 -16.83
C HIS C 198 -3.22 32.51 -17.92
N GLN C 199 -3.65 33.71 -17.52
CA GLN C 199 -4.15 34.69 -18.47
C GLN C 199 -3.07 35.33 -19.33
N SER C 200 -1.82 35.19 -18.91
CA SER C 200 -0.74 35.77 -19.68
C SER C 200 0.54 34.97 -19.55
N ILE C 201 1.36 35.06 -20.58
CA ILE C 201 2.63 34.37 -20.63
C ILE C 201 3.65 35.48 -20.87
N LEU C 202 4.73 35.48 -20.07
CA LEU C 202 5.73 36.55 -20.18
C LEU C 202 7.17 36.08 -20.44
N VAL C 203 7.90 36.90 -21.19
CA VAL C 203 9.31 36.62 -21.50
C VAL C 203 10.05 37.92 -21.75
N GLY C 204 11.39 37.86 -21.75
CA GLY C 204 12.20 39.04 -22.01
C GLY C 204 12.47 39.11 -23.50
N VAL C 205 12.85 40.27 -24.01
CA VAL C 205 13.12 40.40 -25.44
C VAL C 205 14.24 39.49 -25.87
N GLY C 206 15.14 39.20 -24.93
CA GLY C 206 16.26 38.31 -25.23
C GLY C 206 15.67 37.01 -25.72
N THR C 207 14.63 36.54 -25.03
CA THR C 207 13.97 35.29 -25.39
C THR C 207 13.28 35.40 -26.74
N VAL C 208 13.07 36.60 -27.23
CA VAL C 208 12.41 36.77 -28.52
C VAL C 208 13.43 36.81 -29.65
N LYS C 209 14.36 37.76 -29.60
CA LYS C 209 15.38 37.87 -30.63
C LYS C 209 16.42 36.78 -30.48
N ALA C 210 15.96 35.55 -30.30
CA ALA C 210 16.85 34.40 -30.14
C ALA C 210 16.00 33.13 -30.09
N ASP C 211 14.76 33.25 -30.52
CA ASP C 211 13.85 32.10 -30.53
C ASP C 211 12.59 32.46 -31.29
N ASN C 212 12.29 33.75 -31.36
CA ASN C 212 11.12 34.23 -32.08
C ASN C 212 9.91 33.32 -31.86
N PRO C 213 9.62 32.98 -30.59
CA PRO C 213 8.49 32.10 -30.29
C PRO C 213 7.16 32.81 -30.56
N SER C 214 6.07 32.06 -30.48
CA SER C 214 4.75 32.63 -30.71
C SER C 214 4.04 32.76 -29.37
N LEU C 215 4.56 32.06 -28.37
CA LEU C 215 3.99 32.10 -27.04
C LEU C 215 2.49 31.78 -27.06
N THR C 216 2.05 31.14 -28.14
CA THR C 216 0.65 30.78 -28.29
C THR C 216 0.39 29.44 -27.63
N CYS C 217 -0.87 29.17 -27.33
CA CYS C 217 -1.24 27.90 -26.71
C CYS C 217 -1.59 26.92 -27.81
N ARG C 218 -1.37 25.64 -27.57
CA ARG C 218 -1.65 24.61 -28.57
C ARG C 218 -2.31 23.37 -28.00
N LEU C 219 -3.32 23.56 -27.16
CA LEU C 219 -4.05 22.43 -26.57
C LEU C 219 -5.51 22.47 -26.99
N PRO C 220 -6.12 21.31 -27.21
CA PRO C 220 -7.53 21.17 -27.61
C PRO C 220 -8.43 22.17 -26.89
N ASN C 221 -9.46 22.67 -27.59
CA ASN C 221 -10.36 23.71 -27.06
C ASN C 221 -9.69 25.04 -26.66
N VAL C 222 -8.87 25.59 -27.56
CA VAL C 222 -7.96 26.65 -27.18
C VAL C 222 -8.73 27.84 -26.62
N THR C 223 -9.88 28.12 -27.21
CA THR C 223 -10.69 29.25 -26.78
C THR C 223 -9.86 30.53 -26.90
N LYS C 224 -9.83 31.32 -25.83
CA LYS C 224 -9.00 32.51 -25.78
C LYS C 224 -7.51 32.15 -25.69
N GLN C 225 -6.67 32.95 -26.34
CA GLN C 225 -5.22 32.78 -26.25
C GLN C 225 -4.63 33.83 -25.30
N PRO C 226 -3.83 33.38 -24.34
CA PRO C 226 -3.29 34.23 -23.29
C PRO C 226 -2.57 35.47 -23.82
N VAL C 227 -2.48 36.49 -22.98
CA VAL C 227 -1.82 37.75 -23.33
C VAL C 227 -0.31 37.54 -23.35
N ARG C 228 0.35 37.94 -24.43
CA ARG C 228 1.78 37.79 -24.51
C ARG C 228 2.49 39.08 -24.07
N VAL C 229 3.17 39.01 -22.93
CA VAL C 229 3.87 40.15 -22.38
C VAL C 229 5.38 40.06 -22.55
N ILE C 230 5.98 41.10 -23.15
CA ILE C 230 7.43 41.12 -23.34
C ILE C 230 8.08 42.26 -22.58
N LEU C 231 9.24 41.98 -21.97
CA LEU C 231 9.99 42.96 -21.23
C LEU C 231 11.13 43.41 -22.15
N ASP C 232 11.03 44.65 -22.63
CA ASP C 232 12.03 45.21 -23.54
C ASP C 232 12.53 46.56 -23.06
N THR C 233 13.64 46.56 -22.35
CA THR C 233 14.20 47.78 -21.80
C THR C 233 14.40 48.92 -22.80
N VAL C 234 14.82 48.62 -24.02
CA VAL C 234 15.06 49.68 -24.98
C VAL C 234 14.20 49.53 -26.25
N LEU C 235 13.27 48.59 -26.21
CA LEU C 235 12.39 48.32 -27.35
C LEU C 235 13.21 47.91 -28.58
N SER C 236 14.10 46.94 -28.39
CA SER C 236 14.95 46.43 -29.45
C SER C 236 14.35 45.17 -30.05
N ILE C 237 13.11 44.89 -29.70
CA ILE C 237 12.43 43.71 -30.20
C ILE C 237 12.34 43.78 -31.71
N PRO C 238 12.71 42.68 -32.40
CA PRO C 238 12.68 42.57 -33.86
C PRO C 238 11.34 42.98 -34.47
N GLU C 239 11.39 43.89 -35.42
CA GLU C 239 10.22 44.40 -36.13
C GLU C 239 9.32 43.28 -36.63
N ASP C 240 9.94 42.17 -37.02
CA ASP C 240 9.18 41.01 -37.50
C ASP C 240 9.41 39.85 -36.55
N ALA C 241 8.38 39.54 -35.77
CA ALA C 241 8.44 38.45 -34.80
C ALA C 241 7.04 37.87 -34.67
N LYS C 242 6.97 36.54 -34.58
CA LYS C 242 5.70 35.86 -34.47
C LYS C 242 4.75 36.54 -33.48
N VAL C 243 5.31 37.23 -32.49
CA VAL C 243 4.50 37.91 -31.50
C VAL C 243 4.04 39.28 -32.01
N ILE C 244 4.92 39.92 -32.76
CA ILE C 244 4.64 41.24 -33.34
C ILE C 244 3.56 41.13 -34.43
N CYS C 245 3.67 40.10 -35.26
CA CYS C 245 2.85 40.01 -36.46
C CYS C 245 1.93 38.79 -36.57
N ASP C 246 1.98 37.88 -35.59
CA ASP C 246 1.19 36.65 -35.65
C ASP C 246 -0.31 36.90 -35.64
N GLN C 247 -0.76 37.81 -34.79
CA GLN C 247 -2.15 38.21 -34.79
C GLN C 247 -2.99 37.11 -34.16
N ILE C 248 -2.31 36.08 -33.67
CA ILE C 248 -2.93 35.01 -32.90
C ILE C 248 -3.48 35.45 -31.54
N ALA C 249 -2.72 36.30 -30.85
CA ALA C 249 -3.01 36.68 -29.48
C ALA C 249 -2.52 38.10 -29.23
N PRO C 250 -3.05 38.76 -28.20
CA PRO C 250 -2.62 40.14 -27.90
C PRO C 250 -1.15 40.14 -27.46
N THR C 251 -0.46 41.23 -27.70
CA THR C 251 0.94 41.34 -27.30
C THR C 251 1.24 42.68 -26.66
N TRP C 252 1.54 42.63 -25.35
CA TRP C 252 1.86 43.82 -24.58
C TRP C 252 3.36 43.88 -24.34
N ILE C 253 3.95 45.05 -24.55
CA ILE C 253 5.37 45.22 -24.33
C ILE C 253 5.59 46.33 -23.29
N PHE C 254 6.50 46.10 -22.34
CA PHE C 254 6.82 47.12 -21.35
C PHE C 254 8.19 47.66 -21.69
N THR C 255 8.32 48.98 -21.77
CA THR C 255 9.62 49.59 -22.10
C THR C 255 9.89 50.76 -21.17
N THR C 256 10.93 51.52 -21.48
CA THR C 256 11.33 52.67 -20.69
C THR C 256 11.39 53.93 -21.55
N ALA C 257 11.96 54.99 -20.99
CA ALA C 257 12.08 56.25 -21.69
C ALA C 257 12.94 56.12 -22.96
N ARG C 258 14.01 55.34 -22.87
CA ARG C 258 14.91 55.16 -24.00
C ARG C 258 14.27 54.47 -25.20
N ALA C 259 12.95 54.31 -25.18
CA ALA C 259 12.26 53.66 -26.28
C ALA C 259 12.09 54.62 -27.45
N ASP C 260 12.58 54.23 -28.62
CA ASP C 260 12.46 55.06 -29.81
C ASP C 260 10.99 55.38 -30.06
N GLU C 261 10.65 56.66 -30.11
CA GLU C 261 9.27 57.10 -30.33
C GLU C 261 8.70 56.63 -31.67
N GLU C 262 9.54 56.68 -32.71
CA GLU C 262 9.13 56.26 -34.06
C GLU C 262 8.68 54.80 -34.03
N LYS C 263 9.59 53.94 -33.62
CA LYS C 263 9.34 52.51 -33.55
C LYS C 263 8.15 52.22 -32.66
N LYS C 264 8.03 52.97 -31.57
CA LYS C 264 6.93 52.78 -30.63
C LYS C 264 5.61 52.92 -31.38
N LYS C 265 5.51 53.94 -32.22
CA LYS C 265 4.30 54.20 -33.00
C LYS C 265 4.02 53.10 -34.02
N ARG C 266 5.06 52.66 -34.73
CA ARG C 266 4.87 51.61 -35.72
C ARG C 266 4.12 50.44 -35.10
N LEU C 267 4.75 49.80 -34.12
CA LEU C 267 4.17 48.64 -33.43
C LEU C 267 2.75 48.86 -32.91
N SER C 268 2.45 50.08 -32.46
CA SER C 268 1.13 50.40 -31.94
C SER C 268 0.06 50.27 -33.03
N ALA C 269 0.50 50.41 -34.28
CA ALA C 269 -0.40 50.32 -35.42
C ALA C 269 -0.57 48.87 -35.83
N PHE C 270 0.19 47.99 -35.20
CA PHE C 270 0.15 46.56 -35.50
C PHE C 270 -0.71 45.81 -34.47
N GLY C 271 -1.20 46.54 -33.48
CA GLY C 271 -2.03 45.93 -32.45
C GLY C 271 -1.34 45.80 -31.10
N VAL C 272 -0.03 46.02 -31.10
CA VAL C 272 0.76 45.93 -29.88
C VAL C 272 0.49 47.10 -28.93
N ASN C 273 0.09 46.77 -27.70
CA ASN C 273 -0.18 47.79 -26.69
C ASN C 273 1.14 48.00 -25.94
N ILE C 274 1.62 49.23 -25.89
CA ILE C 274 2.89 49.56 -25.23
C ILE C 274 2.76 50.34 -23.93
N PHE C 275 3.48 49.88 -22.90
CA PHE C 275 3.49 50.52 -21.60
C PHE C 275 4.89 51.03 -21.33
N THR C 276 5.04 52.35 -21.24
CA THR C 276 6.35 52.91 -20.99
C THR C 276 6.53 53.25 -19.52
N LEU C 277 7.60 52.73 -18.94
CA LEU C 277 7.92 52.95 -17.53
C LEU C 277 8.94 54.08 -17.36
N GLU C 278 8.69 54.97 -16.39
CA GLU C 278 9.55 56.11 -16.12
C GLU C 278 10.77 55.85 -15.25
N THR C 279 11.24 54.61 -15.26
CA THR C 279 12.40 54.23 -14.50
C THR C 279 13.51 53.90 -15.50
N GLU C 280 14.75 53.81 -15.03
CA GLU C 280 15.86 53.49 -15.92
C GLU C 280 15.86 52.00 -16.28
N ARG C 281 15.38 51.19 -15.36
CA ARG C 281 15.27 49.75 -15.56
C ARG C 281 13.85 49.31 -15.27
N ILE C 282 13.40 48.24 -15.94
CA ILE C 282 12.05 47.75 -15.74
C ILE C 282 11.92 47.04 -14.38
N GLN C 283 10.94 47.47 -13.59
CA GLN C 283 10.75 46.87 -12.28
C GLN C 283 9.50 45.99 -12.25
N ILE C 284 9.73 44.74 -11.90
CA ILE C 284 8.69 43.72 -11.83
C ILE C 284 7.46 44.19 -11.06
N PRO C 285 7.67 44.78 -9.88
CA PRO C 285 6.51 45.24 -9.11
C PRO C 285 5.64 46.22 -9.91
N ASP C 286 6.28 47.01 -10.77
CA ASP C 286 5.55 47.96 -11.59
C ASP C 286 4.79 47.29 -12.71
N VAL C 287 5.42 46.33 -13.40
CA VAL C 287 4.70 45.66 -14.46
C VAL C 287 3.62 44.76 -13.88
N LEU C 288 3.82 44.20 -12.69
CA LEU C 288 2.79 43.37 -12.11
C LEU C 288 1.61 44.21 -11.67
N LYS C 289 1.86 45.47 -11.35
CA LYS C 289 0.82 46.40 -10.94
C LYS C 289 -0.01 46.76 -12.17
N ILE C 290 0.68 47.14 -13.24
CA ILE C 290 0.00 47.49 -14.48
C ILE C 290 -0.89 46.33 -14.94
N LEU C 291 -0.29 45.15 -15.07
CA LEU C 291 -1.01 43.96 -15.51
C LEU C 291 -2.28 43.69 -14.71
N ALA C 292 -2.24 43.89 -13.39
CA ALA C 292 -3.42 43.65 -12.58
C ALA C 292 -4.48 44.68 -12.96
N GLU C 293 -4.05 45.92 -13.07
CA GLU C 293 -4.96 47.00 -13.44
C GLU C 293 -5.69 46.65 -14.73
N GLU C 294 -4.99 46.04 -15.67
CA GLU C 294 -5.59 45.65 -16.95
C GLU C 294 -6.41 44.36 -16.91
N GLY C 295 -6.66 43.83 -15.72
CA GLY C 295 -7.45 42.61 -15.62
C GLY C 295 -6.71 41.29 -15.53
N ILE C 296 -5.44 41.27 -15.94
CA ILE C 296 -4.64 40.05 -15.91
C ILE C 296 -4.50 39.54 -14.47
N MET C 297 -5.08 38.38 -14.19
CA MET C 297 -5.03 37.82 -12.84
C MET C 297 -3.87 36.87 -12.64
N SER C 298 -3.31 36.37 -13.72
CA SER C 298 -2.22 35.42 -13.61
C SER C 298 -1.23 35.59 -14.73
N VAL C 299 0.01 35.24 -14.45
CA VAL C 299 1.07 35.36 -15.45
C VAL C 299 2.03 34.18 -15.34
N TYR C 300 2.27 33.53 -16.49
CA TYR C 300 3.14 32.37 -16.62
C TYR C 300 4.48 32.91 -17.11
N VAL C 301 5.48 32.91 -16.23
CA VAL C 301 6.79 33.44 -16.57
C VAL C 301 7.82 32.39 -16.94
N GLU C 302 8.19 32.34 -18.20
CA GLU C 302 9.20 31.39 -18.62
C GLU C 302 10.35 32.20 -19.21
N GLY C 303 10.17 33.51 -19.20
CA GLY C 303 11.15 34.47 -19.72
C GLY C 303 12.56 33.98 -19.92
N GLY C 304 13.51 34.64 -19.24
CA GLY C 304 14.89 34.23 -19.35
C GLY C 304 15.44 34.09 -17.94
N SER C 305 16.72 33.75 -17.82
CA SER C 305 17.31 33.62 -16.50
C SER C 305 17.36 35.02 -15.84
N ALA C 306 17.66 36.05 -16.62
CA ALA C 306 17.68 37.42 -16.08
C ALA C 306 16.32 37.79 -15.55
N VAL C 307 15.28 37.50 -16.33
CA VAL C 307 13.92 37.81 -15.92
C VAL C 307 13.55 37.03 -14.66
N HIS C 308 13.89 35.75 -14.61
CA HIS C 308 13.58 34.94 -13.44
C HIS C 308 14.32 35.46 -12.22
N GLY C 309 15.57 35.88 -12.43
CA GLY C 309 16.37 36.43 -11.34
C GLY C 309 15.67 37.64 -10.75
N SER C 310 15.11 38.49 -11.61
CA SER C 310 14.41 39.68 -11.17
C SER C 310 13.20 39.26 -10.37
N PHE C 311 12.43 38.31 -10.87
CA PHE C 311 11.26 37.87 -10.13
C PHE C 311 11.64 37.23 -8.81
N VAL C 312 12.71 36.44 -8.78
CA VAL C 312 13.11 35.81 -7.54
C VAL C 312 13.64 36.83 -6.54
N LYS C 313 14.52 37.70 -7.02
CA LYS C 313 15.13 38.74 -6.21
C LYS C 313 14.07 39.63 -5.55
N GLU C 314 13.06 40.01 -6.32
CA GLU C 314 11.99 40.86 -5.80
C GLU C 314 11.08 40.06 -4.90
N GLY C 315 10.96 38.78 -5.14
CA GLY C 315 10.08 37.96 -4.34
C GLY C 315 8.68 38.10 -4.92
N CYS C 316 8.61 38.22 -6.23
CA CYS C 316 7.36 38.38 -6.96
C CYS C 316 6.80 37.10 -7.58
N PHE C 317 6.83 35.97 -6.86
CA PHE C 317 6.29 34.75 -7.45
C PHE C 317 5.61 33.89 -6.40
N GLN C 318 4.55 33.22 -6.82
CA GLN C 318 3.81 32.37 -5.91
C GLN C 318 4.17 30.91 -6.13
N GLU C 319 4.68 30.60 -7.30
CA GLU C 319 4.99 29.23 -7.64
C GLU C 319 6.16 29.11 -8.61
N ILE C 320 6.98 28.09 -8.41
CA ILE C 320 8.12 27.86 -9.29
C ILE C 320 8.11 26.40 -9.77
N ILE C 321 8.20 26.24 -11.08
CA ILE C 321 8.18 24.92 -11.68
C ILE C 321 9.37 24.67 -12.56
N PHE C 322 10.18 23.69 -12.14
CA PHE C 322 11.38 23.33 -12.89
C PHE C 322 11.31 21.94 -13.49
N TYR C 323 11.64 21.86 -14.77
CA TYR C 323 11.68 20.58 -15.48
C TYR C 323 13.14 20.23 -15.71
N PHE C 324 13.58 19.15 -15.09
CA PHE C 324 14.96 18.69 -15.22
C PHE C 324 15.08 17.46 -16.11
N ALA C 325 15.96 17.52 -17.10
CA ALA C 325 16.19 16.42 -18.00
C ALA C 325 17.36 15.57 -17.50
N PRO C 326 17.32 14.26 -17.76
CA PRO C 326 18.40 13.36 -17.33
C PRO C 326 19.61 13.65 -18.20
N LYS C 327 20.13 14.87 -18.13
CA LYS C 327 21.28 15.25 -18.94
C LYS C 327 22.22 16.19 -18.18
N LEU C 328 23.48 16.19 -18.59
CA LEU C 328 24.49 17.07 -18.01
C LEU C 328 25.05 17.84 -19.18
N ILE C 329 24.89 19.15 -19.16
CA ILE C 329 25.37 19.99 -20.24
C ILE C 329 26.79 20.45 -19.92
N GLY C 330 26.99 20.93 -18.70
CA GLY C 330 28.30 21.40 -18.30
C GLY C 330 28.64 22.68 -19.02
N GLY C 331 29.84 23.21 -18.76
CA GLY C 331 30.25 24.45 -19.39
C GLY C 331 30.16 25.57 -18.38
N THR C 332 31.32 26.11 -17.99
CA THR C 332 31.32 27.19 -17.02
C THR C 332 30.64 28.45 -17.53
N HIS C 333 30.51 28.57 -18.85
CA HIS C 333 29.85 29.72 -19.45
C HIS C 333 28.49 29.38 -20.01
N ALA C 334 28.03 28.15 -19.81
CA ALA C 334 26.71 27.76 -20.29
C ALA C 334 25.78 28.54 -19.37
N PRO C 335 24.67 29.04 -19.91
CA PRO C 335 23.71 29.81 -19.10
C PRO C 335 22.98 28.99 -18.06
N SER C 336 22.80 29.57 -16.89
CA SER C 336 22.13 28.92 -15.79
C SER C 336 20.65 29.31 -15.66
N LEU C 337 19.95 28.63 -14.77
CA LEU C 337 18.53 28.85 -14.53
C LEU C 337 18.17 30.27 -14.09
N ILE C 338 18.76 30.72 -12.99
CA ILE C 338 18.48 32.06 -12.46
C ILE C 338 19.74 32.91 -12.46
N SER C 339 19.80 33.93 -13.31
CA SER C 339 20.97 34.81 -13.29
C SER C 339 20.63 36.11 -12.57
N GLY C 340 21.34 37.19 -12.87
CA GLY C 340 21.06 38.46 -12.22
C GLY C 340 21.90 38.72 -10.97
N GLU C 341 21.36 39.49 -10.03
CA GLU C 341 22.11 39.82 -8.81
C GLU C 341 22.19 38.68 -7.81
N GLY C 342 21.06 38.04 -7.53
CA GLY C 342 21.06 36.93 -6.60
C GLY C 342 21.45 37.24 -5.16
N PHE C 343 21.27 36.28 -4.27
CA PHE C 343 21.59 36.44 -2.86
C PHE C 343 23.08 36.20 -2.52
N GLN C 344 23.66 37.10 -1.74
CA GLN C 344 25.08 37.03 -1.35
C GLN C 344 25.39 36.00 -0.27
N SER C 345 24.56 35.90 0.75
CA SER C 345 24.78 34.94 1.84
C SER C 345 23.69 33.89 1.96
N MET C 346 24.05 32.69 2.41
CA MET C 346 23.06 31.63 2.56
C MET C 346 22.01 32.04 3.59
N LYS C 347 22.39 32.91 4.51
CA LYS C 347 21.46 33.37 5.53
C LYS C 347 20.42 34.29 4.91
N ASP C 348 20.76 34.91 3.77
CA ASP C 348 19.85 35.80 3.08
C ASP C 348 18.87 35.01 2.22
N VAL C 349 19.31 33.85 1.76
CA VAL C 349 18.50 33.00 0.90
C VAL C 349 17.16 32.53 1.46
N PRO C 350 16.05 32.88 0.77
CA PRO C 350 14.69 32.50 1.18
C PRO C 350 14.44 30.98 1.03
N LEU C 351 13.75 30.42 2.02
CA LEU C 351 13.44 29.01 2.01
C LEU C 351 12.11 28.78 1.32
N LEU C 352 12.10 27.88 0.34
CA LEU C 352 10.88 27.52 -0.38
C LEU C 352 10.51 26.16 0.15
N GLN C 353 9.49 25.54 -0.44
CA GLN C 353 9.05 24.24 0.03
C GLN C 353 8.62 23.43 -1.17
N PHE C 354 9.07 22.19 -1.25
CA PHE C 354 8.68 21.35 -2.37
C PHE C 354 7.21 20.98 -2.24
N THR C 355 6.48 21.23 -3.32
CA THR C 355 5.05 20.96 -3.36
C THR C 355 4.74 19.62 -4.02
N ASP C 356 5.27 19.45 -5.22
CA ASP C 356 5.03 18.24 -5.97
C ASP C 356 6.26 17.77 -6.74
N ILE C 357 6.41 16.46 -6.81
CA ILE C 357 7.50 15.80 -7.50
C ILE C 357 6.88 14.73 -8.39
N THR C 358 6.94 14.94 -9.70
CA THR C 358 6.36 13.96 -10.59
C THR C 358 7.19 13.76 -11.84
N GLN C 359 7.45 12.49 -12.16
CA GLN C 359 8.21 12.19 -13.35
C GLN C 359 7.28 12.28 -14.56
N ILE C 360 7.81 12.83 -15.64
CA ILE C 360 7.07 12.97 -16.89
C ILE C 360 8.02 12.40 -17.92
N GLY C 361 7.75 11.17 -18.35
CA GLY C 361 8.62 10.54 -19.32
C GLY C 361 9.93 10.27 -18.62
N ARG C 362 11.04 10.71 -19.20
CA ARG C 362 12.32 10.50 -18.56
C ARG C 362 12.73 11.73 -17.75
N ASP C 363 11.93 12.79 -17.80
CA ASP C 363 12.21 14.03 -17.08
C ASP C 363 11.56 14.11 -15.71
N ILE C 364 12.02 15.06 -14.90
CA ILE C 364 11.46 15.24 -13.56
C ILE C 364 10.88 16.65 -13.46
N LYS C 365 9.70 16.75 -12.88
CA LYS C 365 9.03 18.03 -12.70
C LYS C 365 8.95 18.38 -11.23
N LEU C 366 9.69 19.41 -10.85
CA LEU C 366 9.70 19.87 -9.47
C LEU C 366 8.91 21.16 -9.39
N THR C 367 8.13 21.27 -8.34
CA THR C 367 7.32 22.45 -8.15
C THR C 367 7.50 22.83 -6.69
N ALA C 368 7.74 24.11 -6.44
CA ALA C 368 7.92 24.57 -5.08
C ALA C 368 7.27 25.91 -4.87
N LYS C 369 7.10 26.27 -3.61
CA LYS C 369 6.47 27.54 -3.28
C LYS C 369 7.18 28.19 -2.10
N PRO C 370 7.13 29.53 -2.05
CA PRO C 370 7.76 30.27 -0.96
C PRO C 370 7.00 29.96 0.33
N THR C 371 7.63 30.12 1.47
CA THR C 371 6.96 29.85 2.74
C THR C 371 6.72 31.15 3.48
N GLY D 11 -8.51 7.55 -17.01
CA GLY D 11 -8.04 7.67 -18.42
C GLY D 11 -9.00 8.41 -19.34
N SER D 12 -9.71 7.64 -20.17
CA SER D 12 -10.68 8.17 -21.14
C SER D 12 -11.60 9.28 -20.61
N MET D 13 -11.79 10.33 -21.41
CA MET D 13 -12.67 11.44 -21.02
C MET D 13 -14.11 10.96 -20.95
N GLU D 14 -14.46 10.01 -21.82
CA GLU D 14 -15.80 9.45 -21.86
C GLU D 14 -16.05 8.80 -20.51
N GLU D 15 -15.06 8.04 -20.04
CA GLU D 15 -15.18 7.36 -18.76
C GLU D 15 -15.27 8.34 -17.58
N TYR D 16 -14.62 9.49 -17.70
CA TYR D 16 -14.68 10.46 -16.62
C TYR D 16 -16.11 11.01 -16.49
N TYR D 17 -16.71 11.31 -17.63
CA TYR D 17 -18.06 11.85 -17.62
C TYR D 17 -19.03 10.86 -17.04
N MET D 18 -18.89 9.58 -17.41
CA MET D 18 -19.79 8.56 -16.90
C MET D 18 -19.56 8.34 -15.41
N LYS D 19 -18.30 8.49 -14.98
CA LYS D 19 -17.95 8.34 -13.58
C LYS D 19 -18.72 9.43 -12.83
N LEU D 20 -18.56 10.67 -13.31
CA LEU D 20 -19.24 11.83 -12.73
C LEU D 20 -20.74 11.60 -12.65
N ALA D 21 -21.30 11.03 -13.71
CA ALA D 21 -22.72 10.75 -13.72
C ALA D 21 -23.05 9.74 -12.62
N LEU D 22 -22.22 8.72 -12.51
CA LEU D 22 -22.43 7.70 -11.49
C LEU D 22 -22.33 8.31 -10.09
N ASP D 23 -21.37 9.21 -9.89
CA ASP D 23 -21.22 9.80 -8.58
C ASP D 23 -22.40 10.71 -8.25
N LEU D 24 -22.99 11.33 -9.27
CA LEU D 24 -24.13 12.21 -9.06
C LEU D 24 -25.35 11.39 -8.69
N ALA D 25 -25.48 10.21 -9.29
CA ALA D 25 -26.59 9.32 -9.03
C ALA D 25 -26.71 8.94 -7.56
N LYS D 26 -25.57 8.68 -6.93
CA LYS D 26 -25.54 8.31 -5.53
C LYS D 26 -26.07 9.37 -4.58
N GLN D 27 -26.00 10.64 -4.97
CA GLN D 27 -26.49 11.69 -4.07
C GLN D 27 -27.96 11.56 -3.71
N GLY D 28 -28.66 10.63 -4.36
CA GLY D 28 -30.08 10.45 -4.07
C GLY D 28 -30.38 9.16 -3.33
N GLU D 29 -29.33 8.47 -2.92
CA GLU D 29 -29.49 7.22 -2.20
C GLU D 29 -30.39 7.38 -1.00
N GLY D 30 -31.34 6.46 -0.85
CA GLY D 30 -32.25 6.50 0.27
C GLY D 30 -33.28 7.62 0.17
N GLN D 31 -33.40 8.19 -1.02
CA GLN D 31 -34.33 9.28 -1.23
C GLN D 31 -35.28 8.97 -2.39
N THR D 32 -34.89 8.03 -3.24
CA THR D 32 -35.67 7.68 -4.41
C THR D 32 -36.64 6.50 -4.24
N GLU D 33 -36.74 5.98 -3.03
CA GLU D 33 -37.63 4.86 -2.75
C GLU D 33 -37.47 3.70 -3.76
N SER D 34 -38.57 3.32 -4.40
CA SER D 34 -38.53 2.23 -5.38
C SER D 34 -37.84 2.60 -6.68
N ASN D 35 -37.63 3.89 -6.90
CA ASN D 35 -36.98 4.33 -8.12
C ASN D 35 -35.48 4.11 -8.03
N PRO D 36 -34.85 3.75 -9.15
CA PRO D 36 -33.41 3.52 -9.17
C PRO D 36 -32.63 4.83 -9.16
N LEU D 37 -31.36 4.74 -8.77
CA LEU D 37 -30.49 5.88 -8.72
C LEU D 37 -29.99 6.11 -10.14
N VAL D 38 -30.06 7.35 -10.63
CA VAL D 38 -29.58 7.65 -11.98
C VAL D 38 -28.88 9.00 -12.09
N GLY D 39 -27.84 9.05 -12.91
CA GLY D 39 -27.12 10.29 -13.06
C GLY D 39 -26.98 10.68 -14.51
N ALA D 40 -26.73 11.96 -14.76
CA ALA D 40 -26.59 12.45 -16.12
C ALA D 40 -25.74 13.69 -16.15
N VAL D 41 -24.93 13.82 -17.19
CA VAL D 41 -24.11 15.01 -17.35
C VAL D 41 -24.13 15.34 -18.83
N VAL D 42 -24.25 16.63 -19.13
CA VAL D 42 -24.28 17.08 -20.51
C VAL D 42 -23.00 17.85 -20.79
N VAL D 43 -22.36 17.50 -21.90
CA VAL D 43 -21.14 18.16 -22.29
C VAL D 43 -21.28 18.73 -23.70
N LYS D 44 -20.91 19.99 -23.83
CA LYS D 44 -21.00 20.72 -25.10
C LYS D 44 -19.67 21.36 -25.42
N ASP D 45 -19.13 21.02 -26.58
CA ASP D 45 -17.83 21.52 -27.04
C ASP D 45 -16.77 21.34 -25.96
N GLY D 46 -16.71 20.12 -25.42
CA GLY D 46 -15.73 19.78 -24.39
C GLY D 46 -15.94 20.38 -23.00
N GLN D 47 -17.08 21.02 -22.78
CA GLN D 47 -17.38 21.63 -21.47
C GLN D 47 -18.57 20.95 -20.82
N ILE D 48 -18.60 20.95 -19.49
CA ILE D 48 -19.70 20.36 -18.76
C ILE D 48 -20.73 21.47 -18.60
N VAL D 49 -21.92 21.28 -19.15
CA VAL D 49 -22.96 22.29 -19.07
C VAL D 49 -24.21 21.85 -18.31
N GLY D 50 -24.33 20.56 -18.06
CA GLY D 50 -25.49 20.09 -17.34
C GLY D 50 -25.16 18.88 -16.52
N MET D 51 -25.73 18.83 -15.32
CA MET D 51 -25.52 17.72 -14.40
C MET D 51 -26.83 17.47 -13.66
N GLY D 52 -27.16 16.19 -13.47
CA GLY D 52 -28.39 15.89 -12.76
C GLY D 52 -28.46 14.47 -12.24
N ALA D 53 -29.31 14.28 -11.24
CA ALA D 53 -29.49 12.98 -10.63
C ALA D 53 -30.93 12.88 -10.16
N HIS D 54 -31.39 11.65 -9.95
CA HIS D 54 -32.74 11.46 -9.44
C HIS D 54 -32.63 11.62 -7.92
N LEU D 55 -33.20 12.71 -7.41
CA LEU D 55 -33.12 13.00 -5.99
C LEU D 55 -34.37 12.61 -5.19
N LYS D 56 -35.54 12.68 -5.82
CA LYS D 56 -36.78 12.36 -5.12
C LYS D 56 -37.73 11.49 -5.93
N TYR D 57 -38.27 10.46 -5.26
CA TYR D 57 -39.20 9.53 -5.88
C TYR D 57 -40.42 10.28 -6.40
N GLY D 58 -40.83 9.97 -7.63
CA GLY D 58 -41.98 10.62 -8.20
C GLY D 58 -41.70 12.01 -8.71
N GLU D 59 -40.43 12.40 -8.70
CA GLU D 59 -40.05 13.72 -9.18
C GLU D 59 -39.08 13.60 -10.34
N ALA D 60 -38.68 14.74 -10.88
CA ALA D 60 -37.79 14.78 -12.03
C ALA D 60 -36.68 13.73 -12.02
N HIS D 61 -36.42 13.19 -13.21
CA HIS D 61 -35.37 12.22 -13.43
C HIS D 61 -34.08 12.98 -13.64
N ALA D 62 -32.95 12.27 -13.67
CA ALA D 62 -31.67 12.92 -13.85
C ALA D 62 -31.62 13.79 -15.10
N GLU D 63 -32.01 13.22 -16.24
CA GLU D 63 -32.00 13.93 -17.51
C GLU D 63 -32.75 15.27 -17.50
N VAL D 64 -33.92 15.30 -16.86
CA VAL D 64 -34.70 16.53 -16.79
C VAL D 64 -33.88 17.61 -16.13
N HIS D 65 -33.21 17.27 -15.03
CA HIS D 65 -32.41 18.24 -14.31
C HIS D 65 -31.21 18.73 -15.12
N ALA D 66 -30.45 17.79 -15.66
CA ALA D 66 -29.27 18.12 -16.42
C ALA D 66 -29.58 18.91 -17.68
N ILE D 67 -30.57 18.45 -18.45
CA ILE D 67 -30.93 19.12 -19.68
C ILE D 67 -31.45 20.52 -19.39
N HIS D 68 -32.15 20.68 -18.29
CA HIS D 68 -32.65 22.01 -17.99
C HIS D 68 -31.43 22.90 -17.75
N MET D 69 -30.59 22.52 -16.80
CA MET D 69 -29.39 23.29 -16.47
C MET D 69 -28.53 23.65 -17.69
N ALA D 70 -28.43 22.73 -18.65
CA ALA D 70 -27.64 22.97 -19.84
C ALA D 70 -28.19 24.09 -20.72
N GLY D 71 -29.53 24.21 -20.79
CA GLY D 71 -30.14 25.26 -21.60
C GLY D 71 -29.94 25.12 -23.10
N ALA D 72 -29.47 26.19 -23.73
CA ALA D 72 -29.24 26.19 -25.17
C ALA D 72 -28.02 25.32 -25.49
N HIS D 73 -27.19 25.09 -24.47
CA HIS D 73 -26.00 24.29 -24.65
C HIS D 73 -26.34 22.82 -24.96
N ALA D 74 -27.57 22.41 -24.69
CA ALA D 74 -27.97 21.04 -24.95
C ALA D 74 -27.99 20.75 -26.45
N GLU D 75 -28.04 21.80 -27.25
CA GLU D 75 -28.09 21.70 -28.71
C GLU D 75 -26.76 21.24 -29.30
N GLY D 76 -26.78 20.05 -29.92
CA GLY D 76 -25.59 19.49 -30.52
C GLY D 76 -24.64 18.89 -29.51
N ALA D 77 -25.08 18.76 -28.27
CA ALA D 77 -24.23 18.23 -27.22
C ALA D 77 -24.35 16.72 -27.01
N ASP D 78 -23.49 16.20 -26.14
CA ASP D 78 -23.51 14.78 -25.80
C ASP D 78 -24.08 14.71 -24.40
N ILE D 79 -24.56 13.54 -24.02
CA ILE D 79 -25.09 13.34 -22.69
C ILE D 79 -24.77 11.93 -22.27
N TYR D 80 -24.32 11.80 -21.02
CA TYR D 80 -23.98 10.51 -20.46
C TYR D 80 -25.02 10.23 -19.39
N VAL D 81 -25.58 9.03 -19.44
CA VAL D 81 -26.59 8.61 -18.47
C VAL D 81 -26.25 7.21 -17.99
N THR D 82 -26.48 6.96 -16.70
CA THR D 82 -26.16 5.69 -16.11
C THR D 82 -27.19 4.61 -16.43
N LEU D 83 -28.43 5.00 -16.64
CA LEU D 83 -29.50 4.06 -16.95
C LEU D 83 -30.24 4.50 -18.22
N GLU D 84 -30.69 3.54 -19.03
CA GLU D 84 -31.41 3.89 -20.25
C GLU D 84 -32.52 4.89 -19.99
N PRO D 85 -32.55 6.00 -20.76
CA PRO D 85 -33.55 7.06 -20.64
C PRO D 85 -34.96 6.49 -20.83
N CYS D 86 -35.86 6.80 -19.90
CA CYS D 86 -37.23 6.30 -19.99
C CYS D 86 -37.90 6.66 -21.33
N SER D 87 -38.86 5.82 -21.73
CA SER D 87 -39.56 6.02 -22.99
C SER D 87 -41.06 5.84 -22.82
N HIS D 88 -41.48 5.66 -21.59
CA HIS D 88 -42.89 5.47 -21.29
C HIS D 88 -43.58 6.74 -20.83
N TYR D 89 -44.42 6.59 -19.81
CA TYR D 89 -45.16 7.69 -19.22
C TYR D 89 -45.54 7.34 -17.78
N GLY D 90 -44.56 7.39 -16.89
CA GLY D 90 -44.82 7.09 -15.49
C GLY D 90 -45.20 8.36 -14.76
N LYS D 91 -44.30 8.88 -13.94
CA LYS D 91 -44.54 10.11 -13.21
C LYS D 91 -43.74 11.24 -13.83
N THR D 92 -43.24 11.01 -15.05
CA THR D 92 -42.44 12.01 -15.77
C THR D 92 -42.46 11.70 -17.27
N PRO D 93 -42.70 12.72 -18.13
CA PRO D 93 -42.71 12.44 -19.58
C PRO D 93 -41.41 11.75 -20.00
N PRO D 94 -41.43 10.99 -21.10
CA PRO D 94 -40.25 10.27 -21.58
C PRO D 94 -38.97 11.09 -21.75
N CYS D 95 -37.93 10.68 -21.03
CA CYS D 95 -36.63 11.34 -21.07
C CYS D 95 -35.94 11.23 -22.43
N ALA D 96 -36.33 10.23 -23.22
CA ALA D 96 -35.75 10.06 -24.53
C ALA D 96 -36.32 11.15 -25.42
N GLU D 97 -37.60 11.45 -25.23
CA GLU D 97 -38.23 12.50 -26.01
C GLU D 97 -37.52 13.81 -25.68
N LEU D 98 -37.41 14.10 -24.38
CA LEU D 98 -36.75 15.31 -23.89
C LEU D 98 -35.37 15.46 -24.55
N ILE D 99 -34.66 14.35 -24.65
CA ILE D 99 -33.34 14.31 -25.25
C ILE D 99 -33.43 14.63 -26.74
N ILE D 100 -34.38 14.00 -27.42
CA ILE D 100 -34.56 14.22 -28.84
C ILE D 100 -34.87 15.68 -29.14
N ASN D 101 -35.81 16.25 -28.39
CA ASN D 101 -36.19 17.64 -28.62
C ASN D 101 -35.19 18.68 -28.14
N SER D 102 -34.25 18.30 -27.29
CA SER D 102 -33.26 19.25 -26.80
C SER D 102 -32.18 19.42 -27.87
N GLY D 103 -32.22 18.55 -28.88
CA GLY D 103 -31.26 18.64 -29.95
C GLY D 103 -29.96 17.89 -29.66
N ILE D 104 -29.94 17.14 -28.57
CA ILE D 104 -28.76 16.37 -28.20
C ILE D 104 -28.41 15.38 -29.32
N LYS D 105 -27.17 15.43 -29.77
CA LYS D 105 -26.69 14.60 -30.87
C LYS D 105 -26.27 13.19 -30.54
N ARG D 106 -25.70 12.99 -29.36
CA ARG D 106 -25.21 11.67 -28.98
C ARG D 106 -25.48 11.29 -27.52
N VAL D 107 -25.83 10.03 -27.30
CA VAL D 107 -26.11 9.54 -25.96
C VAL D 107 -25.21 8.36 -25.58
N PHE D 108 -24.58 8.48 -24.42
CA PHE D 108 -23.70 7.47 -23.85
C PHE D 108 -24.46 6.76 -22.73
N VAL D 109 -24.88 5.54 -23.00
CA VAL D 109 -25.64 4.77 -22.03
C VAL D 109 -24.82 3.68 -21.36
N ALA D 110 -24.78 3.73 -20.04
CA ALA D 110 -24.03 2.75 -19.27
C ALA D 110 -24.61 1.36 -19.48
N MET D 111 -25.90 1.22 -19.21
CA MET D 111 -26.61 -0.05 -19.34
C MET D 111 -28.08 0.16 -19.70
N ARG D 112 -28.72 -0.88 -20.24
CA ARG D 112 -30.13 -0.80 -20.63
C ARG D 112 -31.07 -0.91 -19.45
N ASP D 113 -32.37 -0.77 -19.72
CA ASP D 113 -33.35 -0.86 -18.66
C ASP D 113 -33.64 -2.28 -18.26
N PRO D 114 -33.75 -2.52 -16.95
CA PRO D 114 -34.03 -3.81 -16.33
C PRO D 114 -35.25 -4.52 -16.91
N ASN D 115 -36.43 -3.96 -16.68
CA ASN D 115 -37.65 -4.56 -17.17
C ASN D 115 -37.55 -5.00 -18.64
N PRO D 116 -37.87 -6.27 -18.92
CA PRO D 116 -37.81 -6.83 -20.28
C PRO D 116 -38.77 -6.24 -21.33
N LEU D 117 -39.80 -5.53 -20.86
CA LEU D 117 -40.78 -4.94 -21.78
C LEU D 117 -40.38 -3.52 -22.21
N VAL D 118 -39.77 -2.75 -21.31
CA VAL D 118 -39.35 -1.38 -21.59
C VAL D 118 -37.87 -1.28 -21.95
N ALA D 119 -37.20 -2.44 -22.01
CA ALA D 119 -35.77 -2.50 -22.33
C ALA D 119 -35.45 -2.27 -23.78
N GLY D 120 -34.67 -1.23 -24.06
CA GLY D 120 -34.30 -0.95 -25.44
C GLY D 120 -35.27 -0.03 -26.13
N ARG D 121 -36.45 0.16 -25.56
CA ARG D 121 -37.44 1.02 -26.16
C ARG D 121 -36.89 2.46 -26.18
N GLY D 122 -36.08 2.79 -25.19
CA GLY D 122 -35.49 4.12 -25.14
C GLY D 122 -34.44 4.31 -26.23
N ILE D 123 -33.51 3.36 -26.35
CA ILE D 123 -32.46 3.42 -27.36
C ILE D 123 -33.08 3.51 -28.78
N SER D 124 -34.09 2.70 -29.04
CA SER D 124 -34.77 2.69 -30.34
C SER D 124 -35.31 4.06 -30.74
N MET D 125 -36.09 4.67 -29.86
CA MET D 125 -36.66 5.99 -30.12
C MET D 125 -35.57 6.95 -30.56
N MET D 126 -34.55 7.07 -29.71
CA MET D 126 -33.44 7.96 -29.96
C MET D 126 -32.69 7.62 -31.23
N LYS D 127 -32.59 6.34 -31.55
CA LYS D 127 -31.91 5.94 -32.76
C LYS D 127 -32.77 6.39 -33.93
N GLU D 128 -34.09 6.30 -33.75
CA GLU D 128 -35.02 6.70 -34.79
C GLU D 128 -34.87 8.18 -35.13
N ALA D 129 -34.60 9.00 -34.10
CA ALA D 129 -34.43 10.44 -34.28
C ALA D 129 -33.04 10.85 -34.76
N GLY D 130 -32.19 9.88 -35.08
CA GLY D 130 -30.86 10.17 -35.57
C GLY D 130 -29.75 10.36 -34.55
N ILE D 131 -30.07 10.15 -33.28
CA ILE D 131 -29.09 10.28 -32.20
C ILE D 131 -28.16 9.07 -32.12
N GLU D 132 -26.86 9.31 -31.93
CA GLU D 132 -25.90 8.23 -31.83
C GLU D 132 -25.92 7.72 -30.39
N VAL D 133 -26.18 6.43 -30.23
CA VAL D 133 -26.25 5.82 -28.90
C VAL D 133 -25.08 4.85 -28.67
N ARG D 134 -24.26 5.15 -27.67
CA ARG D 134 -23.12 4.31 -27.32
C ARG D 134 -23.43 3.58 -26.01
N GLU D 135 -23.13 2.30 -25.94
CA GLU D 135 -23.43 1.52 -24.75
C GLU D 135 -22.23 0.82 -24.10
N GLY D 136 -22.40 0.44 -22.83
CA GLY D 136 -21.34 -0.26 -22.12
C GLY D 136 -20.32 0.48 -21.25
N ILE D 137 -20.12 1.77 -21.47
CA ILE D 137 -19.15 2.52 -20.69
C ILE D 137 -19.46 2.45 -19.19
N LEU D 138 -18.53 1.88 -18.43
CA LEU D 138 -18.67 1.71 -16.99
C LEU D 138 -19.90 0.88 -16.63
N ALA D 139 -20.28 0.01 -17.55
CA ALA D 139 -21.44 -0.83 -17.34
C ALA D 139 -21.47 -1.48 -15.96
N ASP D 140 -20.40 -2.20 -15.63
CA ASP D 140 -20.31 -2.90 -14.34
C ASP D 140 -20.62 -2.03 -13.11
N GLN D 141 -20.13 -0.79 -13.10
CA GLN D 141 -20.38 0.08 -11.95
C GLN D 141 -21.82 0.52 -11.88
N ALA D 142 -22.46 0.63 -13.05
CA ALA D 142 -23.86 1.04 -13.11
C ALA D 142 -24.68 -0.07 -12.48
N GLU D 143 -24.23 -1.30 -12.70
CA GLU D 143 -24.89 -2.49 -12.18
C GLU D 143 -24.88 -2.50 -10.67
N ARG D 144 -23.72 -2.20 -10.07
CA ARG D 144 -23.60 -2.20 -8.61
C ARG D 144 -24.44 -1.12 -7.93
N LEU D 145 -24.64 -0.01 -8.63
CA LEU D 145 -25.42 1.10 -8.08
C LEU D 145 -26.87 0.76 -7.78
N ASN D 146 -27.45 -0.11 -8.59
CA ASN D 146 -28.85 -0.53 -8.42
C ASN D 146 -28.99 -2.04 -8.46
N GLU D 147 -28.16 -2.73 -7.69
CA GLU D 147 -28.15 -4.17 -7.62
C GLU D 147 -29.53 -4.79 -7.31
N LYS D 148 -30.17 -4.33 -6.24
CA LYS D 148 -31.48 -4.86 -5.86
C LYS D 148 -32.56 -4.51 -6.87
N PHE D 149 -32.58 -3.26 -7.32
CA PHE D 149 -33.57 -2.83 -8.29
C PHE D 149 -33.44 -3.69 -9.55
N LEU D 150 -32.23 -3.77 -10.09
CA LEU D 150 -31.95 -4.55 -11.28
C LEU D 150 -32.37 -6.01 -11.15
N HIS D 151 -32.32 -6.53 -9.94
CA HIS D 151 -32.70 -7.92 -9.67
C HIS D 151 -34.21 -8.05 -9.76
N PHE D 152 -34.90 -7.16 -9.05
CA PHE D 152 -36.36 -7.14 -9.00
C PHE D 152 -36.97 -7.12 -10.40
N MET D 153 -36.61 -6.11 -11.17
CA MET D 153 -37.12 -5.99 -12.53
C MET D 153 -36.78 -7.22 -13.38
N ARG D 154 -35.51 -7.60 -13.38
CA ARG D 154 -35.02 -8.73 -14.16
C ARG D 154 -35.60 -10.10 -13.84
N THR D 155 -35.88 -10.36 -12.56
CA THR D 155 -36.39 -11.67 -12.15
C THR D 155 -37.83 -11.62 -11.71
N GLY D 156 -38.29 -10.45 -11.30
CA GLY D 156 -39.67 -10.34 -10.86
C GLY D 156 -39.83 -10.65 -9.40
N LEU D 157 -38.72 -10.90 -8.71
CA LEU D 157 -38.75 -11.20 -7.27
C LEU D 157 -37.75 -10.41 -6.44
N PRO D 158 -38.07 -10.17 -5.16
CA PRO D 158 -37.26 -9.44 -4.19
C PRO D 158 -35.81 -9.92 -4.10
N TYR D 159 -34.93 -9.02 -3.68
CA TYR D 159 -33.54 -9.38 -3.48
C TYR D 159 -33.45 -9.81 -2.03
N VAL D 160 -33.11 -11.07 -1.83
CA VAL D 160 -33.10 -11.64 -0.49
C VAL D 160 -31.71 -11.69 0.11
N THR D 161 -31.64 -11.26 1.36
CA THR D 161 -30.41 -11.22 2.11
C THR D 161 -30.67 -11.92 3.43
N LEU D 162 -29.93 -12.99 3.68
CA LEU D 162 -30.05 -13.74 4.91
C LEU D 162 -28.90 -13.31 5.83
N LYS D 163 -29.24 -12.92 7.05
CA LYS D 163 -28.25 -12.47 8.03
C LYS D 163 -28.36 -13.26 9.31
N ALA D 164 -27.22 -13.57 9.91
CA ALA D 164 -27.21 -14.34 11.14
C ALA D 164 -25.91 -14.11 11.88
N ALA D 165 -25.92 -14.40 13.17
CA ALA D 165 -24.74 -14.24 14.01
C ALA D 165 -24.64 -15.49 14.89
N ALA D 166 -23.45 -16.08 14.93
CA ALA D 166 -23.23 -17.26 15.74
C ALA D 166 -21.81 -17.35 16.27
N SER D 167 -21.58 -18.30 17.16
CA SER D 167 -20.26 -18.52 17.72
C SER D 167 -19.39 -19.08 16.62
N LEU D 168 -18.10 -19.28 16.91
CA LEU D 168 -17.18 -19.81 15.94
C LEU D 168 -17.60 -21.21 15.51
N ASP D 169 -18.26 -21.93 16.41
CA ASP D 169 -18.70 -23.27 16.11
C ASP D 169 -20.14 -23.29 15.61
N GLY D 170 -20.56 -22.14 15.06
CA GLY D 170 -21.88 -22.00 14.48
C GLY D 170 -23.11 -22.16 15.35
N LYS D 171 -23.03 -21.75 16.61
CA LYS D 171 -24.17 -21.84 17.51
C LYS D 171 -24.87 -20.50 17.64
N ILE D 172 -26.19 -20.53 17.64
CA ILE D 172 -26.98 -19.31 17.74
C ILE D 172 -27.32 -19.00 19.18
N ALA D 173 -26.99 -19.94 20.07
CA ALA D 173 -27.26 -19.80 21.49
C ALA D 173 -26.80 -21.07 22.17
N THR D 174 -26.70 -21.04 23.50
CA THR D 174 -26.28 -22.22 24.26
C THR D 174 -27.42 -23.22 24.29
N SER D 175 -27.12 -24.47 24.68
CA SER D 175 -28.15 -25.49 24.72
C SER D 175 -29.36 -25.09 25.58
N THR D 176 -29.17 -24.12 26.47
CA THR D 176 -30.28 -23.68 27.32
C THR D 176 -30.86 -22.35 26.84
N GLY D 177 -30.86 -22.15 25.52
CA GLY D 177 -31.43 -20.95 24.95
C GLY D 177 -30.76 -19.60 25.17
N ASP D 178 -29.71 -19.56 25.99
CA ASP D 178 -29.03 -18.29 26.26
C ASP D 178 -28.19 -17.83 25.07
N SER D 179 -28.31 -16.54 24.73
CA SER D 179 -27.57 -15.98 23.61
C SER D 179 -27.35 -14.49 23.85
N LYS D 180 -27.51 -14.07 25.09
CA LYS D 180 -27.36 -12.67 25.46
C LYS D 180 -26.08 -12.00 24.97
N TRP D 181 -24.99 -12.76 24.88
CA TRP D 181 -23.73 -12.16 24.45
C TRP D 181 -22.95 -12.99 23.43
N ILE D 182 -23.24 -12.84 22.15
CA ILE D 182 -22.48 -13.59 21.16
C ILE D 182 -21.51 -12.71 20.40
N THR D 183 -22.00 -11.83 19.54
CA THR D 183 -21.10 -10.95 18.81
C THR D 183 -21.00 -9.58 19.47
N SER D 184 -19.89 -8.90 19.21
CA SER D 184 -19.63 -7.58 19.76
C SER D 184 -20.71 -6.57 19.35
N GLU D 185 -20.87 -5.52 20.14
CA GLU D 185 -21.86 -4.49 19.86
C GLU D 185 -21.49 -3.79 18.56
N ALA D 186 -20.20 -3.77 18.26
CA ALA D 186 -19.72 -3.13 17.03
C ALA D 186 -20.27 -3.91 15.84
N ALA D 187 -20.40 -5.23 16.02
CA ALA D 187 -20.92 -6.09 14.98
C ALA D 187 -22.43 -5.90 14.91
N ARG D 188 -23.09 -5.88 16.06
CA ARG D 188 -24.54 -5.68 16.07
C ARG D 188 -24.82 -4.33 15.37
N GLN D 189 -23.91 -3.38 15.55
CA GLN D 189 -24.05 -2.05 14.94
C GLN D 189 -23.83 -2.09 13.44
N ASP D 190 -22.85 -2.87 12.99
CA ASP D 190 -22.58 -2.96 11.55
C ASP D 190 -23.77 -3.55 10.80
N ALA D 191 -24.56 -4.38 11.49
CA ALA D 191 -25.72 -5.00 10.87
C ALA D 191 -26.86 -4.02 10.61
N GLN D 192 -26.97 -2.97 11.43
CA GLN D 192 -28.02 -1.98 11.25
C GLN D 192 -28.04 -1.37 9.86
N GLN D 193 -26.88 -1.32 9.21
CA GLN D 193 -26.80 -0.75 7.87
C GLN D 193 -27.67 -1.51 6.86
N TYR D 194 -28.21 -2.65 7.25
CA TYR D 194 -29.04 -3.43 6.34
C TYR D 194 -30.53 -3.12 6.53
N ARG D 195 -30.88 -2.59 7.68
CA ARG D 195 -32.27 -2.23 7.92
C ARG D 195 -32.52 -0.91 7.22
N LYS D 196 -31.55 -0.50 6.40
CA LYS D 196 -31.64 0.76 5.69
C LYS D 196 -31.60 0.54 4.18
N THR D 197 -30.87 -0.47 3.74
CA THR D 197 -30.77 -0.76 2.31
C THR D 197 -31.83 -1.75 1.81
N HIS D 198 -32.66 -2.25 2.71
CA HIS D 198 -33.71 -3.21 2.35
C HIS D 198 -35.05 -2.60 2.67
N GLN D 199 -36.04 -2.84 1.81
CA GLN D 199 -37.37 -2.27 2.05
C GLN D 199 -38.14 -3.00 3.13
N SER D 200 -37.83 -4.29 3.32
CA SER D 200 -38.49 -5.10 4.34
C SER D 200 -37.52 -5.91 5.20
N ILE D 201 -37.94 -6.19 6.44
CA ILE D 201 -37.19 -6.99 7.41
C ILE D 201 -38.10 -8.16 7.77
N LEU D 202 -37.61 -9.40 7.61
CA LEU D 202 -38.43 -10.58 7.90
C LEU D 202 -37.92 -11.45 9.05
N VAL D 203 -38.82 -11.82 9.95
CA VAL D 203 -38.52 -12.63 11.12
C VAL D 203 -39.66 -13.64 11.35
N GLY D 204 -39.40 -14.68 12.13
CA GLY D 204 -40.44 -15.66 12.42
C GLY D 204 -41.03 -15.36 13.79
N VAL D 205 -42.27 -15.81 14.04
CA VAL D 205 -42.90 -15.56 15.33
C VAL D 205 -42.06 -16.08 16.46
N GLY D 206 -41.26 -17.10 16.18
CA GLY D 206 -40.40 -17.65 17.20
C GLY D 206 -39.53 -16.55 17.80
N THR D 207 -38.91 -15.77 16.93
CA THR D 207 -38.03 -14.68 17.36
C THR D 207 -38.83 -13.59 18.07
N VAL D 208 -40.03 -13.33 17.60
CA VAL D 208 -40.89 -12.32 18.18
C VAL D 208 -41.17 -12.56 19.65
N LYS D 209 -41.64 -13.74 20.00
CA LYS D 209 -41.94 -14.06 21.39
C LYS D 209 -40.71 -14.40 22.21
N ALA D 210 -39.62 -14.76 21.54
CA ALA D 210 -38.39 -15.11 22.22
C ALA D 210 -37.61 -13.87 22.65
N ASP D 211 -37.59 -12.87 21.77
CA ASP D 211 -36.86 -11.63 22.03
C ASP D 211 -37.75 -10.39 22.05
N ASN D 212 -38.81 -10.41 21.24
CA ASN D 212 -39.71 -9.26 21.16
C ASN D 212 -38.91 -8.10 20.59
N PRO D 213 -38.38 -8.27 19.37
CA PRO D 213 -37.57 -7.26 18.68
C PRO D 213 -38.37 -6.09 18.13
N SER D 214 -37.68 -4.97 17.90
CA SER D 214 -38.33 -3.78 17.36
C SER D 214 -38.26 -3.80 15.83
N LEU D 215 -37.19 -4.37 15.29
CA LEU D 215 -36.96 -4.47 13.85
C LEU D 215 -37.02 -3.11 13.18
N THR D 216 -36.48 -2.10 13.85
CA THR D 216 -36.49 -0.77 13.29
C THR D 216 -35.06 -0.25 13.12
N CYS D 217 -34.85 0.50 12.06
CA CYS D 217 -33.55 1.07 11.77
C CYS D 217 -33.25 2.16 12.80
N ARG D 218 -32.12 2.04 13.48
CA ARG D 218 -31.71 3.01 14.50
C ARG D 218 -30.59 3.94 14.02
N LEU D 219 -29.90 3.53 12.96
CA LEU D 219 -28.82 4.31 12.38
C LEU D 219 -29.39 5.72 12.12
N PRO D 220 -28.54 6.76 12.18
CA PRO D 220 -28.93 8.17 11.97
C PRO D 220 -30.03 8.47 10.93
N ASN D 221 -30.02 7.77 9.79
CA ASN D 221 -31.03 7.99 8.75
C ASN D 221 -32.38 7.40 9.15
N VAL D 222 -33.40 8.25 9.21
CA VAL D 222 -34.73 7.80 9.58
C VAL D 222 -35.80 8.32 8.64
N THR D 223 -35.74 7.90 7.37
CA THR D 223 -36.63 8.45 6.35
C THR D 223 -37.94 7.70 6.33
N LYS D 224 -37.86 6.39 6.50
CA LYS D 224 -39.04 5.52 6.53
C LYS D 224 -38.73 4.22 7.28
N GLN D 225 -39.76 3.49 7.66
CA GLN D 225 -39.57 2.27 8.41
C GLN D 225 -39.62 1.04 7.49
N PRO D 226 -38.54 0.28 7.51
CA PRO D 226 -38.45 -0.96 6.75
C PRO D 226 -39.69 -1.71 7.17
N VAL D 227 -40.46 -2.14 6.18
CA VAL D 227 -41.64 -2.98 6.43
C VAL D 227 -41.31 -4.21 7.26
N ARG D 228 -41.95 -4.34 8.42
CA ARG D 228 -41.72 -5.48 9.31
C ARG D 228 -42.60 -6.68 8.96
N VAL D 229 -42.04 -7.64 8.22
CA VAL D 229 -42.75 -8.85 7.83
C VAL D 229 -42.51 -9.97 8.86
N ILE D 230 -43.59 -10.55 9.36
CA ILE D 230 -43.50 -11.62 10.35
C ILE D 230 -44.11 -12.89 9.78
N LEU D 231 -43.43 -14.01 10.00
CA LEU D 231 -43.94 -15.28 9.51
C LEU D 231 -44.62 -16.01 10.66
N ASP D 232 -45.91 -16.27 10.48
CA ASP D 232 -46.68 -17.00 11.47
C ASP D 232 -47.52 -18.07 10.78
N THR D 233 -47.89 -19.08 11.57
CA THR D 233 -48.76 -20.18 11.15
C THR D 233 -49.74 -20.54 12.26
N VAL D 234 -50.86 -19.81 12.32
CA VAL D 234 -51.80 -19.88 13.44
C VAL D 234 -51.77 -18.68 14.41
N LEU D 235 -50.98 -17.65 14.07
CA LEU D 235 -51.05 -16.37 14.79
C LEU D 235 -50.81 -16.43 16.30
N SER D 236 -49.81 -17.21 16.69
CA SER D 236 -49.44 -17.42 18.10
C SER D 236 -48.65 -16.19 18.56
N ILE D 237 -48.52 -15.23 17.66
CA ILE D 237 -47.80 -13.99 17.91
C ILE D 237 -48.47 -13.23 19.04
N PRO D 238 -47.73 -12.93 20.12
CA PRO D 238 -48.24 -12.20 21.29
C PRO D 238 -48.60 -10.75 21.00
N GLU D 239 -49.87 -10.48 20.70
CA GLU D 239 -50.35 -9.13 20.40
C GLU D 239 -49.94 -8.19 21.52
N ASP D 240 -49.56 -8.78 22.64
CA ASP D 240 -49.15 -8.04 23.82
C ASP D 240 -47.84 -7.29 23.68
N ALA D 241 -47.15 -7.44 22.54
CA ALA D 241 -45.89 -6.74 22.37
C ALA D 241 -45.43 -6.54 20.93
N LYS D 242 -44.23 -5.97 20.80
CA LYS D 242 -43.61 -5.70 19.50
C LYS D 242 -44.53 -4.94 18.55
N VAL D 243 -44.15 -4.90 17.27
CA VAL D 243 -44.88 -4.22 16.22
C VAL D 243 -46.32 -3.87 16.58
N ILE D 244 -47.06 -4.87 17.05
CA ILE D 244 -48.44 -4.69 17.44
C ILE D 244 -48.59 -3.38 18.20
N CYS D 245 -47.98 -3.31 19.38
CA CYS D 245 -48.03 -2.11 20.20
C CYS D 245 -47.15 -1.02 19.58
N ASP D 246 -47.74 0.14 19.32
CA ASP D 246 -47.01 1.26 18.72
C ASP D 246 -46.27 0.80 17.47
N GLN D 247 -46.96 0.82 16.34
CA GLN D 247 -46.36 0.42 15.08
C GLN D 247 -45.50 1.56 14.55
N ILE D 248 -44.24 1.57 14.97
CA ILE D 248 -43.30 2.59 14.53
C ILE D 248 -43.23 2.53 13.01
N ALA D 249 -43.55 1.36 12.46
CA ALA D 249 -43.52 1.13 11.01
C ALA D 249 -44.56 0.09 10.60
N PRO D 250 -44.72 -0.12 9.28
CA PRO D 250 -45.69 -1.10 8.79
C PRO D 250 -45.34 -2.51 9.26
N THR D 251 -46.36 -3.29 9.57
CA THR D 251 -46.18 -4.66 10.01
C THR D 251 -47.06 -5.57 9.18
N TRP D 252 -46.47 -6.61 8.62
CA TRP D 252 -47.22 -7.55 7.80
C TRP D 252 -47.04 -8.96 8.34
N ILE D 253 -48.16 -9.66 8.52
CA ILE D 253 -48.11 -11.03 9.01
C ILE D 253 -48.70 -12.01 7.99
N PHE D 254 -47.93 -13.04 7.67
CA PHE D 254 -48.38 -14.07 6.74
C PHE D 254 -48.84 -15.25 7.58
N THR D 255 -50.11 -15.63 7.47
CA THR D 255 -50.62 -16.78 8.25
C THR D 255 -51.24 -17.85 7.36
N THR D 256 -51.83 -18.85 8.03
CA THR D 256 -52.47 -19.98 7.37
C THR D 256 -53.95 -20.05 7.72
N ALA D 257 -54.75 -20.56 6.79
CA ALA D 257 -56.19 -20.69 6.96
C ALA D 257 -56.62 -20.83 8.43
N ARG D 258 -56.06 -21.82 9.13
CA ARG D 258 -56.39 -22.06 10.53
C ARG D 258 -55.70 -21.05 11.42
N ALA D 259 -55.93 -19.77 11.15
CA ALA D 259 -55.31 -18.72 11.95
C ALA D 259 -56.32 -17.98 12.83
N ASP D 260 -57.26 -18.72 13.41
CA ASP D 260 -58.27 -18.12 14.26
C ASP D 260 -59.07 -17.09 13.44
N GLU D 261 -60.09 -16.50 14.05
CA GLU D 261 -60.93 -15.52 13.37
C GLU D 261 -60.91 -14.20 14.14
N GLU D 262 -61.18 -14.30 15.44
CA GLU D 262 -61.22 -13.14 16.31
C GLU D 262 -59.86 -12.43 16.37
N LYS D 263 -58.82 -13.14 15.99
CA LYS D 263 -57.46 -12.59 15.97
C LYS D 263 -57.20 -11.89 14.65
N LYS D 264 -57.37 -12.65 13.57
CA LYS D 264 -57.17 -12.15 12.21
C LYS D 264 -57.77 -10.76 12.00
N LYS D 265 -59.00 -10.59 12.47
CA LYS D 265 -59.70 -9.31 12.32
C LYS D 265 -59.48 -8.40 13.52
N ARG D 266 -58.72 -8.89 14.49
CA ARG D 266 -58.43 -8.13 15.71
C ARG D 266 -57.13 -7.32 15.55
N LEU D 267 -56.16 -7.90 14.84
CA LEU D 267 -54.89 -7.22 14.61
C LEU D 267 -55.02 -6.21 13.49
N SER D 268 -56.02 -6.39 12.64
CA SER D 268 -56.23 -5.44 11.55
C SER D 268 -56.76 -4.16 12.19
N ALA D 269 -57.14 -4.28 13.46
CA ALA D 269 -57.66 -3.16 14.23
C ALA D 269 -56.62 -2.08 14.45
N PHE D 270 -55.34 -2.45 14.43
CA PHE D 270 -54.26 -1.50 14.61
C PHE D 270 -53.83 -0.95 13.25
N GLY D 271 -53.07 -1.75 12.52
CA GLY D 271 -52.60 -1.37 11.21
C GLY D 271 -52.00 -2.59 10.56
N VAL D 272 -51.99 -3.68 11.33
CA VAL D 272 -51.44 -4.94 10.86
C VAL D 272 -52.14 -5.44 9.61
N ASN D 273 -51.39 -5.59 8.53
CA ASN D 273 -51.93 -6.08 7.28
C ASN D 273 -51.71 -7.59 7.30
N ILE D 274 -52.77 -8.34 7.60
CA ILE D 274 -52.66 -9.79 7.65
C ILE D 274 -52.89 -10.44 6.30
N PHE D 275 -51.97 -11.33 5.92
CA PHE D 275 -52.09 -12.06 4.68
C PHE D 275 -52.40 -13.49 5.13
N THR D 276 -53.11 -14.24 4.30
CA THR D 276 -53.48 -15.60 4.65
C THR D 276 -53.26 -16.55 3.49
N LEU D 277 -52.27 -17.43 3.63
CA LEU D 277 -51.97 -18.39 2.56
C LEU D 277 -52.93 -19.57 2.58
N GLU D 278 -53.14 -20.14 1.40
CA GLU D 278 -54.03 -21.28 1.24
C GLU D 278 -53.49 -22.51 1.98
N THR D 279 -52.27 -22.91 1.61
CA THR D 279 -51.60 -24.07 2.20
C THR D 279 -51.67 -24.10 3.73
N GLU D 280 -51.15 -25.18 4.31
CA GLU D 280 -51.12 -25.33 5.75
C GLU D 280 -49.68 -25.04 6.15
N ARG D 281 -48.82 -25.01 5.13
CA ARG D 281 -47.40 -24.75 5.32
C ARG D 281 -46.99 -23.49 4.57
N ILE D 282 -46.64 -22.46 5.33
CA ILE D 282 -46.20 -21.18 4.78
C ILE D 282 -45.06 -21.37 3.78
N GLN D 283 -45.36 -21.15 2.51
CA GLN D 283 -44.38 -21.32 1.44
C GLN D 283 -43.61 -20.03 1.11
N ILE D 284 -42.29 -20.11 1.26
CA ILE D 284 -41.43 -18.95 1.00
C ILE D 284 -41.66 -18.40 -0.42
N PRO D 285 -41.55 -19.23 -1.46
CA PRO D 285 -41.77 -18.74 -2.82
C PRO D 285 -43.09 -17.99 -2.99
N ASP D 286 -44.07 -18.31 -2.15
CA ASP D 286 -45.36 -17.64 -2.24
C ASP D 286 -45.28 -16.29 -1.55
N VAL D 287 -44.49 -16.21 -0.49
CA VAL D 287 -44.34 -14.98 0.25
C VAL D 287 -43.58 -13.93 -0.57
N LEU D 288 -42.46 -14.32 -1.16
CA LEU D 288 -41.68 -13.40 -1.97
C LEU D 288 -42.50 -12.89 -3.16
N LYS D 289 -43.37 -13.74 -3.69
CA LYS D 289 -44.20 -13.34 -4.82
C LYS D 289 -45.25 -12.36 -4.34
N ILE D 290 -45.75 -12.57 -3.13
CA ILE D 290 -46.75 -11.69 -2.53
C ILE D 290 -46.18 -10.29 -2.31
N LEU D 291 -44.95 -10.24 -1.82
CA LEU D 291 -44.29 -8.97 -1.56
C LEU D 291 -43.91 -8.29 -2.88
N ALA D 292 -43.51 -9.10 -3.86
CA ALA D 292 -43.15 -8.58 -5.16
C ALA D 292 -44.37 -7.87 -5.73
N GLU D 293 -45.54 -8.39 -5.38
CA GLU D 293 -46.80 -7.81 -5.81
C GLU D 293 -47.03 -6.53 -5.02
N GLU D 294 -46.62 -6.54 -3.77
CA GLU D 294 -46.78 -5.40 -2.88
C GLU D 294 -45.71 -4.33 -3.11
N GLY D 295 -44.96 -4.45 -4.20
CA GLY D 295 -43.93 -3.46 -4.49
C GLY D 295 -42.70 -3.49 -3.61
N ILE D 296 -42.52 -4.57 -2.85
CA ILE D 296 -41.35 -4.71 -1.98
C ILE D 296 -40.28 -5.29 -2.89
N MET D 297 -39.18 -4.56 -3.07
CA MET D 297 -38.09 -5.01 -3.95
C MET D 297 -36.93 -5.75 -3.29
N SER D 298 -36.84 -5.71 -1.97
CA SER D 298 -35.76 -6.39 -1.27
C SER D 298 -36.18 -6.78 0.14
N VAL D 299 -35.70 -7.93 0.61
CA VAL D 299 -36.05 -8.43 1.94
C VAL D 299 -34.82 -8.81 2.75
N TYR D 300 -34.78 -8.36 4.00
CA TYR D 300 -33.68 -8.64 4.91
C TYR D 300 -34.15 -9.65 5.96
N VAL D 301 -33.82 -10.92 5.74
CA VAL D 301 -34.20 -12.01 6.63
C VAL D 301 -33.20 -12.30 7.75
N GLU D 302 -33.64 -12.20 9.00
CA GLU D 302 -32.76 -12.51 10.13
C GLU D 302 -33.43 -13.49 11.07
N GLY D 303 -34.73 -13.67 10.89
CA GLY D 303 -35.54 -14.55 11.73
C GLY D 303 -35.19 -16.03 11.75
N GLY D 304 -35.20 -16.59 12.96
CA GLY D 304 -34.91 -18.00 13.20
C GLY D 304 -34.15 -18.89 12.23
N SER D 305 -33.48 -19.88 12.79
CA SER D 305 -32.73 -20.85 12.02
C SER D 305 -33.63 -21.62 11.06
N ALA D 306 -34.86 -21.86 11.49
CA ALA D 306 -35.82 -22.58 10.66
C ALA D 306 -36.18 -21.74 9.42
N VAL D 307 -36.48 -20.47 9.64
CA VAL D 307 -36.81 -19.56 8.55
C VAL D 307 -35.68 -19.56 7.53
N HIS D 308 -34.44 -19.37 7.99
CA HIS D 308 -33.28 -19.38 7.11
C HIS D 308 -33.21 -20.72 6.40
N GLY D 309 -33.54 -21.79 7.13
CA GLY D 309 -33.55 -23.11 6.53
C GLY D 309 -34.48 -23.17 5.33
N SER D 310 -35.70 -22.65 5.49
CA SER D 310 -36.67 -22.65 4.40
C SER D 310 -36.15 -21.85 3.20
N PHE D 311 -35.67 -20.62 3.44
CA PHE D 311 -35.14 -19.79 2.37
C PHE D 311 -34.02 -20.51 1.66
N VAL D 312 -33.17 -21.17 2.44
CA VAL D 312 -32.03 -21.89 1.88
C VAL D 312 -32.42 -23.12 1.08
N LYS D 313 -33.32 -23.94 1.61
CA LYS D 313 -33.76 -25.14 0.91
C LYS D 313 -34.45 -24.71 -0.37
N GLU D 314 -35.31 -23.71 -0.30
CA GLU D 314 -36.02 -23.20 -1.46
C GLU D 314 -35.04 -22.54 -2.43
N GLY D 315 -33.89 -22.14 -1.91
CA GLY D 315 -32.89 -21.50 -2.75
C GLY D 315 -33.30 -20.08 -3.10
N CYS D 316 -33.98 -19.43 -2.17
CA CYS D 316 -34.47 -18.08 -2.38
C CYS D 316 -33.63 -17.03 -1.65
N PHE D 317 -32.42 -16.79 -2.13
CA PHE D 317 -31.57 -15.80 -1.52
C PHE D 317 -30.42 -15.43 -2.45
N GLN D 318 -30.04 -14.16 -2.42
CA GLN D 318 -28.95 -13.66 -3.26
C GLN D 318 -27.73 -13.32 -2.41
N GLU D 319 -27.91 -13.28 -1.10
CA GLU D 319 -26.84 -12.91 -0.20
C GLU D 319 -26.92 -13.58 1.17
N ILE D 320 -25.75 -14.00 1.68
CA ILE D 320 -25.64 -14.63 2.99
C ILE D 320 -24.57 -13.83 3.73
N ILE D 321 -24.92 -13.35 4.91
CA ILE D 321 -24.03 -12.55 5.76
C ILE D 321 -24.01 -13.14 7.16
N PHE D 322 -22.90 -13.81 7.51
CA PHE D 322 -22.72 -14.42 8.82
C PHE D 322 -21.69 -13.70 9.69
N TYR D 323 -22.07 -13.35 10.91
CA TYR D 323 -21.18 -12.71 11.85
C TYR D 323 -20.70 -13.80 12.81
N PHE D 324 -19.38 -14.00 12.88
CA PHE D 324 -18.83 -15.02 13.76
C PHE D 324 -18.06 -14.40 14.92
N ALA D 325 -18.41 -14.79 16.13
CA ALA D 325 -17.75 -14.28 17.32
C ALA D 325 -16.69 -15.27 17.75
N PRO D 326 -15.55 -14.77 18.24
CA PRO D 326 -14.51 -15.68 18.68
C PRO D 326 -14.90 -16.31 20.02
N LYS D 327 -15.87 -17.23 19.96
CA LYS D 327 -16.37 -17.91 21.14
C LYS D 327 -16.83 -19.32 20.77
N LEU D 328 -16.56 -20.28 21.65
CA LEU D 328 -17.00 -21.64 21.38
C LEU D 328 -18.13 -21.97 22.36
N ILE D 329 -19.36 -22.05 21.87
CA ILE D 329 -20.48 -22.37 22.75
C ILE D 329 -20.61 -23.87 22.94
N GLY D 330 -20.46 -24.62 21.86
CA GLY D 330 -20.53 -26.07 21.94
C GLY D 330 -21.85 -26.67 22.37
N GLY D 331 -21.83 -27.99 22.55
CA GLY D 331 -23.02 -28.71 22.97
C GLY D 331 -23.95 -29.16 21.87
N THR D 332 -24.29 -30.44 21.90
CA THR D 332 -25.29 -31.01 21.02
C THR D 332 -26.63 -30.46 21.48
N HIS D 333 -27.52 -30.19 20.52
CA HIS D 333 -28.80 -29.61 20.87
C HIS D 333 -28.69 -28.13 21.09
N ALA D 334 -27.50 -27.57 20.90
CA ALA D 334 -27.36 -26.14 20.97
C ALA D 334 -27.75 -25.63 19.60
N PRO D 335 -28.71 -24.71 19.54
CA PRO D 335 -29.21 -24.29 18.24
C PRO D 335 -28.13 -23.89 17.24
N SER D 336 -28.23 -24.40 16.01
CA SER D 336 -27.26 -24.07 14.98
C SER D 336 -27.83 -22.97 14.06
N LEU D 337 -26.99 -22.46 13.17
CA LEU D 337 -27.37 -21.40 12.23
C LEU D 337 -28.59 -21.65 11.38
N ILE D 338 -28.68 -22.84 10.78
CA ILE D 338 -29.81 -23.18 9.92
C ILE D 338 -30.41 -24.52 10.30
N SER D 339 -31.71 -24.53 10.61
CA SER D 339 -32.37 -25.78 10.98
C SER D 339 -33.39 -26.18 9.92
N GLY D 340 -34.25 -27.14 10.26
CA GLY D 340 -35.25 -27.59 9.29
C GLY D 340 -34.75 -28.76 8.46
N GLU D 341 -35.31 -28.91 7.26
CA GLU D 341 -34.93 -29.99 6.36
C GLU D 341 -33.43 -30.06 6.09
N GLY D 342 -32.95 -29.27 5.13
CA GLY D 342 -31.54 -29.28 4.80
C GLY D 342 -31.25 -30.34 3.76
N PHE D 343 -30.03 -30.36 3.22
CA PHE D 343 -29.64 -31.33 2.20
C PHE D 343 -29.04 -32.61 2.77
N GLN D 344 -29.50 -33.76 2.25
CA GLN D 344 -29.01 -35.06 2.71
C GLN D 344 -27.77 -35.53 1.95
N SER D 345 -27.70 -35.17 0.68
CA SER D 345 -26.57 -35.57 -0.14
C SER D 345 -25.64 -34.38 -0.34
N MET D 346 -24.34 -34.61 -0.19
CA MET D 346 -23.38 -33.54 -0.35
C MET D 346 -23.33 -33.12 -1.81
N LYS D 347 -23.77 -34.01 -2.71
CA LYS D 347 -23.75 -33.69 -4.13
C LYS D 347 -24.96 -32.81 -4.47
N ASP D 348 -25.78 -32.54 -3.46
CA ASP D 348 -26.97 -31.71 -3.64
C ASP D 348 -26.83 -30.38 -2.94
N VAL D 349 -25.71 -30.15 -2.27
CA VAL D 349 -25.52 -28.89 -1.57
C VAL D 349 -25.00 -27.84 -2.55
N PRO D 350 -25.78 -26.77 -2.76
CA PRO D 350 -25.39 -25.71 -3.68
C PRO D 350 -24.07 -25.07 -3.28
N LEU D 351 -23.18 -24.87 -4.25
CA LEU D 351 -21.89 -24.25 -3.97
C LEU D 351 -22.00 -22.75 -4.14
N LEU D 352 -21.58 -22.00 -3.12
CA LEU D 352 -21.61 -20.54 -3.17
C LEU D 352 -20.19 -20.05 -3.33
N GLN D 353 -19.98 -18.77 -3.11
CA GLN D 353 -18.67 -18.17 -3.23
C GLN D 353 -18.56 -17.03 -2.23
N PHE D 354 -17.42 -16.97 -1.53
CA PHE D 354 -17.21 -15.89 -0.58
C PHE D 354 -16.90 -14.62 -1.37
N THR D 355 -17.55 -13.53 -0.99
CA THR D 355 -17.36 -12.26 -1.68
C THR D 355 -16.75 -11.20 -0.79
N ASP D 356 -16.66 -11.47 0.50
CA ASP D 356 -16.07 -10.49 1.40
C ASP D 356 -15.82 -10.99 2.82
N ILE D 357 -14.60 -10.80 3.29
CA ILE D 357 -14.22 -11.19 4.64
C ILE D 357 -13.89 -9.88 5.33
N THR D 358 -14.42 -9.65 6.51
CA THR D 358 -14.13 -8.39 7.16
C THR D 358 -14.18 -8.49 8.66
N GLN D 359 -13.06 -8.16 9.29
CA GLN D 359 -13.01 -8.21 10.73
C GLN D 359 -13.73 -6.99 11.24
N ILE D 360 -14.72 -7.21 12.10
CA ILE D 360 -15.51 -6.12 12.69
C ILE D 360 -15.42 -6.29 14.18
N GLY D 361 -14.72 -5.39 14.84
CA GLY D 361 -14.55 -5.51 16.26
C GLY D 361 -13.78 -6.80 16.43
N ARG D 362 -14.20 -7.63 17.39
CA ARG D 362 -13.53 -8.89 17.64
C ARG D 362 -14.07 -10.00 16.74
N ASP D 363 -15.22 -9.74 16.12
CA ASP D 363 -15.84 -10.76 15.30
C ASP D 363 -15.44 -10.71 13.81
N ILE D 364 -15.82 -11.74 13.08
CA ILE D 364 -15.53 -11.80 11.66
C ILE D 364 -16.83 -11.78 10.88
N LYS D 365 -16.83 -11.00 9.79
CA LYS D 365 -18.01 -10.89 8.95
C LYS D 365 -17.74 -11.57 7.62
N LEU D 366 -18.46 -12.68 7.40
CA LEU D 366 -18.34 -13.44 6.17
C LEU D 366 -19.60 -13.22 5.37
N THR D 367 -19.45 -13.01 4.07
CA THR D 367 -20.59 -12.81 3.18
C THR D 367 -20.35 -13.60 1.90
N ALA D 368 -21.31 -14.45 1.54
CA ALA D 368 -21.20 -15.28 0.36
C ALA D 368 -22.42 -15.13 -0.53
N LYS D 369 -22.19 -15.24 -1.83
CA LYS D 369 -23.27 -15.12 -2.79
C LYS D 369 -23.32 -16.41 -3.59
N PRO D 370 -24.50 -16.76 -4.12
CA PRO D 370 -24.62 -17.98 -4.91
C PRO D 370 -23.96 -17.81 -6.27
N THR D 371 -23.62 -18.92 -6.91
CA THR D 371 -22.97 -18.89 -8.23
C THR D 371 -23.94 -18.50 -9.35
#